data_6E6L
# 
_entry.id   6E6L 
# 
_audit_conform.dict_name       mmcif_pdbx.dic 
_audit_conform.dict_version    5.398 
_audit_conform.dict_location   http://mmcif.pdb.org/dictionaries/ascii/mmcif_pdbx.dic 
# 
loop_
_database_2.database_id 
_database_2.database_code 
_database_2.pdbx_database_accession 
_database_2.pdbx_DOI 
PDB   6E6L         pdb_00006e6l 10.2210/pdb6e6l/pdb 
WWPDB D_1000235654 ?            ?                   
# 
loop_
_pdbx_audit_revision_history.ordinal 
_pdbx_audit_revision_history.data_content_type 
_pdbx_audit_revision_history.major_revision 
_pdbx_audit_revision_history.minor_revision 
_pdbx_audit_revision_history.revision_date 
1 'Structure model' 1 0 2019-10-16 
2 'Structure model' 1 1 2019-11-13 
3 'Structure model' 1 2 2019-12-18 
4 'Structure model' 1 3 2023-10-11 
5 'Structure model' 1 4 2024-11-06 
# 
_pdbx_audit_revision_details.ordinal             1 
_pdbx_audit_revision_details.revision_ordinal    1 
_pdbx_audit_revision_details.data_content_type   'Structure model' 
_pdbx_audit_revision_details.provider            repository 
_pdbx_audit_revision_details.type                'Initial release' 
_pdbx_audit_revision_details.description         ? 
_pdbx_audit_revision_details.details             ? 
# 
loop_
_pdbx_audit_revision_group.ordinal 
_pdbx_audit_revision_group.revision_ordinal 
_pdbx_audit_revision_group.data_content_type 
_pdbx_audit_revision_group.group 
1 2 'Structure model' 'Data collection'            
2 2 'Structure model' 'Database references'        
3 3 'Structure model' 'Author supporting evidence' 
4 4 'Structure model' 'Data collection'            
5 4 'Structure model' 'Database references'        
6 4 'Structure model' 'Refinement description'     
7 5 'Structure model' 'Structure summary'          
# 
loop_
_pdbx_audit_revision_category.ordinal 
_pdbx_audit_revision_category.revision_ordinal 
_pdbx_audit_revision_category.data_content_type 
_pdbx_audit_revision_category.category 
1 2 'Structure model' citation                      
2 3 'Structure model' pdbx_audit_support            
3 4 'Structure model' chem_comp_atom                
4 4 'Structure model' chem_comp_bond                
5 4 'Structure model' database_2                    
6 4 'Structure model' pdbx_initial_refinement_model 
7 5 'Structure model' pdbx_entry_details            
8 5 'Structure model' pdbx_modification_feature     
# 
loop_
_pdbx_audit_revision_item.ordinal 
_pdbx_audit_revision_item.revision_ordinal 
_pdbx_audit_revision_item.data_content_type 
_pdbx_audit_revision_item.item 
1 2 'Structure model' '_citation.journal_volume'                 
2 2 'Structure model' '_citation.page_first'                     
3 2 'Structure model' '_citation.page_last'                      
4 2 'Structure model' '_citation.title'                          
5 3 'Structure model' '_pdbx_audit_support.funding_organization' 
6 4 'Structure model' '_database_2.pdbx_DOI'                     
7 4 'Structure model' '_database_2.pdbx_database_accession'      
# 
_pdbx_database_status.status_code                     REL 
_pdbx_database_status.status_code_sf                  REL 
_pdbx_database_status.status_code_mr                  ? 
_pdbx_database_status.entry_id                        6E6L 
_pdbx_database_status.recvd_initial_deposition_date   2018-07-25 
_pdbx_database_status.SG_entry                        N 
_pdbx_database_status.deposit_site                    RCSB 
_pdbx_database_status.process_site                    RCSB 
_pdbx_database_status.status_code_cs                  ? 
_pdbx_database_status.methods_development_category    ? 
_pdbx_database_status.pdb_format_compatible           Y 
_pdbx_database_status.status_code_nmr_data            ? 
# 
loop_
_audit_author.name 
_audit_author.pdbx_ordinal 
_audit_author.identifier_ORCID 
'Ghanbarpour, A.' 1 ? 
'Geiger, J.'      2 ? 
# 
_citation.abstract                  ? 
_citation.abstract_id_CAS           ? 
_citation.book_id_ISBN              ? 
_citation.book_publisher            ? 
_citation.book_publisher_city       ? 
_citation.book_title                ? 
_citation.coordinate_linkage        ? 
_citation.country                   US 
_citation.database_id_Medline       ? 
_citation.details                   ? 
_citation.id                        primary 
_citation.journal_abbrev            J.Am.Chem.Soc. 
_citation.journal_id_ASTM           JACSAT 
_citation.journal_id_CSD            ? 
_citation.journal_id_ISSN           1520-5126 
_citation.journal_full              ? 
_citation.journal_issue             ? 
_citation.journal_volume            141 
_citation.language                  ? 
_citation.page_first                17125 
_citation.page_last                 17132 
_citation.title                     'Engineering the hCRBPII Domain-Swapped Dimer into a New Class of Protein Switches.' 
_citation.year                      2019 
_citation.database_id_CSD           ? 
_citation.pdbx_database_id_DOI      10.1021/jacs.9b04664 
_citation.pdbx_database_id_PubMed   31557439 
_citation.unpublished_flag          ? 
# 
loop_
_citation_author.citation_id 
_citation_author.name 
_citation_author.ordinal 
_citation_author.identifier_ORCID 
primary 'Ghanbarpour, A.'       1  ? 
primary 'Pinger, C.'            2  ? 
primary 'Esmatpour Salmani, R.' 3  ? 
primary 'Assar, Z.'             4  ? 
primary 'Santos, E.M.'          5  ? 
primary 'Nosrati, M.'           6  ? 
primary 'Pawlowski, K.'         7  ? 
primary 'Spence, D.'            8  ? 
primary 'Vasileiou, C.'         9  ? 
primary 'Jin, X.'               10 ? 
primary 'Borhan, B.'            11 ? 
primary 'Geiger, J.H.'          12 ? 
# 
loop_
_entity.id 
_entity.type 
_entity.src_method 
_entity.pdbx_description 
_entity.formula_weight 
_entity.pdbx_number_of_molecules 
_entity.pdbx_ec 
_entity.pdbx_mutation 
_entity.pdbx_fragment 
_entity.details 
1 polymer     man 'Retinol-binding protein 2' 15536.456 1  ? 'Q108K, K40L, T51F, Y60A' ? ? 
2 non-polymer syn 'ACETATE ION'               59.044    1  ? ?                         ? ? 
3 non-polymer syn RETINAL                     284.436   1  ? ?                         ? ? 
4 water       nat water                       18.015    44 ? ?                         ? ? 
# 
_entity_name_com.entity_id   1 
_entity_name_com.name        'Cellular retinol-binding protein II,CRBP-II' 
# 
_entity_poly.entity_id                      1 
_entity_poly.type                           'polypeptide(L)' 
_entity_poly.nstd_linkage                   no 
_entity_poly.nstd_monomer                   no 
_entity_poly.pdbx_seq_one_letter_code       
;TRDQNGTWEMESNENFEGYMKALDIDFATRKIAVRLTQTLVIDQDGDNFKFKTTSTFRNADVDFTVGVEFDEYTKSLDNR
HVKALVTWEGDVLVCVQKGEKENRGWKKWIEGDKLYLELTCGDQVCRQVFKKK
;
_entity_poly.pdbx_seq_one_letter_code_can   
;TRDQNGTWEMESNENFEGYMKALDIDFATRKIAVRLTQTLVIDQDGDNFKFKTTSTFRNADVDFTVGVEFDEYTKSLDNR
HVKALVTWEGDVLVCVQKGEKENRGWKKWIEGDKLYLELTCGDQVCRQVFKKK
;
_entity_poly.pdbx_strand_id                 A 
_entity_poly.pdbx_target_identifier         ? 
# 
loop_
_pdbx_entity_nonpoly.entity_id 
_pdbx_entity_nonpoly.name 
_pdbx_entity_nonpoly.comp_id 
2 'ACETATE ION' ACT 
3 RETINAL       RET 
4 water         HOH 
# 
loop_
_entity_poly_seq.entity_id 
_entity_poly_seq.num 
_entity_poly_seq.mon_id 
_entity_poly_seq.hetero 
1 1   THR n 
1 2   ARG n 
1 3   ASP n 
1 4   GLN n 
1 5   ASN n 
1 6   GLY n 
1 7   THR n 
1 8   TRP n 
1 9   GLU n 
1 10  MET n 
1 11  GLU n 
1 12  SER n 
1 13  ASN n 
1 14  GLU n 
1 15  ASN n 
1 16  PHE n 
1 17  GLU n 
1 18  GLY n 
1 19  TYR n 
1 20  MET n 
1 21  LYS n 
1 22  ALA n 
1 23  LEU n 
1 24  ASP n 
1 25  ILE n 
1 26  ASP n 
1 27  PHE n 
1 28  ALA n 
1 29  THR n 
1 30  ARG n 
1 31  LYS n 
1 32  ILE n 
1 33  ALA n 
1 34  VAL n 
1 35  ARG n 
1 36  LEU n 
1 37  THR n 
1 38  GLN n 
1 39  THR n 
1 40  LEU n 
1 41  VAL n 
1 42  ILE n 
1 43  ASP n 
1 44  GLN n 
1 45  ASP n 
1 46  GLY n 
1 47  ASP n 
1 48  ASN n 
1 49  PHE n 
1 50  LYS n 
1 51  PHE n 
1 52  LYS n 
1 53  THR n 
1 54  THR n 
1 55  SER n 
1 56  THR n 
1 57  PHE n 
1 58  ARG n 
1 59  ASN n 
1 60  ALA n 
1 61  ASP n 
1 62  VAL n 
1 63  ASP n 
1 64  PHE n 
1 65  THR n 
1 66  VAL n 
1 67  GLY n 
1 68  VAL n 
1 69  GLU n 
1 70  PHE n 
1 71  ASP n 
1 72  GLU n 
1 73  TYR n 
1 74  THR n 
1 75  LYS n 
1 76  SER n 
1 77  LEU n 
1 78  ASP n 
1 79  ASN n 
1 80  ARG n 
1 81  HIS n 
1 82  VAL n 
1 83  LYS n 
1 84  ALA n 
1 85  LEU n 
1 86  VAL n 
1 87  THR n 
1 88  TRP n 
1 89  GLU n 
1 90  GLY n 
1 91  ASP n 
1 92  VAL n 
1 93  LEU n 
1 94  VAL n 
1 95  CYS n 
1 96  VAL n 
1 97  GLN n 
1 98  LYS n 
1 99  GLY n 
1 100 GLU n 
1 101 LYS n 
1 102 GLU n 
1 103 ASN n 
1 104 ARG n 
1 105 GLY n 
1 106 TRP n 
1 107 LYS n 
1 108 LYS n 
1 109 TRP n 
1 110 ILE n 
1 111 GLU n 
1 112 GLY n 
1 113 ASP n 
1 114 LYS n 
1 115 LEU n 
1 116 TYR n 
1 117 LEU n 
1 118 GLU n 
1 119 LEU n 
1 120 THR n 
1 121 CYS n 
1 122 GLY n 
1 123 ASP n 
1 124 GLN n 
1 125 VAL n 
1 126 CYS n 
1 127 ARG n 
1 128 GLN n 
1 129 VAL n 
1 130 PHE n 
1 131 LYS n 
1 132 LYS n 
1 133 LYS n 
# 
_entity_src_gen.entity_id                          1 
_entity_src_gen.pdbx_src_id                        1 
_entity_src_gen.pdbx_alt_source_flag               sample 
_entity_src_gen.pdbx_seq_type                      'Biological sequence' 
_entity_src_gen.pdbx_beg_seq_num                   1 
_entity_src_gen.pdbx_end_seq_num                   133 
_entity_src_gen.gene_src_common_name               Human 
_entity_src_gen.gene_src_genus                     ? 
_entity_src_gen.pdbx_gene_src_gene                 'RBP2, CRBP2' 
_entity_src_gen.gene_src_species                   ? 
_entity_src_gen.gene_src_strain                    ? 
_entity_src_gen.gene_src_tissue                    ? 
_entity_src_gen.gene_src_tissue_fraction           ? 
_entity_src_gen.gene_src_details                   ? 
_entity_src_gen.pdbx_gene_src_fragment             ? 
_entity_src_gen.pdbx_gene_src_scientific_name      'Homo sapiens' 
_entity_src_gen.pdbx_gene_src_ncbi_taxonomy_id     9606 
_entity_src_gen.pdbx_gene_src_variant              ? 
_entity_src_gen.pdbx_gene_src_cell_line            ? 
_entity_src_gen.pdbx_gene_src_atcc                 ? 
_entity_src_gen.pdbx_gene_src_organ                ? 
_entity_src_gen.pdbx_gene_src_organelle            ? 
_entity_src_gen.pdbx_gene_src_cell                 ? 
_entity_src_gen.pdbx_gene_src_cellular_location    ? 
_entity_src_gen.host_org_common_name               ? 
_entity_src_gen.pdbx_host_org_scientific_name      'Escherichia coli BL21(DE3)' 
_entity_src_gen.pdbx_host_org_ncbi_taxonomy_id     469008 
_entity_src_gen.host_org_genus                     ? 
_entity_src_gen.pdbx_host_org_gene                 ? 
_entity_src_gen.pdbx_host_org_organ                ? 
_entity_src_gen.host_org_species                   ? 
_entity_src_gen.pdbx_host_org_tissue               ? 
_entity_src_gen.pdbx_host_org_tissue_fraction      ? 
_entity_src_gen.pdbx_host_org_strain               ? 
_entity_src_gen.pdbx_host_org_variant              ? 
_entity_src_gen.pdbx_host_org_cell_line            ? 
_entity_src_gen.pdbx_host_org_atcc                 ? 
_entity_src_gen.pdbx_host_org_culture_collection   ? 
_entity_src_gen.pdbx_host_org_cell                 ? 
_entity_src_gen.pdbx_host_org_organelle            ? 
_entity_src_gen.pdbx_host_org_cellular_location    ? 
_entity_src_gen.pdbx_host_org_vector_type          ? 
_entity_src_gen.pdbx_host_org_vector               pET17b 
_entity_src_gen.host_org_details                   ? 
_entity_src_gen.expression_system_id               ? 
_entity_src_gen.plasmid_name                       ? 
_entity_src_gen.plasmid_details                    ? 
_entity_src_gen.pdbx_description                   ? 
# 
loop_
_chem_comp.id 
_chem_comp.type 
_chem_comp.mon_nstd_flag 
_chem_comp.name 
_chem_comp.pdbx_synonyms 
_chem_comp.formula 
_chem_comp.formula_weight 
ACT non-polymer         . 'ACETATE ION'   ? 'C2 H3 O2 -1'    59.044  
ALA 'L-peptide linking' y ALANINE         ? 'C3 H7 N O2'     89.093  
ARG 'L-peptide linking' y ARGININE        ? 'C6 H15 N4 O2 1' 175.209 
ASN 'L-peptide linking' y ASPARAGINE      ? 'C4 H8 N2 O3'    132.118 
ASP 'L-peptide linking' y 'ASPARTIC ACID' ? 'C4 H7 N O4'     133.103 
CYS 'L-peptide linking' y CYSTEINE        ? 'C3 H7 N O2 S'   121.158 
GLN 'L-peptide linking' y GLUTAMINE       ? 'C5 H10 N2 O3'   146.144 
GLU 'L-peptide linking' y 'GLUTAMIC ACID' ? 'C5 H9 N O4'     147.129 
GLY 'peptide linking'   y GLYCINE         ? 'C2 H5 N O2'     75.067  
HIS 'L-peptide linking' y HISTIDINE       ? 'C6 H10 N3 O2 1' 156.162 
HOH non-polymer         . WATER           ? 'H2 O'           18.015  
ILE 'L-peptide linking' y ISOLEUCINE      ? 'C6 H13 N O2'    131.173 
LEU 'L-peptide linking' y LEUCINE         ? 'C6 H13 N O2'    131.173 
LYS 'L-peptide linking' y LYSINE          ? 'C6 H15 N2 O2 1' 147.195 
MET 'L-peptide linking' y METHIONINE      ? 'C5 H11 N O2 S'  149.211 
PHE 'L-peptide linking' y PHENYLALANINE   ? 'C9 H11 N O2'    165.189 
RET non-polymer         . RETINAL         ? 'C20 H28 O'      284.436 
SER 'L-peptide linking' y SERINE          ? 'C3 H7 N O3'     105.093 
THR 'L-peptide linking' y THREONINE       ? 'C4 H9 N O3'     119.119 
TRP 'L-peptide linking' y TRYPTOPHAN      ? 'C11 H12 N2 O2'  204.225 
TYR 'L-peptide linking' y TYROSINE        ? 'C9 H11 N O3'    181.189 
VAL 'L-peptide linking' y VALINE          ? 'C5 H11 N O2'    117.146 
# 
loop_
_pdbx_poly_seq_scheme.asym_id 
_pdbx_poly_seq_scheme.entity_id 
_pdbx_poly_seq_scheme.seq_id 
_pdbx_poly_seq_scheme.mon_id 
_pdbx_poly_seq_scheme.ndb_seq_num 
_pdbx_poly_seq_scheme.pdb_seq_num 
_pdbx_poly_seq_scheme.auth_seq_num 
_pdbx_poly_seq_scheme.pdb_mon_id 
_pdbx_poly_seq_scheme.auth_mon_id 
_pdbx_poly_seq_scheme.pdb_strand_id 
_pdbx_poly_seq_scheme.pdb_ins_code 
_pdbx_poly_seq_scheme.hetero 
A 1 1   THR 1   1   1   THR THR A . n 
A 1 2   ARG 2   2   2   ARG ARG A . n 
A 1 3   ASP 3   3   3   ASP ASP A . n 
A 1 4   GLN 4   4   4   GLN GLN A . n 
A 1 5   ASN 5   5   5   ASN ASN A . n 
A 1 6   GLY 6   6   6   GLY GLY A . n 
A 1 7   THR 7   7   7   THR THR A . n 
A 1 8   TRP 8   8   8   TRP TRP A . n 
A 1 9   GLU 9   9   9   GLU GLU A . n 
A 1 10  MET 10  10  10  MET MET A . n 
A 1 11  GLU 11  11  11  GLU GLU A . n 
A 1 12  SER 12  12  12  SER SER A . n 
A 1 13  ASN 13  13  13  ASN ASN A . n 
A 1 14  GLU 14  14  14  GLU GLU A . n 
A 1 15  ASN 15  15  15  ASN ASN A . n 
A 1 16  PHE 16  16  16  PHE PHE A . n 
A 1 17  GLU 17  17  17  GLU GLU A . n 
A 1 18  GLY 18  18  18  GLY GLY A . n 
A 1 19  TYR 19  19  19  TYR TYR A . n 
A 1 20  MET 20  20  20  MET MET A . n 
A 1 21  LYS 21  21  21  LYS LYS A . n 
A 1 22  ALA 22  22  22  ALA ALA A . n 
A 1 23  LEU 23  23  23  LEU LEU A . n 
A 1 24  ASP 24  24  24  ASP ASP A . n 
A 1 25  ILE 25  25  25  ILE ILE A . n 
A 1 26  ASP 26  26  26  ASP ASP A . n 
A 1 27  PHE 27  27  27  PHE PHE A . n 
A 1 28  ALA 28  28  28  ALA ALA A . n 
A 1 29  THR 29  29  29  THR THR A . n 
A 1 30  ARG 30  30  30  ARG ARG A . n 
A 1 31  LYS 31  31  31  LYS LYS A . n 
A 1 32  ILE 32  32  32  ILE ILE A . n 
A 1 33  ALA 33  33  33  ALA ALA A . n 
A 1 34  VAL 34  34  34  VAL VAL A . n 
A 1 35  ARG 35  35  35  ARG ARG A . n 
A 1 36  LEU 36  36  36  LEU LEU A . n 
A 1 37  THR 37  37  37  THR THR A . n 
A 1 38  GLN 38  38  38  GLN GLN A . n 
A 1 39  THR 39  39  39  THR THR A . n 
A 1 40  LEU 40  40  40  LEU LEU A . n 
A 1 41  VAL 41  41  41  VAL VAL A . n 
A 1 42  ILE 42  42  42  ILE ILE A . n 
A 1 43  ASP 43  43  43  ASP ASP A . n 
A 1 44  GLN 44  44  44  GLN GLN A . n 
A 1 45  ASP 45  45  45  ASP ASP A . n 
A 1 46  GLY 46  46  46  GLY GLY A . n 
A 1 47  ASP 47  47  47  ASP ASP A . n 
A 1 48  ASN 48  48  48  ASN ASN A . n 
A 1 49  PHE 49  49  49  PHE PHE A . n 
A 1 50  LYS 50  50  50  LYS LYS A . n 
A 1 51  PHE 51  51  51  PHE PHE A . n 
A 1 52  LYS 52  52  52  LYS LYS A . n 
A 1 53  THR 53  53  53  THR THR A . n 
A 1 54  THR 54  54  54  THR THR A . n 
A 1 55  SER 55  55  55  SER SER A . n 
A 1 56  THR 56  56  56  THR THR A . n 
A 1 57  PHE 57  57  57  PHE PHE A . n 
A 1 58  ARG 58  58  58  ARG ARG A . n 
A 1 59  ASN 59  59  59  ASN ASN A . n 
A 1 60  ALA 60  60  60  ALA ALA A . n 
A 1 61  ASP 61  61  61  ASP ASP A . n 
A 1 62  VAL 62  62  62  VAL VAL A . n 
A 1 63  ASP 63  63  63  ASP ASP A . n 
A 1 64  PHE 64  64  64  PHE PHE A . n 
A 1 65  THR 65  65  65  THR THR A . n 
A 1 66  VAL 66  66  66  VAL VAL A . n 
A 1 67  GLY 67  67  67  GLY GLY A . n 
A 1 68  VAL 68  68  68  VAL VAL A . n 
A 1 69  GLU 69  69  69  GLU GLU A . n 
A 1 70  PHE 70  70  70  PHE PHE A . n 
A 1 71  ASP 71  71  71  ASP ASP A . n 
A 1 72  GLU 72  72  72  GLU GLU A . n 
A 1 73  TYR 73  73  73  TYR TYR A . n 
A 1 74  THR 74  74  74  THR THR A . n 
A 1 75  LYS 75  75  75  LYS LYS A . n 
A 1 76  SER 76  76  76  SER SER A . n 
A 1 77  LEU 77  77  77  LEU LEU A . n 
A 1 78  ASP 78  78  78  ASP ASP A . n 
A 1 79  ASN 79  79  79  ASN ASN A . n 
A 1 80  ARG 80  80  80  ARG ARG A . n 
A 1 81  HIS 81  81  81  HIS HIS A . n 
A 1 82  VAL 82  82  82  VAL VAL A . n 
A 1 83  LYS 83  83  83  LYS LYS A . n 
A 1 84  ALA 84  84  84  ALA ALA A . n 
A 1 85  LEU 85  85  85  LEU LEU A . n 
A 1 86  VAL 86  86  86  VAL VAL A . n 
A 1 87  THR 87  87  87  THR THR A . n 
A 1 88  TRP 88  88  88  TRP TRP A . n 
A 1 89  GLU 89  89  89  GLU GLU A . n 
A 1 90  GLY 90  90  90  GLY GLY A . n 
A 1 91  ASP 91  91  91  ASP ASP A . n 
A 1 92  VAL 92  92  92  VAL VAL A . n 
A 1 93  LEU 93  93  93  LEU LEU A . n 
A 1 94  VAL 94  94  94  VAL VAL A . n 
A 1 95  CYS 95  95  95  CYS CYS A . n 
A 1 96  VAL 96  96  96  VAL VAL A . n 
A 1 97  GLN 97  97  97  GLN GLN A . n 
A 1 98  LYS 98  98  98  LYS LYS A . n 
A 1 99  GLY 99  99  99  GLY GLY A . n 
A 1 100 GLU 100 100 100 GLU GLU A . n 
A 1 101 LYS 101 101 101 LYS LYS A . n 
A 1 102 GLU 102 102 102 GLU GLU A . n 
A 1 103 ASN 103 103 103 ASN ASN A . n 
A 1 104 ARG 104 104 104 ARG ARG A . n 
A 1 105 GLY 105 105 105 GLY GLY A . n 
A 1 106 TRP 106 106 106 TRP TRP A . n 
A 1 107 LYS 107 107 107 LYS LYS A . n 
A 1 108 LYS 108 108 108 LYS LYS A . n 
A 1 109 TRP 109 109 109 TRP TRP A . n 
A 1 110 ILE 110 110 110 ILE ILE A . n 
A 1 111 GLU 111 111 111 GLU GLU A . n 
A 1 112 GLY 112 112 112 GLY GLY A . n 
A 1 113 ASP 113 113 113 ASP ASP A . n 
A 1 114 LYS 114 114 114 LYS LYS A . n 
A 1 115 LEU 115 115 115 LEU LEU A . n 
A 1 116 TYR 116 116 116 TYR TYR A . n 
A 1 117 LEU 117 117 117 LEU LEU A . n 
A 1 118 GLU 118 118 118 GLU GLU A . n 
A 1 119 LEU 119 119 119 LEU LEU A . n 
A 1 120 THR 120 120 120 THR THR A . n 
A 1 121 CYS 121 121 121 CYS CYS A . n 
A 1 122 GLY 122 122 122 GLY GLY A . n 
A 1 123 ASP 123 123 123 ASP ASP A . n 
A 1 124 GLN 124 124 124 GLN GLN A . n 
A 1 125 VAL 125 125 125 VAL VAL A . n 
A 1 126 CYS 126 126 126 CYS CYS A . n 
A 1 127 ARG 127 127 127 ARG ARG A . n 
A 1 128 GLN 128 128 128 GLN GLN A . n 
A 1 129 VAL 129 129 129 VAL VAL A . n 
A 1 130 PHE 130 130 130 PHE PHE A . n 
A 1 131 LYS 131 131 131 LYS LYS A . n 
A 1 132 LYS 132 132 132 LYS LYS A . n 
A 1 133 LYS 133 133 133 LYS LYS A . n 
# 
loop_
_pdbx_nonpoly_scheme.asym_id 
_pdbx_nonpoly_scheme.entity_id 
_pdbx_nonpoly_scheme.mon_id 
_pdbx_nonpoly_scheme.ndb_seq_num 
_pdbx_nonpoly_scheme.pdb_seq_num 
_pdbx_nonpoly_scheme.auth_seq_num 
_pdbx_nonpoly_scheme.pdb_mon_id 
_pdbx_nonpoly_scheme.auth_mon_id 
_pdbx_nonpoly_scheme.pdb_strand_id 
_pdbx_nonpoly_scheme.pdb_ins_code 
B 2 ACT 1  201 1  ACT ACT A . 
C 3 RET 1  202 1  RET RET A . 
D 4 HOH 1  301 15 HOH HOH A . 
D 4 HOH 2  302 44 HOH HOH A . 
D 4 HOH 3  303 37 HOH HOH A . 
D 4 HOH 4  304 16 HOH HOH A . 
D 4 HOH 5  305 8  HOH HOH A . 
D 4 HOH 6  306 12 HOH HOH A . 
D 4 HOH 7  307 28 HOH HOH A . 
D 4 HOH 8  308 31 HOH HOH A . 
D 4 HOH 9  309 53 HOH HOH A . 
D 4 HOH 10 310 7  HOH HOH A . 
D 4 HOH 11 311 33 HOH HOH A . 
D 4 HOH 12 312 55 HOH HOH A . 
D 4 HOH 13 313 9  HOH HOH A . 
D 4 HOH 14 314 34 HOH HOH A . 
D 4 HOH 15 315 36 HOH HOH A . 
D 4 HOH 16 316 1  HOH HOH A . 
D 4 HOH 17 317 35 HOH HOH A . 
D 4 HOH 18 318 18 HOH HOH A . 
D 4 HOH 19 319 48 HOH HOH A . 
D 4 HOH 20 320 27 HOH HOH A . 
D 4 HOH 21 321 17 HOH HOH A . 
D 4 HOH 22 322 42 HOH HOH A . 
D 4 HOH 23 323 21 HOH HOH A . 
D 4 HOH 24 324 11 HOH HOH A . 
D 4 HOH 25 325 13 HOH HOH A . 
D 4 HOH 26 326 45 HOH HOH A . 
D 4 HOH 27 327 10 HOH HOH A . 
D 4 HOH 28 328 4  HOH HOH A . 
D 4 HOH 29 329 50 HOH HOH A . 
D 4 HOH 30 330 39 HOH HOH A . 
D 4 HOH 31 331 51 HOH HOH A . 
D 4 HOH 32 332 29 HOH HOH A . 
D 4 HOH 33 333 47 HOH HOH A . 
D 4 HOH 34 334 3  HOH HOH A . 
D 4 HOH 35 335 5  HOH HOH A . 
D 4 HOH 36 336 24 HOH HOH A . 
D 4 HOH 37 337 40 HOH HOH A . 
D 4 HOH 38 338 19 HOH HOH A . 
D 4 HOH 39 339 52 HOH HOH A . 
D 4 HOH 40 340 43 HOH HOH A . 
D 4 HOH 41 341 54 HOH HOH A . 
D 4 HOH 42 342 2  HOH HOH A . 
D 4 HOH 43 343 25 HOH HOH A . 
D 4 HOH 44 344 49 HOH HOH A . 
# 
loop_
_pdbx_unobs_or_zero_occ_atoms.id 
_pdbx_unobs_or_zero_occ_atoms.PDB_model_num 
_pdbx_unobs_or_zero_occ_atoms.polymer_flag 
_pdbx_unobs_or_zero_occ_atoms.occupancy_flag 
_pdbx_unobs_or_zero_occ_atoms.auth_asym_id 
_pdbx_unobs_or_zero_occ_atoms.auth_comp_id 
_pdbx_unobs_or_zero_occ_atoms.auth_seq_id 
_pdbx_unobs_or_zero_occ_atoms.PDB_ins_code 
_pdbx_unobs_or_zero_occ_atoms.auth_atom_id 
_pdbx_unobs_or_zero_occ_atoms.label_alt_id 
_pdbx_unobs_or_zero_occ_atoms.label_asym_id 
_pdbx_unobs_or_zero_occ_atoms.label_comp_id 
_pdbx_unobs_or_zero_occ_atoms.label_seq_id 
_pdbx_unobs_or_zero_occ_atoms.label_atom_id 
1  1 N 1 A RET 202 ? C1  ? C RET 1 C1  
2  1 N 1 A RET 202 ? C2  ? C RET 1 C2  
3  1 N 1 A RET 202 ? C3  ? C RET 1 C3  
4  1 N 1 A RET 202 ? C4  ? C RET 1 C4  
5  1 N 1 A RET 202 ? C5  ? C RET 1 C5  
6  1 N 1 A RET 202 ? C6  ? C RET 1 C6  
7  1 N 1 A RET 202 ? C7  ? C RET 1 C7  
8  1 N 1 A RET 202 ? C8  ? C RET 1 C8  
9  1 N 1 A RET 202 ? C9  ? C RET 1 C9  
10 1 N 1 A RET 202 ? C10 ? C RET 1 C10 
11 1 N 1 A RET 202 ? C11 ? C RET 1 C11 
12 1 N 1 A RET 202 ? C16 ? C RET 1 C16 
13 1 N 1 A RET 202 ? C17 ? C RET 1 C17 
14 1 N 1 A RET 202 ? C18 ? C RET 1 C18 
15 1 N 1 A RET 202 ? C19 ? C RET 1 C19 
# 
loop_
_software.citation_id 
_software.classification 
_software.compiler_name 
_software.compiler_version 
_software.contact_author 
_software.contact_author_email 
_software.date 
_software.description 
_software.dependencies 
_software.hardware 
_software.language 
_software.location 
_software.mods 
_software.name 
_software.os 
_software.os_version 
_software.type 
_software.version 
_software.pdbx_ordinal 
? refinement       ? ? ? ? ? ? ? ? ? ? ? PHENIX   ? ? ? '(1.11.1_2575)' 1 
? 'data reduction' ? ? ? ? ? ? ? ? ? ? ? HKL-2000 ? ? ? .               2 
? 'data scaling'   ? ? ? ? ? ? ? ? ? ? ? HKL-2000 ? ? ? .               3 
? phasing          ? ? ? ? ? ? ? ? ? ? ? PHASER   ? ? ? .               4 
# 
_cell.angle_alpha                  90.00 
_cell.angle_alpha_esd              ? 
_cell.angle_beta                   90.00 
_cell.angle_beta_esd               ? 
_cell.angle_gamma                  90.00 
_cell.angle_gamma_esd              ? 
_cell.entry_id                     6E6L 
_cell.details                      ? 
_cell.formula_units_Z              ? 
_cell.length_a                     63.765 
_cell.length_a_esd                 ? 
_cell.length_b                     60.554 
_cell.length_b_esd                 ? 
_cell.length_c                     36.573 
_cell.length_c_esd                 ? 
_cell.volume                       ? 
_cell.volume_esd                   ? 
_cell.Z_PDB                        4 
_cell.reciprocal_angle_alpha       ? 
_cell.reciprocal_angle_beta        ? 
_cell.reciprocal_angle_gamma       ? 
_cell.reciprocal_angle_alpha_esd   ? 
_cell.reciprocal_angle_beta_esd    ? 
_cell.reciprocal_angle_gamma_esd   ? 
_cell.reciprocal_length_a          ? 
_cell.reciprocal_length_b          ? 
_cell.reciprocal_length_c          ? 
_cell.reciprocal_length_a_esd      ? 
_cell.reciprocal_length_b_esd      ? 
_cell.reciprocal_length_c_esd      ? 
_cell.pdbx_unique_axis             ? 
# 
_symmetry.entry_id                         6E6L 
_symmetry.cell_setting                     ? 
_symmetry.Int_Tables_number                18 
_symmetry.space_group_name_Hall            ? 
_symmetry.space_group_name_H-M             'P 21 21 2' 
_symmetry.pdbx_full_space_group_name_H-M   ? 
# 
_exptl.absorpt_coefficient_mu     ? 
_exptl.absorpt_correction_T_max   ? 
_exptl.absorpt_correction_T_min   ? 
_exptl.absorpt_correction_type    ? 
_exptl.absorpt_process_details    ? 
_exptl.entry_id                   6E6L 
_exptl.crystals_number            1 
_exptl.details                    ? 
_exptl.method                     'X-RAY DIFFRACTION' 
_exptl.method_details             ? 
# 
_exptl_crystal.colour                      ? 
_exptl_crystal.density_diffrn              ? 
_exptl_crystal.density_Matthews            2.27 
_exptl_crystal.density_method              ? 
_exptl_crystal.density_percent_sol         45.87 
_exptl_crystal.description                 ? 
_exptl_crystal.F_000                       ? 
_exptl_crystal.id                          1 
_exptl_crystal.preparation                 ? 
_exptl_crystal.size_max                    ? 
_exptl_crystal.size_mid                    ? 
_exptl_crystal.size_min                    ? 
_exptl_crystal.size_rad                    ? 
_exptl_crystal.colour_lustre               ? 
_exptl_crystal.colour_modifier             ? 
_exptl_crystal.colour_primary              ? 
_exptl_crystal.density_meas                ? 
_exptl_crystal.density_meas_esd            ? 
_exptl_crystal.density_meas_gt             ? 
_exptl_crystal.density_meas_lt             ? 
_exptl_crystal.density_meas_temp           ? 
_exptl_crystal.density_meas_temp_esd       ? 
_exptl_crystal.density_meas_temp_gt        ? 
_exptl_crystal.density_meas_temp_lt        ? 
_exptl_crystal.pdbx_crystal_image_url      ? 
_exptl_crystal.pdbx_crystal_image_format   ? 
_exptl_crystal.pdbx_mosaicity              ? 
_exptl_crystal.pdbx_mosaicity_esd          ? 
# 
_exptl_crystal_grow.apparatus       ? 
_exptl_crystal_grow.atmosphere      ? 
_exptl_crystal_grow.crystal_id      1 
_exptl_crystal_grow.details         ? 
_exptl_crystal_grow.method          'VAPOR DIFFUSION, HANGING DROP' 
_exptl_crystal_grow.method_ref      ? 
_exptl_crystal_grow.pH              ? 
_exptl_crystal_grow.pressure        ? 
_exptl_crystal_grow.pressure_esd    ? 
_exptl_crystal_grow.seeding         ? 
_exptl_crystal_grow.seeding_ref     ? 
_exptl_crystal_grow.temp            298 
_exptl_crystal_grow.temp_details    ? 
_exptl_crystal_grow.temp_esd        ? 
_exptl_crystal_grow.time            ? 
_exptl_crystal_grow.pdbx_details    'PEG 4000, sodium acetate,  Ammonium acetate' 
_exptl_crystal_grow.pdbx_pH_range   ? 
# 
_diffrn.ambient_environment              ? 
_diffrn.ambient_temp                     100 
_diffrn.ambient_temp_details             ? 
_diffrn.ambient_temp_esd                 ? 
_diffrn.crystal_id                       1 
_diffrn.crystal_support                  ? 
_diffrn.crystal_treatment                ? 
_diffrn.details                          ? 
_diffrn.id                               1 
_diffrn.ambient_pressure                 ? 
_diffrn.ambient_pressure_esd             ? 
_diffrn.ambient_pressure_gt              ? 
_diffrn.ambient_pressure_lt              ? 
_diffrn.ambient_temp_gt                  ? 
_diffrn.ambient_temp_lt                  ? 
_diffrn.pdbx_serial_crystal_experiment   ? 
# 
_diffrn_detector.details                      ? 
_diffrn_detector.detector                     CCD 
_diffrn_detector.diffrn_id                    1 
_diffrn_detector.type                         'RAYONIX MX300HE' 
_diffrn_detector.area_resol_mean              ? 
_diffrn_detector.dtime                        ? 
_diffrn_detector.pdbx_frames_total            ? 
_diffrn_detector.pdbx_collection_time_total   ? 
_diffrn_detector.pdbx_collection_date         2016-11-26 
_diffrn_detector.pdbx_frequency               ? 
# 
_diffrn_radiation.collimation                      ? 
_diffrn_radiation.diffrn_id                        1 
_diffrn_radiation.filter_edge                      ? 
_diffrn_radiation.inhomogeneity                    ? 
_diffrn_radiation.monochromator                    ? 
_diffrn_radiation.polarisn_norm                    ? 
_diffrn_radiation.polarisn_ratio                   ? 
_diffrn_radiation.probe                            ? 
_diffrn_radiation.type                             ? 
_diffrn_radiation.xray_symbol                      ? 
_diffrn_radiation.wavelength_id                    1 
_diffrn_radiation.pdbx_monochromatic_or_laue_m_l   M 
_diffrn_radiation.pdbx_wavelength_list             ? 
_diffrn_radiation.pdbx_wavelength                  ? 
_diffrn_radiation.pdbx_diffrn_protocol             'SINGLE WAVELENGTH' 
_diffrn_radiation.pdbx_analyzer                    ? 
_diffrn_radiation.pdbx_scattering_type             x-ray 
# 
_diffrn_radiation_wavelength.id           1 
_diffrn_radiation_wavelength.wavelength   0.97872 
_diffrn_radiation_wavelength.wt           1.0 
# 
_diffrn_source.current                     ? 
_diffrn_source.details                     ? 
_diffrn_source.diffrn_id                   1 
_diffrn_source.power                       ? 
_diffrn_source.size                        ? 
_diffrn_source.source                      SYNCHROTRON 
_diffrn_source.target                      ? 
_diffrn_source.type                        'APS BEAMLINE 21-ID-G' 
_diffrn_source.voltage                     ? 
_diffrn_source.take-off_angle              ? 
_diffrn_source.pdbx_wavelength_list        0.97872 
_diffrn_source.pdbx_wavelength             ? 
_diffrn_source.pdbx_synchrotron_beamline   21-ID-G 
_diffrn_source.pdbx_synchrotron_site       APS 
# 
_reflns.B_iso_Wilson_estimate            ? 
_reflns.entry_id                         6E6L 
_reflns.data_reduction_details           ? 
_reflns.data_reduction_method            ? 
_reflns.d_resolution_high                2.08 
_reflns.d_resolution_low                 43.909 
_reflns.details                          ? 
_reflns.limit_h_max                      ? 
_reflns.limit_h_min                      ? 
_reflns.limit_k_max                      ? 
_reflns.limit_k_min                      ? 
_reflns.limit_l_max                      ? 
_reflns.limit_l_min                      ? 
_reflns.number_all                       ? 
_reflns.number_obs                       8971 
_reflns.observed_criterion               ? 
_reflns.observed_criterion_F_max         ? 
_reflns.observed_criterion_F_min         ? 
_reflns.observed_criterion_I_max         ? 
_reflns.observed_criterion_I_min         ? 
_reflns.observed_criterion_sigma_F       ? 
_reflns.observed_criterion_sigma_I       ? 
_reflns.percent_possible_obs             99.9 
_reflns.R_free_details                   ? 
_reflns.Rmerge_F_all                     ? 
_reflns.Rmerge_F_obs                     ? 
_reflns.Friedel_coverage                 ? 
_reflns.number_gt                        ? 
_reflns.threshold_expression             ? 
_reflns.pdbx_redundancy                  14.2 
_reflns.pdbx_Rmerge_I_obs                0.091 
_reflns.pdbx_Rmerge_I_all                ? 
_reflns.pdbx_Rsym_value                  ? 
_reflns.pdbx_netI_over_av_sigmaI         ? 
_reflns.pdbx_netI_over_sigmaI            34.2 
_reflns.pdbx_res_netI_over_av_sigmaI_2   ? 
_reflns.pdbx_res_netI_over_sigmaI_2      ? 
_reflns.pdbx_chi_squared                 ? 
_reflns.pdbx_scaling_rejects             ? 
_reflns.pdbx_d_res_high_opt              ? 
_reflns.pdbx_d_res_low_opt               ? 
_reflns.pdbx_d_res_opt_method            ? 
_reflns.phase_calculation_details        ? 
_reflns.pdbx_Rrim_I_all                  0.094 
_reflns.pdbx_Rpim_I_all                  ? 
_reflns.pdbx_d_opt                       ? 
_reflns.pdbx_number_measured_all         ? 
_reflns.pdbx_diffrn_id                   1 
_reflns.pdbx_ordinal                     1 
_reflns.pdbx_CC_half                     ? 
_reflns.pdbx_R_split                     ? 
# 
_reflns_shell.d_res_high                  2.08 
_reflns_shell.d_res_low                   2.154 
_reflns_shell.meanI_over_sigI_all         ? 
_reflns_shell.meanI_over_sigI_obs         2.4 
_reflns_shell.number_measured_all         ? 
_reflns_shell.number_measured_obs         ? 
_reflns_shell.number_possible             ? 
_reflns_shell.number_unique_all           ? 
_reflns_shell.number_unique_obs           442 
_reflns_shell.percent_possible_all        100 
_reflns_shell.percent_possible_obs        ? 
_reflns_shell.Rmerge_F_all                ? 
_reflns_shell.Rmerge_F_obs                ? 
_reflns_shell.Rmerge_I_all                ? 
_reflns_shell.Rmerge_I_obs                1.2 
_reflns_shell.meanI_over_sigI_gt          ? 
_reflns_shell.meanI_over_uI_all           ? 
_reflns_shell.meanI_over_uI_gt            ? 
_reflns_shell.number_measured_gt          ? 
_reflns_shell.number_unique_gt            ? 
_reflns_shell.percent_possible_gt         ? 
_reflns_shell.Rmerge_F_gt                 ? 
_reflns_shell.Rmerge_I_gt                 ? 
_reflns_shell.pdbx_redundancy             ? 
_reflns_shell.pdbx_Rsym_value             ? 
_reflns_shell.pdbx_chi_squared            ? 
_reflns_shell.pdbx_netI_over_sigmaI_all   ? 
_reflns_shell.pdbx_netI_over_sigmaI_obs   ? 
_reflns_shell.pdbx_Rrim_I_all             ? 
_reflns_shell.pdbx_Rpim_I_all             0.336 
_reflns_shell.pdbx_rejects                ? 
_reflns_shell.pdbx_ordinal                1 
_reflns_shell.pdbx_diffrn_id              1 
_reflns_shell.pdbx_CC_half                0.787 
_reflns_shell.pdbx_R_split                ? 
# 
_refine.aniso_B[1][1]                            ? 
_refine.aniso_B[1][2]                            ? 
_refine.aniso_B[1][3]                            ? 
_refine.aniso_B[2][2]                            ? 
_refine.aniso_B[2][3]                            ? 
_refine.aniso_B[3][3]                            ? 
_refine.B_iso_max                                ? 
_refine.B_iso_mean                               ? 
_refine.B_iso_min                                ? 
_refine.correlation_coeff_Fo_to_Fc               ? 
_refine.correlation_coeff_Fo_to_Fc_free          ? 
_refine.details                                  ? 
_refine.diff_density_max                         ? 
_refine.diff_density_max_esd                     ? 
_refine.diff_density_min                         ? 
_refine.diff_density_min_esd                     ? 
_refine.diff_density_rms                         ? 
_refine.diff_density_rms_esd                     ? 
_refine.entry_id                                 6E6L 
_refine.pdbx_refine_id                           'X-RAY DIFFRACTION' 
_refine.ls_abs_structure_details                 ? 
_refine.ls_abs_structure_Flack                   ? 
_refine.ls_abs_structure_Flack_esd               ? 
_refine.ls_abs_structure_Rogers                  ? 
_refine.ls_abs_structure_Rogers_esd              ? 
_refine.ls_d_res_high                            2.080 
_refine.ls_d_res_low                             43.909 
_refine.ls_extinction_coef                       ? 
_refine.ls_extinction_coef_esd                   ? 
_refine.ls_extinction_expression                 ? 
_refine.ls_extinction_method                     ? 
_refine.ls_goodness_of_fit_all                   ? 
_refine.ls_goodness_of_fit_all_esd               ? 
_refine.ls_goodness_of_fit_obs                   ? 
_refine.ls_goodness_of_fit_obs_esd               ? 
_refine.ls_hydrogen_treatment                    ? 
_refine.ls_matrix_type                           ? 
_refine.ls_number_constraints                    ? 
_refine.ls_number_parameters                     ? 
_refine.ls_number_reflns_all                     ? 
_refine.ls_number_reflns_obs                     8955 
_refine.ls_number_reflns_R_free                  893 
_refine.ls_number_reflns_R_work                  ? 
_refine.ls_number_restraints                     ? 
_refine.ls_percent_reflns_obs                    99.84 
_refine.ls_percent_reflns_R_free                 9.97 
_refine.ls_R_factor_all                          ? 
_refine.ls_R_factor_obs                          0.2029 
_refine.ls_R_factor_R_free                       0.2479 
_refine.ls_R_factor_R_free_error                 ? 
_refine.ls_R_factor_R_free_error_details         ? 
_refine.ls_R_factor_R_work                       0.1979 
_refine.ls_R_Fsqd_factor_obs                     ? 
_refine.ls_R_I_factor_obs                        ? 
_refine.ls_redundancy_reflns_all                 ? 
_refine.ls_redundancy_reflns_obs                 ? 
_refine.ls_restrained_S_all                      ? 
_refine.ls_restrained_S_obs                      ? 
_refine.ls_shift_over_esd_max                    ? 
_refine.ls_shift_over_esd_mean                   ? 
_refine.ls_structure_factor_coef                 ? 
_refine.ls_weighting_details                     ? 
_refine.ls_weighting_scheme                      ? 
_refine.ls_wR_factor_all                         ? 
_refine.ls_wR_factor_obs                         ? 
_refine.ls_wR_factor_R_free                      ? 
_refine.ls_wR_factor_R_work                      ? 
_refine.occupancy_max                            ? 
_refine.occupancy_min                            ? 
_refine.solvent_model_details                    ? 
_refine.solvent_model_param_bsol                 ? 
_refine.solvent_model_param_ksol                 ? 
_refine.ls_R_factor_gt                           ? 
_refine.ls_goodness_of_fit_gt                    ? 
_refine.ls_goodness_of_fit_ref                   ? 
_refine.ls_shift_over_su_max                     ? 
_refine.ls_shift_over_su_max_lt                  ? 
_refine.ls_shift_over_su_mean                    ? 
_refine.ls_shift_over_su_mean_lt                 ? 
_refine.pdbx_ls_sigma_I                          ? 
_refine.pdbx_ls_sigma_F                          1.35 
_refine.pdbx_ls_sigma_Fsqd                       ? 
_refine.pdbx_data_cutoff_high_absF               ? 
_refine.pdbx_data_cutoff_high_rms_absF           ? 
_refine.pdbx_data_cutoff_low_absF                ? 
_refine.pdbx_isotropic_thermal_model             ? 
_refine.pdbx_ls_cross_valid_method               'FREE R-VALUE' 
_refine.pdbx_method_to_determine_struct          'MOLECULAR REPLACEMENT' 
_refine.pdbx_starting_model                      2RCT 
_refine.pdbx_stereochemistry_target_values       ? 
_refine.pdbx_R_Free_selection_details            ? 
_refine.pdbx_stereochem_target_val_spec_case     ? 
_refine.pdbx_overall_ESU_R                       ? 
_refine.pdbx_overall_ESU_R_Free                  ? 
_refine.pdbx_solvent_vdw_probe_radii             1.11 
_refine.pdbx_solvent_ion_probe_radii             ? 
_refine.pdbx_solvent_shrinkage_radii             0.90 
_refine.pdbx_real_space_R                        ? 
_refine.pdbx_density_correlation                 ? 
_refine.pdbx_pd_number_of_powder_patterns        ? 
_refine.pdbx_pd_number_of_points                 ? 
_refine.pdbx_pd_meas_number_of_points            ? 
_refine.pdbx_pd_proc_ls_prof_R_factor            ? 
_refine.pdbx_pd_proc_ls_prof_wR_factor           ? 
_refine.pdbx_pd_Marquardt_correlation_coeff      ? 
_refine.pdbx_pd_Fsqrd_R_factor                   ? 
_refine.pdbx_pd_ls_matrix_band_width             ? 
_refine.pdbx_overall_phase_error                 25.77 
_refine.pdbx_overall_SU_R_free_Cruickshank_DPI   ? 
_refine.pdbx_overall_SU_R_free_Blow_DPI          ? 
_refine.pdbx_overall_SU_R_Blow_DPI               ? 
_refine.pdbx_TLS_residual_ADP_flag               ? 
_refine.pdbx_diffrn_id                           1 
_refine.overall_SU_B                             ? 
_refine.overall_SU_ML                            0.24 
_refine.overall_SU_R_Cruickshank_DPI             ? 
_refine.overall_SU_R_free                        ? 
_refine.overall_FOM_free_R_set                   ? 
_refine.overall_FOM_work_R_set                   ? 
_refine.pdbx_average_fsc_overall                 ? 
_refine.pdbx_average_fsc_work                    ? 
_refine.pdbx_average_fsc_free                    ? 
# 
_refine_hist.pdbx_refine_id                   'X-RAY DIFFRACTION' 
_refine_hist.cycle_id                         LAST 
_refine_hist.pdbx_number_atoms_protein        1091 
_refine_hist.pdbx_number_atoms_nucleic_acid   0 
_refine_hist.pdbx_number_atoms_ligand         9 
_refine_hist.number_atoms_solvent             44 
_refine_hist.number_atoms_total               1144 
_refine_hist.d_res_high                       2.080 
_refine_hist.d_res_low                        43.909 
# 
loop_
_refine_ls_restr.pdbx_refine_id 
_refine_ls_restr.criterion 
_refine_ls_restr.dev_ideal 
_refine_ls_restr.dev_ideal_target 
_refine_ls_restr.number 
_refine_ls_restr.rejects 
_refine_ls_restr.type 
_refine_ls_restr.weight 
_refine_ls_restr.pdbx_restraint_function 
'X-RAY DIFFRACTION' ? 0.007 ? 1128 ? f_bond_d           ? ? 
'X-RAY DIFFRACTION' ? 0.814 ? 1520 ? f_angle_d          ? ? 
'X-RAY DIFFRACTION' ? 6.431 ? 935  ? f_dihedral_angle_d ? ? 
'X-RAY DIFFRACTION' ? 0.051 ? 165  ? f_chiral_restr     ? ? 
'X-RAY DIFFRACTION' ? 0.004 ? 197  ? f_plane_restr      ? ? 
# 
loop_
_refine_ls_shell.pdbx_refine_id 
_refine_ls_shell.d_res_high 
_refine_ls_shell.d_res_low 
_refine_ls_shell.number_reflns_all 
_refine_ls_shell.number_reflns_obs 
_refine_ls_shell.number_reflns_R_free 
_refine_ls_shell.number_reflns_R_work 
_refine_ls_shell.percent_reflns_obs 
_refine_ls_shell.percent_reflns_R_free 
_refine_ls_shell.R_factor_all 
_refine_ls_shell.R_factor_obs 
_refine_ls_shell.R_factor_R_free 
_refine_ls_shell.R_factor_R_free_error 
_refine_ls_shell.R_factor_R_work 
_refine_ls_shell.redundancy_reflns_all 
_refine_ls_shell.redundancy_reflns_obs 
_refine_ls_shell.wR_factor_all 
_refine_ls_shell.wR_factor_obs 
_refine_ls_shell.wR_factor_R_free 
_refine_ls_shell.wR_factor_R_work 
_refine_ls_shell.pdbx_total_number_of_bins_used 
_refine_ls_shell.pdbx_phase_error 
_refine_ls_shell.pdbx_fsc_work 
_refine_ls_shell.pdbx_fsc_free 
'X-RAY DIFFRACTION' 2.0801 2.2104  . . 150 1316 100.00 . . . 0.2872 . 0.2312 . . . . . . . . . . 
'X-RAY DIFFRACTION' 2.2104 2.3811  . . 147 1310 100.00 . . . 0.2803 . 0.2131 . . . . . . . . . . 
'X-RAY DIFFRACTION' 2.3811 2.6206  . . 139 1329 100.00 . . . 0.3076 . 0.2203 . . . . . . . . . . 
'X-RAY DIFFRACTION' 2.6206 2.9998  . . 153 1322 100.00 . . . 0.3029 . 0.2284 . . . . . . . . . . 
'X-RAY DIFFRACTION' 2.9998 3.7791  . . 150 1353 100.00 . . . 0.2427 . 0.1904 . . . . . . . . . . 
'X-RAY DIFFRACTION' 3.7791 43.9192 . . 154 1432 99.00  . . . 0.2098 . 0.1805 . . . . . . . . . . 
# 
_struct.entry_id                     6E6L 
_struct.title                        
;Crystal structure of the holo retinal-bound domain-swapped dimer Q108K:K40L:T51F:Y60A mutant of human cellular retinol binding protein II
;
_struct.pdbx_model_details           ? 
_struct.pdbx_formula_weight          ? 
_struct.pdbx_formula_weight_method   ? 
_struct.pdbx_model_type_details      ? 
_struct.pdbx_CASP_flag               N 
# 
_struct_keywords.entry_id        6E6L 
_struct_keywords.text            'iLBP, Protein Switch, LIPID BINDING PROTEIN' 
_struct_keywords.pdbx_keywords   'LIPID BINDING PROTEIN' 
# 
loop_
_struct_asym.id 
_struct_asym.pdbx_blank_PDB_chainid_flag 
_struct_asym.pdbx_modified 
_struct_asym.entity_id 
_struct_asym.details 
A N N 1 ? 
B N N 2 ? 
C N N 3 ? 
D N N 4 ? 
# 
_struct_ref.id                         1 
_struct_ref.db_name                    UNP 
_struct_ref.db_code                    RET2_HUMAN 
_struct_ref.pdbx_db_accession          P50120 
_struct_ref.pdbx_db_isoform            ? 
_struct_ref.entity_id                  1 
_struct_ref.pdbx_seq_one_letter_code   
;TRDQNGTWEMESNENFEGYMKALDIDFATRKIAVRLTQTKVIDQDGDNFKTKTTSTFRNYDVDFTVGVEFDEYTKSLDNR
HVKALVTWEGDVLVCVQKGEKENRGWKQWIEGDKLYLELTCGDQVCRQVFKKK
;
_struct_ref.pdbx_align_begin           2 
# 
_struct_ref_seq.align_id                      1 
_struct_ref_seq.ref_id                        1 
_struct_ref_seq.pdbx_PDB_id_code              6E6L 
_struct_ref_seq.pdbx_strand_id                A 
_struct_ref_seq.seq_align_beg                 1 
_struct_ref_seq.pdbx_seq_align_beg_ins_code   ? 
_struct_ref_seq.seq_align_end                 133 
_struct_ref_seq.pdbx_seq_align_end_ins_code   ? 
_struct_ref_seq.pdbx_db_accession             P50120 
_struct_ref_seq.db_align_beg                  2 
_struct_ref_seq.pdbx_db_align_beg_ins_code    ? 
_struct_ref_seq.db_align_end                  134 
_struct_ref_seq.pdbx_db_align_end_ins_code    ? 
_struct_ref_seq.pdbx_auth_seq_align_beg       1 
_struct_ref_seq.pdbx_auth_seq_align_end       133 
# 
loop_
_struct_ref_seq_dif.align_id 
_struct_ref_seq_dif.pdbx_pdb_id_code 
_struct_ref_seq_dif.mon_id 
_struct_ref_seq_dif.pdbx_pdb_strand_id 
_struct_ref_seq_dif.seq_num 
_struct_ref_seq_dif.pdbx_pdb_ins_code 
_struct_ref_seq_dif.pdbx_seq_db_name 
_struct_ref_seq_dif.pdbx_seq_db_accession_code 
_struct_ref_seq_dif.db_mon_id 
_struct_ref_seq_dif.pdbx_seq_db_seq_num 
_struct_ref_seq_dif.details 
_struct_ref_seq_dif.pdbx_auth_seq_num 
_struct_ref_seq_dif.pdbx_ordinal 
1 6E6L LEU A 40  ? UNP P50120 LYS 41  'engineered mutation' 40  1 
1 6E6L PHE A 51  ? UNP P50120 THR 52  'engineered mutation' 51  2 
1 6E6L ALA A 60  ? UNP P50120 TYR 61  'engineered mutation' 60  3 
1 6E6L LYS A 108 ? UNP P50120 GLN 109 'engineered mutation' 108 4 
# 
_pdbx_struct_assembly.id                   1 
_pdbx_struct_assembly.details              author_and_software_defined_assembly 
_pdbx_struct_assembly.method_details       PISA 
_pdbx_struct_assembly.oligomeric_details   dimeric 
_pdbx_struct_assembly.oligomeric_count     2 
# 
loop_
_pdbx_struct_assembly_prop.biol_id 
_pdbx_struct_assembly_prop.type 
_pdbx_struct_assembly_prop.value 
_pdbx_struct_assembly_prop.details 
1 'ABSA (A^2)' 8330  ? 
1 MORE         -46   ? 
1 'SSA (A^2)'  14010 ? 
# 
_pdbx_struct_assembly_gen.assembly_id       1 
_pdbx_struct_assembly_gen.oper_expression   1,2 
_pdbx_struct_assembly_gen.asym_id_list      A,B,C,D 
# 
_pdbx_struct_assembly_auth_evidence.id                     1 
_pdbx_struct_assembly_auth_evidence.assembly_id            1 
_pdbx_struct_assembly_auth_evidence.experimental_support   'gel filtration' 
_pdbx_struct_assembly_auth_evidence.details                ? 
# 
loop_
_pdbx_struct_oper_list.id 
_pdbx_struct_oper_list.type 
_pdbx_struct_oper_list.name 
_pdbx_struct_oper_list.symmetry_operation 
_pdbx_struct_oper_list.matrix[1][1] 
_pdbx_struct_oper_list.matrix[1][2] 
_pdbx_struct_oper_list.matrix[1][3] 
_pdbx_struct_oper_list.vector[1] 
_pdbx_struct_oper_list.matrix[2][1] 
_pdbx_struct_oper_list.matrix[2][2] 
_pdbx_struct_oper_list.matrix[2][3] 
_pdbx_struct_oper_list.vector[2] 
_pdbx_struct_oper_list.matrix[3][1] 
_pdbx_struct_oper_list.matrix[3][2] 
_pdbx_struct_oper_list.matrix[3][3] 
_pdbx_struct_oper_list.vector[3] 
1 'identity operation'         1_555 x,y,z       1.0000000000  0.0000000000  0.0000000000  0.0000000000   0.0000000000  1.0000000000  0.0000000000 0.0000000000  0.0000000000  0.0000000000 1.0000000000 0.0000000000 
2 'crystal symmetry operation' 2_775 -x+2,-y+2,z -0.9755195442 -0.0886549163 -0.2012508999 -11.4468187390 -0.0886549163 -0.6789400392 0.7288214658 -6.4831957656 -0.2012508999 0.7288214658 0.6544595834 1.4635653197 
# 
loop_
_struct_conf.conf_type_id 
_struct_conf.id 
_struct_conf.pdbx_PDB_helix_id 
_struct_conf.beg_label_comp_id 
_struct_conf.beg_label_asym_id 
_struct_conf.beg_label_seq_id 
_struct_conf.pdbx_beg_PDB_ins_code 
_struct_conf.end_label_comp_id 
_struct_conf.end_label_asym_id 
_struct_conf.end_label_seq_id 
_struct_conf.pdbx_end_PDB_ins_code 
_struct_conf.beg_auth_comp_id 
_struct_conf.beg_auth_asym_id 
_struct_conf.beg_auth_seq_id 
_struct_conf.end_auth_comp_id 
_struct_conf.end_auth_asym_id 
_struct_conf.end_auth_seq_id 
_struct_conf.pdbx_PDB_helix_class 
_struct_conf.details 
_struct_conf.pdbx_PDB_helix_length 
HELX_P HELX_P1 AA1 ASN A 15 ? LEU A 23 ? ASN A 15 LEU A 23 1 ? 9 
HELX_P HELX_P2 AA2 ASP A 26 ? VAL A 34 ? ASP A 26 VAL A 34 1 ? 9 
# 
_struct_conf_type.id          HELX_P 
_struct_conf_type.criteria    ? 
_struct_conf_type.reference   ? 
# 
_struct_conn.id                            covale1 
_struct_conn.conn_type_id                  covale 
_struct_conn.pdbx_leaving_atom_flag        one 
_struct_conn.pdbx_PDB_id                   ? 
_struct_conn.ptnr1_label_asym_id           A 
_struct_conn.ptnr1_label_comp_id           LYS 
_struct_conn.ptnr1_label_seq_id            108 
_struct_conn.ptnr1_label_atom_id           NZ 
_struct_conn.pdbx_ptnr1_label_alt_id       ? 
_struct_conn.pdbx_ptnr1_PDB_ins_code       ? 
_struct_conn.pdbx_ptnr1_standard_comp_id   ? 
_struct_conn.ptnr1_symmetry                1_555 
_struct_conn.ptnr2_label_asym_id           C 
_struct_conn.ptnr2_label_comp_id           RET 
_struct_conn.ptnr2_label_seq_id            . 
_struct_conn.ptnr2_label_atom_id           C15 
_struct_conn.pdbx_ptnr2_label_alt_id       ? 
_struct_conn.pdbx_ptnr2_PDB_ins_code       ? 
_struct_conn.ptnr1_auth_asym_id            A 
_struct_conn.ptnr1_auth_comp_id            LYS 
_struct_conn.ptnr1_auth_seq_id             108 
_struct_conn.ptnr2_auth_asym_id            A 
_struct_conn.ptnr2_auth_comp_id            RET 
_struct_conn.ptnr2_auth_seq_id             202 
_struct_conn.ptnr2_symmetry                1_555 
_struct_conn.pdbx_ptnr3_label_atom_id      ? 
_struct_conn.pdbx_ptnr3_label_seq_id       ? 
_struct_conn.pdbx_ptnr3_label_comp_id      ? 
_struct_conn.pdbx_ptnr3_label_asym_id      ? 
_struct_conn.pdbx_ptnr3_label_alt_id       ? 
_struct_conn.pdbx_ptnr3_PDB_ins_code       ? 
_struct_conn.details                       ? 
_struct_conn.pdbx_dist_value               1.263 
_struct_conn.pdbx_value_order              ? 
_struct_conn.pdbx_role                     ? 
# 
_struct_conn_type.id          covale 
_struct_conn_type.criteria    ? 
_struct_conn_type.reference   ? 
# 
_pdbx_modification_feature.ordinal                            1 
_pdbx_modification_feature.label_comp_id                      RET 
_pdbx_modification_feature.label_asym_id                      C 
_pdbx_modification_feature.label_seq_id                       . 
_pdbx_modification_feature.label_alt_id                       ? 
_pdbx_modification_feature.modified_residue_label_comp_id     LYS 
_pdbx_modification_feature.modified_residue_label_asym_id     A 
_pdbx_modification_feature.modified_residue_label_seq_id      108 
_pdbx_modification_feature.modified_residue_label_alt_id      ? 
_pdbx_modification_feature.auth_comp_id                       RET 
_pdbx_modification_feature.auth_asym_id                       A 
_pdbx_modification_feature.auth_seq_id                        202 
_pdbx_modification_feature.PDB_ins_code                       ? 
_pdbx_modification_feature.symmetry                           1_555 
_pdbx_modification_feature.modified_residue_auth_comp_id      LYS 
_pdbx_modification_feature.modified_residue_auth_asym_id      A 
_pdbx_modification_feature.modified_residue_auth_seq_id       108 
_pdbx_modification_feature.modified_residue_PDB_ins_code      ? 
_pdbx_modification_feature.modified_residue_symmetry          1_555 
_pdbx_modification_feature.comp_id_linking_atom               C15 
_pdbx_modification_feature.modified_residue_id_linking_atom   NZ 
_pdbx_modification_feature.modified_residue_id                LYS 
_pdbx_modification_feature.ref_pcm_id                         1 
_pdbx_modification_feature.ref_comp_id                        RET 
_pdbx_modification_feature.type                               Retinoylation 
_pdbx_modification_feature.category                           Lipid/lipid-like 
# 
loop_
_struct_sheet.id 
_struct_sheet.type 
_struct_sheet.number_strands 
_struct_sheet.details 
AA1 ? 3 ? 
AA2 ? 6 ? 
# 
loop_
_struct_sheet_order.sheet_id 
_struct_sheet_order.range_id_1 
_struct_sheet_order.range_id_2 
_struct_sheet_order.offset 
_struct_sheet_order.sense 
AA1 1 2 ? anti-parallel 
AA1 2 3 ? anti-parallel 
AA2 1 2 ? anti-parallel 
AA2 2 3 ? anti-parallel 
AA2 3 4 ? anti-parallel 
AA2 4 5 ? anti-parallel 
AA2 5 6 ? anti-parallel 
# 
loop_
_struct_sheet_range.sheet_id 
_struct_sheet_range.id 
_struct_sheet_range.beg_label_comp_id 
_struct_sheet_range.beg_label_asym_id 
_struct_sheet_range.beg_label_seq_id 
_struct_sheet_range.pdbx_beg_PDB_ins_code 
_struct_sheet_range.end_label_comp_id 
_struct_sheet_range.end_label_asym_id 
_struct_sheet_range.end_label_seq_id 
_struct_sheet_range.pdbx_end_PDB_ins_code 
_struct_sheet_range.beg_auth_comp_id 
_struct_sheet_range.beg_auth_asym_id 
_struct_sheet_range.beg_auth_seq_id 
_struct_sheet_range.end_auth_comp_id 
_struct_sheet_range.end_auth_asym_id 
_struct_sheet_range.end_auth_seq_id 
AA1 1 GLY A 6   ? GLU A 9   ? GLY A 6   GLU A 9   
AA1 2 THR A 37  ? ASP A 45  ? THR A 37  ASP A 45  
AA1 3 ASN A 48  ? THR A 56  ? ASN A 48  THR A 56  
AA2 1 PHE A 70  ? TYR A 73  ? PHE A 70  TYR A 73  
AA2 2 HIS A 81  ? GLU A 89  ? HIS A 81  GLU A 89  
AA2 3 VAL A 92  ? LYS A 98  ? VAL A 92  LYS A 98  
AA2 4 GLY A 105 ? GLU A 111 ? GLY A 105 GLU A 111 
AA2 5 LYS A 114 ? CYS A 121 ? LYS A 114 CYS A 121 
AA2 6 GLN A 124 ? LYS A 131 ? GLN A 124 LYS A 131 
# 
loop_
_pdbx_struct_sheet_hbond.sheet_id 
_pdbx_struct_sheet_hbond.range_id_1 
_pdbx_struct_sheet_hbond.range_id_2 
_pdbx_struct_sheet_hbond.range_1_label_atom_id 
_pdbx_struct_sheet_hbond.range_1_label_comp_id 
_pdbx_struct_sheet_hbond.range_1_label_asym_id 
_pdbx_struct_sheet_hbond.range_1_label_seq_id 
_pdbx_struct_sheet_hbond.range_1_PDB_ins_code 
_pdbx_struct_sheet_hbond.range_1_auth_atom_id 
_pdbx_struct_sheet_hbond.range_1_auth_comp_id 
_pdbx_struct_sheet_hbond.range_1_auth_asym_id 
_pdbx_struct_sheet_hbond.range_1_auth_seq_id 
_pdbx_struct_sheet_hbond.range_2_label_atom_id 
_pdbx_struct_sheet_hbond.range_2_label_comp_id 
_pdbx_struct_sheet_hbond.range_2_label_asym_id 
_pdbx_struct_sheet_hbond.range_2_label_seq_id 
_pdbx_struct_sheet_hbond.range_2_PDB_ins_code 
_pdbx_struct_sheet_hbond.range_2_auth_atom_id 
_pdbx_struct_sheet_hbond.range_2_auth_comp_id 
_pdbx_struct_sheet_hbond.range_2_auth_asym_id 
_pdbx_struct_sheet_hbond.range_2_auth_seq_id 
AA1 1 2 N TRP A 8   ? N TRP A 8   O LEU A 40  ? O LEU A 40  
AA1 2 3 N VAL A 41  ? N VAL A 41  O LYS A 52  ? O LYS A 52  
AA2 1 2 N GLU A 72  ? N GLU A 72  O VAL A 82  ? O VAL A 82  
AA2 2 3 N THR A 87  ? N THR A 87  O VAL A 94  ? O VAL A 94  
AA2 3 4 N CYS A 95  ? N CYS A 95  O TRP A 106 ? O TRP A 106 
AA2 4 5 N TRP A 109 ? N TRP A 109 O TYR A 116 ? O TYR A 116 
AA2 5 6 N LEU A 117 ? N LEU A 117 O GLN A 128 ? O GLN A 128 
# 
loop_
_struct_site.id 
_struct_site.pdbx_evidence_code 
_struct_site.pdbx_auth_asym_id 
_struct_site.pdbx_auth_comp_id 
_struct_site.pdbx_auth_seq_id 
_struct_site.pdbx_auth_ins_code 
_struct_site.pdbx_num_residues 
_struct_site.details 
AC1 Software A ACT 201 ? 4 'binding site for residue ACT A 201' 
AC2 Software A RET 202 ? 3 'binding site for residue RET A 202' 
# 
loop_
_struct_site_gen.id 
_struct_site_gen.site_id 
_struct_site_gen.pdbx_num_res 
_struct_site_gen.label_comp_id 
_struct_site_gen.label_asym_id 
_struct_site_gen.label_seq_id 
_struct_site_gen.pdbx_auth_ins_code 
_struct_site_gen.auth_comp_id 
_struct_site_gen.auth_asym_id 
_struct_site_gen.auth_seq_id 
_struct_site_gen.label_atom_id 
_struct_site_gen.label_alt_id 
_struct_site_gen.symmetry 
_struct_site_gen.details 
1 AC1 4 ASN A 5   ? ASN A 5   . ? 2_774 ? 
2 AC1 4 ASP A 43  ? ASP A 43  . ? 2_774 ? 
3 AC1 4 GLN A 44  ? GLN A 44  . ? 2_774 ? 
4 AC1 4 ARG A 80  ? ARG A 80  . ? 1_555 ? 
5 AC2 3 PHE A 51  ? PHE A 51  . ? 2_775 ? 
6 AC2 3 TRP A 106 ? TRP A 106 . ? 1_555 ? 
7 AC2 3 LYS A 108 ? LYS A 108 . ? 1_555 ? 
# 
_pdbx_entry_details.entry_id                   6E6L 
_pdbx_entry_details.compound_details           ? 
_pdbx_entry_details.source_details             ? 
_pdbx_entry_details.nonpolymer_details         ? 
_pdbx_entry_details.sequence_details           ? 
_pdbx_entry_details.has_ligand_of_interest     ? 
_pdbx_entry_details.has_protein_modification   Y 
# 
_pdbx_validate_torsion.id              1 
_pdbx_validate_torsion.PDB_model_num   1 
_pdbx_validate_torsion.auth_comp_id    LEU 
_pdbx_validate_torsion.auth_asym_id    A 
_pdbx_validate_torsion.auth_seq_id     77 
_pdbx_validate_torsion.PDB_ins_code    ? 
_pdbx_validate_torsion.label_alt_id    ? 
_pdbx_validate_torsion.phi             -127.58 
_pdbx_validate_torsion.psi             -103.34 
# 
loop_
_chem_comp_atom.comp_id 
_chem_comp_atom.atom_id 
_chem_comp_atom.type_symbol 
_chem_comp_atom.pdbx_aromatic_flag 
_chem_comp_atom.pdbx_stereo_config 
_chem_comp_atom.pdbx_ordinal 
ACT C    C N N 1   
ACT O    O N N 2   
ACT OXT  O N N 3   
ACT CH3  C N N 4   
ACT H1   H N N 5   
ACT H2   H N N 6   
ACT H3   H N N 7   
ALA N    N N N 8   
ALA CA   C N S 9   
ALA C    C N N 10  
ALA O    O N N 11  
ALA CB   C N N 12  
ALA OXT  O N N 13  
ALA H    H N N 14  
ALA H2   H N N 15  
ALA HA   H N N 16  
ALA HB1  H N N 17  
ALA HB2  H N N 18  
ALA HB3  H N N 19  
ALA HXT  H N N 20  
ARG N    N N N 21  
ARG CA   C N S 22  
ARG C    C N N 23  
ARG O    O N N 24  
ARG CB   C N N 25  
ARG CG   C N N 26  
ARG CD   C N N 27  
ARG NE   N N N 28  
ARG CZ   C N N 29  
ARG NH1  N N N 30  
ARG NH2  N N N 31  
ARG OXT  O N N 32  
ARG H    H N N 33  
ARG H2   H N N 34  
ARG HA   H N N 35  
ARG HB2  H N N 36  
ARG HB3  H N N 37  
ARG HG2  H N N 38  
ARG HG3  H N N 39  
ARG HD2  H N N 40  
ARG HD3  H N N 41  
ARG HE   H N N 42  
ARG HH11 H N N 43  
ARG HH12 H N N 44  
ARG HH21 H N N 45  
ARG HH22 H N N 46  
ARG HXT  H N N 47  
ASN N    N N N 48  
ASN CA   C N S 49  
ASN C    C N N 50  
ASN O    O N N 51  
ASN CB   C N N 52  
ASN CG   C N N 53  
ASN OD1  O N N 54  
ASN ND2  N N N 55  
ASN OXT  O N N 56  
ASN H    H N N 57  
ASN H2   H N N 58  
ASN HA   H N N 59  
ASN HB2  H N N 60  
ASN HB3  H N N 61  
ASN HD21 H N N 62  
ASN HD22 H N N 63  
ASN HXT  H N N 64  
ASP N    N N N 65  
ASP CA   C N S 66  
ASP C    C N N 67  
ASP O    O N N 68  
ASP CB   C N N 69  
ASP CG   C N N 70  
ASP OD1  O N N 71  
ASP OD2  O N N 72  
ASP OXT  O N N 73  
ASP H    H N N 74  
ASP H2   H N N 75  
ASP HA   H N N 76  
ASP HB2  H N N 77  
ASP HB3  H N N 78  
ASP HD2  H N N 79  
ASP HXT  H N N 80  
CYS N    N N N 81  
CYS CA   C N R 82  
CYS C    C N N 83  
CYS O    O N N 84  
CYS CB   C N N 85  
CYS SG   S N N 86  
CYS OXT  O N N 87  
CYS H    H N N 88  
CYS H2   H N N 89  
CYS HA   H N N 90  
CYS HB2  H N N 91  
CYS HB3  H N N 92  
CYS HG   H N N 93  
CYS HXT  H N N 94  
GLN N    N N N 95  
GLN CA   C N S 96  
GLN C    C N N 97  
GLN O    O N N 98  
GLN CB   C N N 99  
GLN CG   C N N 100 
GLN CD   C N N 101 
GLN OE1  O N N 102 
GLN NE2  N N N 103 
GLN OXT  O N N 104 
GLN H    H N N 105 
GLN H2   H N N 106 
GLN HA   H N N 107 
GLN HB2  H N N 108 
GLN HB3  H N N 109 
GLN HG2  H N N 110 
GLN HG3  H N N 111 
GLN HE21 H N N 112 
GLN HE22 H N N 113 
GLN HXT  H N N 114 
GLU N    N N N 115 
GLU CA   C N S 116 
GLU C    C N N 117 
GLU O    O N N 118 
GLU CB   C N N 119 
GLU CG   C N N 120 
GLU CD   C N N 121 
GLU OE1  O N N 122 
GLU OE2  O N N 123 
GLU OXT  O N N 124 
GLU H    H N N 125 
GLU H2   H N N 126 
GLU HA   H N N 127 
GLU HB2  H N N 128 
GLU HB3  H N N 129 
GLU HG2  H N N 130 
GLU HG3  H N N 131 
GLU HE2  H N N 132 
GLU HXT  H N N 133 
GLY N    N N N 134 
GLY CA   C N N 135 
GLY C    C N N 136 
GLY O    O N N 137 
GLY OXT  O N N 138 
GLY H    H N N 139 
GLY H2   H N N 140 
GLY HA2  H N N 141 
GLY HA3  H N N 142 
GLY HXT  H N N 143 
HIS N    N N N 144 
HIS CA   C N S 145 
HIS C    C N N 146 
HIS O    O N N 147 
HIS CB   C N N 148 
HIS CG   C Y N 149 
HIS ND1  N Y N 150 
HIS CD2  C Y N 151 
HIS CE1  C Y N 152 
HIS NE2  N Y N 153 
HIS OXT  O N N 154 
HIS H    H N N 155 
HIS H2   H N N 156 
HIS HA   H N N 157 
HIS HB2  H N N 158 
HIS HB3  H N N 159 
HIS HD1  H N N 160 
HIS HD2  H N N 161 
HIS HE1  H N N 162 
HIS HE2  H N N 163 
HIS HXT  H N N 164 
HOH O    O N N 165 
HOH H1   H N N 166 
HOH H2   H N N 167 
ILE N    N N N 168 
ILE CA   C N S 169 
ILE C    C N N 170 
ILE O    O N N 171 
ILE CB   C N S 172 
ILE CG1  C N N 173 
ILE CG2  C N N 174 
ILE CD1  C N N 175 
ILE OXT  O N N 176 
ILE H    H N N 177 
ILE H2   H N N 178 
ILE HA   H N N 179 
ILE HB   H N N 180 
ILE HG12 H N N 181 
ILE HG13 H N N 182 
ILE HG21 H N N 183 
ILE HG22 H N N 184 
ILE HG23 H N N 185 
ILE HD11 H N N 186 
ILE HD12 H N N 187 
ILE HD13 H N N 188 
ILE HXT  H N N 189 
LEU N    N N N 190 
LEU CA   C N S 191 
LEU C    C N N 192 
LEU O    O N N 193 
LEU CB   C N N 194 
LEU CG   C N N 195 
LEU CD1  C N N 196 
LEU CD2  C N N 197 
LEU OXT  O N N 198 
LEU H    H N N 199 
LEU H2   H N N 200 
LEU HA   H N N 201 
LEU HB2  H N N 202 
LEU HB3  H N N 203 
LEU HG   H N N 204 
LEU HD11 H N N 205 
LEU HD12 H N N 206 
LEU HD13 H N N 207 
LEU HD21 H N N 208 
LEU HD22 H N N 209 
LEU HD23 H N N 210 
LEU HXT  H N N 211 
LYS N    N N N 212 
LYS CA   C N S 213 
LYS C    C N N 214 
LYS O    O N N 215 
LYS CB   C N N 216 
LYS CG   C N N 217 
LYS CD   C N N 218 
LYS CE   C N N 219 
LYS NZ   N N N 220 
LYS OXT  O N N 221 
LYS H    H N N 222 
LYS H2   H N N 223 
LYS HA   H N N 224 
LYS HB2  H N N 225 
LYS HB3  H N N 226 
LYS HG2  H N N 227 
LYS HG3  H N N 228 
LYS HD2  H N N 229 
LYS HD3  H N N 230 
LYS HE2  H N N 231 
LYS HE3  H N N 232 
LYS HZ1  H N N 233 
LYS HZ2  H N N 234 
LYS HZ3  H N N 235 
LYS HXT  H N N 236 
MET N    N N N 237 
MET CA   C N S 238 
MET C    C N N 239 
MET O    O N N 240 
MET CB   C N N 241 
MET CG   C N N 242 
MET SD   S N N 243 
MET CE   C N N 244 
MET OXT  O N N 245 
MET H    H N N 246 
MET H2   H N N 247 
MET HA   H N N 248 
MET HB2  H N N 249 
MET HB3  H N N 250 
MET HG2  H N N 251 
MET HG3  H N N 252 
MET HE1  H N N 253 
MET HE2  H N N 254 
MET HE3  H N N 255 
MET HXT  H N N 256 
PHE N    N N N 257 
PHE CA   C N S 258 
PHE C    C N N 259 
PHE O    O N N 260 
PHE CB   C N N 261 
PHE CG   C Y N 262 
PHE CD1  C Y N 263 
PHE CD2  C Y N 264 
PHE CE1  C Y N 265 
PHE CE2  C Y N 266 
PHE CZ   C Y N 267 
PHE OXT  O N N 268 
PHE H    H N N 269 
PHE H2   H N N 270 
PHE HA   H N N 271 
PHE HB2  H N N 272 
PHE HB3  H N N 273 
PHE HD1  H N N 274 
PHE HD2  H N N 275 
PHE HE1  H N N 276 
PHE HE2  H N N 277 
PHE HZ   H N N 278 
PHE HXT  H N N 279 
RET C1   C N N 280 
RET C2   C N N 281 
RET C3   C N N 282 
RET C4   C N N 283 
RET C5   C N N 284 
RET C6   C N N 285 
RET C7   C N N 286 
RET C8   C N N 287 
RET C9   C N N 288 
RET C10  C N N 289 
RET C11  C N N 290 
RET C12  C N N 291 
RET C13  C N N 292 
RET C14  C N N 293 
RET C15  C N N 294 
RET O1   O N N 295 
RET C16  C N N 296 
RET C17  C N N 297 
RET C18  C N N 298 
RET C19  C N N 299 
RET C20  C N N 300 
RET H21  H N N 301 
RET H22  H N N 302 
RET H31  H N N 303 
RET H32  H N N 304 
RET H41  H N N 305 
RET H42  H N N 306 
RET H7   H N N 307 
RET H8   H N N 308 
RET H10  H N N 309 
RET H11  H N N 310 
RET H12  H N N 311 
RET H14  H N N 312 
RET H15  H N N 313 
RET H161 H N N 314 
RET H162 H N N 315 
RET H163 H N N 316 
RET H171 H N N 317 
RET H172 H N N 318 
RET H173 H N N 319 
RET H181 H N N 320 
RET H182 H N N 321 
RET H183 H N N 322 
RET H191 H N N 323 
RET H192 H N N 324 
RET H193 H N N 325 
RET H201 H N N 326 
RET H202 H N N 327 
RET H203 H N N 328 
SER N    N N N 329 
SER CA   C N S 330 
SER C    C N N 331 
SER O    O N N 332 
SER CB   C N N 333 
SER OG   O N N 334 
SER OXT  O N N 335 
SER H    H N N 336 
SER H2   H N N 337 
SER HA   H N N 338 
SER HB2  H N N 339 
SER HB3  H N N 340 
SER HG   H N N 341 
SER HXT  H N N 342 
THR N    N N N 343 
THR CA   C N S 344 
THR C    C N N 345 
THR O    O N N 346 
THR CB   C N R 347 
THR OG1  O N N 348 
THR CG2  C N N 349 
THR OXT  O N N 350 
THR H    H N N 351 
THR H2   H N N 352 
THR HA   H N N 353 
THR HB   H N N 354 
THR HG1  H N N 355 
THR HG21 H N N 356 
THR HG22 H N N 357 
THR HG23 H N N 358 
THR HXT  H N N 359 
TRP N    N N N 360 
TRP CA   C N S 361 
TRP C    C N N 362 
TRP O    O N N 363 
TRP CB   C N N 364 
TRP CG   C Y N 365 
TRP CD1  C Y N 366 
TRP CD2  C Y N 367 
TRP NE1  N Y N 368 
TRP CE2  C Y N 369 
TRP CE3  C Y N 370 
TRP CZ2  C Y N 371 
TRP CZ3  C Y N 372 
TRP CH2  C Y N 373 
TRP OXT  O N N 374 
TRP H    H N N 375 
TRP H2   H N N 376 
TRP HA   H N N 377 
TRP HB2  H N N 378 
TRP HB3  H N N 379 
TRP HD1  H N N 380 
TRP HE1  H N N 381 
TRP HE3  H N N 382 
TRP HZ2  H N N 383 
TRP HZ3  H N N 384 
TRP HH2  H N N 385 
TRP HXT  H N N 386 
TYR N    N N N 387 
TYR CA   C N S 388 
TYR C    C N N 389 
TYR O    O N N 390 
TYR CB   C N N 391 
TYR CG   C Y N 392 
TYR CD1  C Y N 393 
TYR CD2  C Y N 394 
TYR CE1  C Y N 395 
TYR CE2  C Y N 396 
TYR CZ   C Y N 397 
TYR OH   O N N 398 
TYR OXT  O N N 399 
TYR H    H N N 400 
TYR H2   H N N 401 
TYR HA   H N N 402 
TYR HB2  H N N 403 
TYR HB3  H N N 404 
TYR HD1  H N N 405 
TYR HD2  H N N 406 
TYR HE1  H N N 407 
TYR HE2  H N N 408 
TYR HH   H N N 409 
TYR HXT  H N N 410 
VAL N    N N N 411 
VAL CA   C N S 412 
VAL C    C N N 413 
VAL O    O N N 414 
VAL CB   C N N 415 
VAL CG1  C N N 416 
VAL CG2  C N N 417 
VAL OXT  O N N 418 
VAL H    H N N 419 
VAL H2   H N N 420 
VAL HA   H N N 421 
VAL HB   H N N 422 
VAL HG11 H N N 423 
VAL HG12 H N N 424 
VAL HG13 H N N 425 
VAL HG21 H N N 426 
VAL HG22 H N N 427 
VAL HG23 H N N 428 
VAL HXT  H N N 429 
# 
loop_
_chem_comp_bond.comp_id 
_chem_comp_bond.atom_id_1 
_chem_comp_bond.atom_id_2 
_chem_comp_bond.value_order 
_chem_comp_bond.pdbx_aromatic_flag 
_chem_comp_bond.pdbx_stereo_config 
_chem_comp_bond.pdbx_ordinal 
ACT C   O    doub N N 1   
ACT C   OXT  sing N N 2   
ACT C   CH3  sing N N 3   
ACT CH3 H1   sing N N 4   
ACT CH3 H2   sing N N 5   
ACT CH3 H3   sing N N 6   
ALA N   CA   sing N N 7   
ALA N   H    sing N N 8   
ALA N   H2   sing N N 9   
ALA CA  C    sing N N 10  
ALA CA  CB   sing N N 11  
ALA CA  HA   sing N N 12  
ALA C   O    doub N N 13  
ALA C   OXT  sing N N 14  
ALA CB  HB1  sing N N 15  
ALA CB  HB2  sing N N 16  
ALA CB  HB3  sing N N 17  
ALA OXT HXT  sing N N 18  
ARG N   CA   sing N N 19  
ARG N   H    sing N N 20  
ARG N   H2   sing N N 21  
ARG CA  C    sing N N 22  
ARG CA  CB   sing N N 23  
ARG CA  HA   sing N N 24  
ARG C   O    doub N N 25  
ARG C   OXT  sing N N 26  
ARG CB  CG   sing N N 27  
ARG CB  HB2  sing N N 28  
ARG CB  HB3  sing N N 29  
ARG CG  CD   sing N N 30  
ARG CG  HG2  sing N N 31  
ARG CG  HG3  sing N N 32  
ARG CD  NE   sing N N 33  
ARG CD  HD2  sing N N 34  
ARG CD  HD3  sing N N 35  
ARG NE  CZ   sing N N 36  
ARG NE  HE   sing N N 37  
ARG CZ  NH1  sing N N 38  
ARG CZ  NH2  doub N N 39  
ARG NH1 HH11 sing N N 40  
ARG NH1 HH12 sing N N 41  
ARG NH2 HH21 sing N N 42  
ARG NH2 HH22 sing N N 43  
ARG OXT HXT  sing N N 44  
ASN N   CA   sing N N 45  
ASN N   H    sing N N 46  
ASN N   H2   sing N N 47  
ASN CA  C    sing N N 48  
ASN CA  CB   sing N N 49  
ASN CA  HA   sing N N 50  
ASN C   O    doub N N 51  
ASN C   OXT  sing N N 52  
ASN CB  CG   sing N N 53  
ASN CB  HB2  sing N N 54  
ASN CB  HB3  sing N N 55  
ASN CG  OD1  doub N N 56  
ASN CG  ND2  sing N N 57  
ASN ND2 HD21 sing N N 58  
ASN ND2 HD22 sing N N 59  
ASN OXT HXT  sing N N 60  
ASP N   CA   sing N N 61  
ASP N   H    sing N N 62  
ASP N   H2   sing N N 63  
ASP CA  C    sing N N 64  
ASP CA  CB   sing N N 65  
ASP CA  HA   sing N N 66  
ASP C   O    doub N N 67  
ASP C   OXT  sing N N 68  
ASP CB  CG   sing N N 69  
ASP CB  HB2  sing N N 70  
ASP CB  HB3  sing N N 71  
ASP CG  OD1  doub N N 72  
ASP CG  OD2  sing N N 73  
ASP OD2 HD2  sing N N 74  
ASP OXT HXT  sing N N 75  
CYS N   CA   sing N N 76  
CYS N   H    sing N N 77  
CYS N   H2   sing N N 78  
CYS CA  C    sing N N 79  
CYS CA  CB   sing N N 80  
CYS CA  HA   sing N N 81  
CYS C   O    doub N N 82  
CYS C   OXT  sing N N 83  
CYS CB  SG   sing N N 84  
CYS CB  HB2  sing N N 85  
CYS CB  HB3  sing N N 86  
CYS SG  HG   sing N N 87  
CYS OXT HXT  sing N N 88  
GLN N   CA   sing N N 89  
GLN N   H    sing N N 90  
GLN N   H2   sing N N 91  
GLN CA  C    sing N N 92  
GLN CA  CB   sing N N 93  
GLN CA  HA   sing N N 94  
GLN C   O    doub N N 95  
GLN C   OXT  sing N N 96  
GLN CB  CG   sing N N 97  
GLN CB  HB2  sing N N 98  
GLN CB  HB3  sing N N 99  
GLN CG  CD   sing N N 100 
GLN CG  HG2  sing N N 101 
GLN CG  HG3  sing N N 102 
GLN CD  OE1  doub N N 103 
GLN CD  NE2  sing N N 104 
GLN NE2 HE21 sing N N 105 
GLN NE2 HE22 sing N N 106 
GLN OXT HXT  sing N N 107 
GLU N   CA   sing N N 108 
GLU N   H    sing N N 109 
GLU N   H2   sing N N 110 
GLU CA  C    sing N N 111 
GLU CA  CB   sing N N 112 
GLU CA  HA   sing N N 113 
GLU C   O    doub N N 114 
GLU C   OXT  sing N N 115 
GLU CB  CG   sing N N 116 
GLU CB  HB2  sing N N 117 
GLU CB  HB3  sing N N 118 
GLU CG  CD   sing N N 119 
GLU CG  HG2  sing N N 120 
GLU CG  HG3  sing N N 121 
GLU CD  OE1  doub N N 122 
GLU CD  OE2  sing N N 123 
GLU OE2 HE2  sing N N 124 
GLU OXT HXT  sing N N 125 
GLY N   CA   sing N N 126 
GLY N   H    sing N N 127 
GLY N   H2   sing N N 128 
GLY CA  C    sing N N 129 
GLY CA  HA2  sing N N 130 
GLY CA  HA3  sing N N 131 
GLY C   O    doub N N 132 
GLY C   OXT  sing N N 133 
GLY OXT HXT  sing N N 134 
HIS N   CA   sing N N 135 
HIS N   H    sing N N 136 
HIS N   H2   sing N N 137 
HIS CA  C    sing N N 138 
HIS CA  CB   sing N N 139 
HIS CA  HA   sing N N 140 
HIS C   O    doub N N 141 
HIS C   OXT  sing N N 142 
HIS CB  CG   sing N N 143 
HIS CB  HB2  sing N N 144 
HIS CB  HB3  sing N N 145 
HIS CG  ND1  sing Y N 146 
HIS CG  CD2  doub Y N 147 
HIS ND1 CE1  doub Y N 148 
HIS ND1 HD1  sing N N 149 
HIS CD2 NE2  sing Y N 150 
HIS CD2 HD2  sing N N 151 
HIS CE1 NE2  sing Y N 152 
HIS CE1 HE1  sing N N 153 
HIS NE2 HE2  sing N N 154 
HIS OXT HXT  sing N N 155 
HOH O   H1   sing N N 156 
HOH O   H2   sing N N 157 
ILE N   CA   sing N N 158 
ILE N   H    sing N N 159 
ILE N   H2   sing N N 160 
ILE CA  C    sing N N 161 
ILE CA  CB   sing N N 162 
ILE CA  HA   sing N N 163 
ILE C   O    doub N N 164 
ILE C   OXT  sing N N 165 
ILE CB  CG1  sing N N 166 
ILE CB  CG2  sing N N 167 
ILE CB  HB   sing N N 168 
ILE CG1 CD1  sing N N 169 
ILE CG1 HG12 sing N N 170 
ILE CG1 HG13 sing N N 171 
ILE CG2 HG21 sing N N 172 
ILE CG2 HG22 sing N N 173 
ILE CG2 HG23 sing N N 174 
ILE CD1 HD11 sing N N 175 
ILE CD1 HD12 sing N N 176 
ILE CD1 HD13 sing N N 177 
ILE OXT HXT  sing N N 178 
LEU N   CA   sing N N 179 
LEU N   H    sing N N 180 
LEU N   H2   sing N N 181 
LEU CA  C    sing N N 182 
LEU CA  CB   sing N N 183 
LEU CA  HA   sing N N 184 
LEU C   O    doub N N 185 
LEU C   OXT  sing N N 186 
LEU CB  CG   sing N N 187 
LEU CB  HB2  sing N N 188 
LEU CB  HB3  sing N N 189 
LEU CG  CD1  sing N N 190 
LEU CG  CD2  sing N N 191 
LEU CG  HG   sing N N 192 
LEU CD1 HD11 sing N N 193 
LEU CD1 HD12 sing N N 194 
LEU CD1 HD13 sing N N 195 
LEU CD2 HD21 sing N N 196 
LEU CD2 HD22 sing N N 197 
LEU CD2 HD23 sing N N 198 
LEU OXT HXT  sing N N 199 
LYS N   CA   sing N N 200 
LYS N   H    sing N N 201 
LYS N   H2   sing N N 202 
LYS CA  C    sing N N 203 
LYS CA  CB   sing N N 204 
LYS CA  HA   sing N N 205 
LYS C   O    doub N N 206 
LYS C   OXT  sing N N 207 
LYS CB  CG   sing N N 208 
LYS CB  HB2  sing N N 209 
LYS CB  HB3  sing N N 210 
LYS CG  CD   sing N N 211 
LYS CG  HG2  sing N N 212 
LYS CG  HG3  sing N N 213 
LYS CD  CE   sing N N 214 
LYS CD  HD2  sing N N 215 
LYS CD  HD3  sing N N 216 
LYS CE  NZ   sing N N 217 
LYS CE  HE2  sing N N 218 
LYS CE  HE3  sing N N 219 
LYS NZ  HZ1  sing N N 220 
LYS NZ  HZ2  sing N N 221 
LYS NZ  HZ3  sing N N 222 
LYS OXT HXT  sing N N 223 
MET N   CA   sing N N 224 
MET N   H    sing N N 225 
MET N   H2   sing N N 226 
MET CA  C    sing N N 227 
MET CA  CB   sing N N 228 
MET CA  HA   sing N N 229 
MET C   O    doub N N 230 
MET C   OXT  sing N N 231 
MET CB  CG   sing N N 232 
MET CB  HB2  sing N N 233 
MET CB  HB3  sing N N 234 
MET CG  SD   sing N N 235 
MET CG  HG2  sing N N 236 
MET CG  HG3  sing N N 237 
MET SD  CE   sing N N 238 
MET CE  HE1  sing N N 239 
MET CE  HE2  sing N N 240 
MET CE  HE3  sing N N 241 
MET OXT HXT  sing N N 242 
PHE N   CA   sing N N 243 
PHE N   H    sing N N 244 
PHE N   H2   sing N N 245 
PHE CA  C    sing N N 246 
PHE CA  CB   sing N N 247 
PHE CA  HA   sing N N 248 
PHE C   O    doub N N 249 
PHE C   OXT  sing N N 250 
PHE CB  CG   sing N N 251 
PHE CB  HB2  sing N N 252 
PHE CB  HB3  sing N N 253 
PHE CG  CD1  doub Y N 254 
PHE CG  CD2  sing Y N 255 
PHE CD1 CE1  sing Y N 256 
PHE CD1 HD1  sing N N 257 
PHE CD2 CE2  doub Y N 258 
PHE CD2 HD2  sing N N 259 
PHE CE1 CZ   doub Y N 260 
PHE CE1 HE1  sing N N 261 
PHE CE2 CZ   sing Y N 262 
PHE CE2 HE2  sing N N 263 
PHE CZ  HZ   sing N N 264 
PHE OXT HXT  sing N N 265 
RET C1  C2   sing N N 266 
RET C1  C6   sing N N 267 
RET C1  C16  sing N N 268 
RET C1  C17  sing N N 269 
RET C2  C3   sing N N 270 
RET C2  H21  sing N N 271 
RET C2  H22  sing N N 272 
RET C3  C4   sing N N 273 
RET C3  H31  sing N N 274 
RET C3  H32  sing N N 275 
RET C4  C5   sing N N 276 
RET C4  H41  sing N N 277 
RET C4  H42  sing N N 278 
RET C5  C6   doub N N 279 
RET C5  C18  sing N N 280 
RET C6  C7   sing N N 281 
RET C7  C8   doub N E 282 
RET C7  H7   sing N N 283 
RET C8  C9   sing N N 284 
RET C8  H8   sing N N 285 
RET C9  C10  doub N E 286 
RET C9  C19  sing N N 287 
RET C10 C11  sing N N 288 
RET C10 H10  sing N N 289 
RET C11 C12  doub N E 290 
RET C11 H11  sing N N 291 
RET C12 C13  sing N N 292 
RET C12 H12  sing N N 293 
RET C13 C14  doub N E 294 
RET C13 C20  sing N N 295 
RET C14 C15  sing N N 296 
RET C14 H14  sing N N 297 
RET C15 O1   doub N N 298 
RET C15 H15  sing N N 299 
RET C16 H161 sing N N 300 
RET C16 H162 sing N N 301 
RET C16 H163 sing N N 302 
RET C17 H171 sing N N 303 
RET C17 H172 sing N N 304 
RET C17 H173 sing N N 305 
RET C18 H181 sing N N 306 
RET C18 H182 sing N N 307 
RET C18 H183 sing N N 308 
RET C19 H191 sing N N 309 
RET C19 H192 sing N N 310 
RET C19 H193 sing N N 311 
RET C20 H201 sing N N 312 
RET C20 H202 sing N N 313 
RET C20 H203 sing N N 314 
SER N   CA   sing N N 315 
SER N   H    sing N N 316 
SER N   H2   sing N N 317 
SER CA  C    sing N N 318 
SER CA  CB   sing N N 319 
SER CA  HA   sing N N 320 
SER C   O    doub N N 321 
SER C   OXT  sing N N 322 
SER CB  OG   sing N N 323 
SER CB  HB2  sing N N 324 
SER CB  HB3  sing N N 325 
SER OG  HG   sing N N 326 
SER OXT HXT  sing N N 327 
THR N   CA   sing N N 328 
THR N   H    sing N N 329 
THR N   H2   sing N N 330 
THR CA  C    sing N N 331 
THR CA  CB   sing N N 332 
THR CA  HA   sing N N 333 
THR C   O    doub N N 334 
THR C   OXT  sing N N 335 
THR CB  OG1  sing N N 336 
THR CB  CG2  sing N N 337 
THR CB  HB   sing N N 338 
THR OG1 HG1  sing N N 339 
THR CG2 HG21 sing N N 340 
THR CG2 HG22 sing N N 341 
THR CG2 HG23 sing N N 342 
THR OXT HXT  sing N N 343 
TRP N   CA   sing N N 344 
TRP N   H    sing N N 345 
TRP N   H2   sing N N 346 
TRP CA  C    sing N N 347 
TRP CA  CB   sing N N 348 
TRP CA  HA   sing N N 349 
TRP C   O    doub N N 350 
TRP C   OXT  sing N N 351 
TRP CB  CG   sing N N 352 
TRP CB  HB2  sing N N 353 
TRP CB  HB3  sing N N 354 
TRP CG  CD1  doub Y N 355 
TRP CG  CD2  sing Y N 356 
TRP CD1 NE1  sing Y N 357 
TRP CD1 HD1  sing N N 358 
TRP CD2 CE2  doub Y N 359 
TRP CD2 CE3  sing Y N 360 
TRP NE1 CE2  sing Y N 361 
TRP NE1 HE1  sing N N 362 
TRP CE2 CZ2  sing Y N 363 
TRP CE3 CZ3  doub Y N 364 
TRP CE3 HE3  sing N N 365 
TRP CZ2 CH2  doub Y N 366 
TRP CZ2 HZ2  sing N N 367 
TRP CZ3 CH2  sing Y N 368 
TRP CZ3 HZ3  sing N N 369 
TRP CH2 HH2  sing N N 370 
TRP OXT HXT  sing N N 371 
TYR N   CA   sing N N 372 
TYR N   H    sing N N 373 
TYR N   H2   sing N N 374 
TYR CA  C    sing N N 375 
TYR CA  CB   sing N N 376 
TYR CA  HA   sing N N 377 
TYR C   O    doub N N 378 
TYR C   OXT  sing N N 379 
TYR CB  CG   sing N N 380 
TYR CB  HB2  sing N N 381 
TYR CB  HB3  sing N N 382 
TYR CG  CD1  doub Y N 383 
TYR CG  CD2  sing Y N 384 
TYR CD1 CE1  sing Y N 385 
TYR CD1 HD1  sing N N 386 
TYR CD2 CE2  doub Y N 387 
TYR CD2 HD2  sing N N 388 
TYR CE1 CZ   doub Y N 389 
TYR CE1 HE1  sing N N 390 
TYR CE2 CZ   sing Y N 391 
TYR CE2 HE2  sing N N 392 
TYR CZ  OH   sing N N 393 
TYR OH  HH   sing N N 394 
TYR OXT HXT  sing N N 395 
VAL N   CA   sing N N 396 
VAL N   H    sing N N 397 
VAL N   H2   sing N N 398 
VAL CA  C    sing N N 399 
VAL CA  CB   sing N N 400 
VAL CA  HA   sing N N 401 
VAL C   O    doub N N 402 
VAL C   OXT  sing N N 403 
VAL CB  CG1  sing N N 404 
VAL CB  CG2  sing N N 405 
VAL CB  HB   sing N N 406 
VAL CG1 HG11 sing N N 407 
VAL CG1 HG12 sing N N 408 
VAL CG1 HG13 sing N N 409 
VAL CG2 HG21 sing N N 410 
VAL CG2 HG22 sing N N 411 
VAL CG2 HG23 sing N N 412 
VAL OXT HXT  sing N N 413 
# 
_pdbx_audit_support.funding_organization   'National Institutes of Health/National Human Genome Research Institute (NIH/NHGRI)' 
_pdbx_audit_support.country                'United States' 
_pdbx_audit_support.grant_number           ? 
_pdbx_audit_support.ordinal                1 
# 
_pdbx_initial_refinement_model.id               1 
_pdbx_initial_refinement_model.entity_id_list   ? 
_pdbx_initial_refinement_model.type             'experimental model' 
_pdbx_initial_refinement_model.source_name      PDB 
_pdbx_initial_refinement_model.accession_code   2RCT 
_pdbx_initial_refinement_model.details          ? 
# 
_atom_sites.entry_id                    6E6L 
_atom_sites.fract_transf_matrix[1][1]   -0.00147730 
_atom_sites.fract_transf_matrix[1][2]   0.01422123 
_atom_sites.fract_transf_matrix[1][3]   -0.00644443 
_atom_sites.fract_transf_matrix[2][1]   0.01633874 
_atom_sites.fract_transf_matrix[2][2]   0.00216559 
_atom_sites.fract_transf_matrix[2][3]   0.00103348 
_atom_sites.fract_transf_matrix[3][1]   0.00302511 
_atom_sites.fract_transf_matrix[3][2]   -0.01095530 
_atom_sites.fract_transf_matrix[3][3]   -0.02486905 
_atom_sites.fract_transf_vector[1]      1.042387 
_atom_sites.fract_transf_vector[2]      1.099766 
_atom_sites.fract_transf_vector[3]      1.079415 
# 
loop_
_atom_type.symbol 
C 
N 
O 
S 
# 
loop_
_atom_site.group_PDB 
_atom_site.id 
_atom_site.type_symbol 
_atom_site.label_atom_id 
_atom_site.label_alt_id 
_atom_site.label_comp_id 
_atom_site.label_asym_id 
_atom_site.label_entity_id 
_atom_site.label_seq_id 
_atom_site.pdbx_PDB_ins_code 
_atom_site.Cartn_x 
_atom_site.Cartn_y 
_atom_site.Cartn_z 
_atom_site.occupancy 
_atom_site.B_iso_or_equiv 
_atom_site.pdbx_formal_charge 
_atom_site.auth_seq_id 
_atom_site.auth_comp_id 
_atom_site.auth_asym_id 
_atom_site.auth_atom_id 
_atom_site.pdbx_PDB_model_num 
ATOM   1    N N   . THR A 1 1   ? -30.505 -12.976 -14.692 1.00 51.98 ? 1   THR A N   1 
ATOM   2    C CA  . THR A 1 1   ? -29.809 -14.237 -14.423 1.00 51.53 ? 1   THR A CA  1 
ATOM   3    C C   . THR A 1 1   ? -29.454 -14.443 -12.948 1.00 50.44 ? 1   THR A C   1 
ATOM   4    O O   . THR A 1 1   ? -29.223 -13.482 -12.204 1.00 50.96 ? 1   THR A O   1 
ATOM   5    C CB  . THR A 1 1   ? -28.500 -14.360 -15.242 1.00 53.62 ? 1   THR A CB  1 
ATOM   6    O OG1 . THR A 1 1   ? -28.038 -15.713 -15.180 1.00 56.66 ? 1   THR A OG1 1 
ATOM   7    C CG2 . THR A 1 1   ? -27.402 -13.462 -14.689 1.00 47.32 ? 1   THR A CG2 1 
ATOM   8    N N   . ARG A 1 2   ? -29.436 -15.716 -12.539 1.00 48.22 ? 2   ARG A N   1 
ATOM   9    C CA  . ARG A 1 2   ? -28.941 -16.140 -11.237 1.00 40.38 ? 2   ARG A CA  1 
ATOM   10   C C   . ARG A 1 2   ? -27.452 -16.440 -11.256 1.00 40.83 ? 2   ARG A C   1 
ATOM   11   O O   . ARG A 1 2   ? -26.906 -16.892 -10.245 1.00 44.85 ? 2   ARG A O   1 
ATOM   12   C CB  . ARG A 1 2   ? -29.685 -17.389 -10.756 1.00 37.66 ? 2   ARG A CB  1 
ATOM   13   C CG  . ARG A 1 2   ? -31.071 -17.120 -10.242 1.00 40.13 ? 2   ARG A CG  1 
ATOM   14   C CD  . ARG A 1 2   ? -31.675 -18.329 -9.565  1.00 37.57 ? 2   ARG A CD  1 
ATOM   15   N NE  . ARG A 1 2   ? -32.951 -17.971 -8.951  1.00 37.97 ? 2   ARG A NE  1 
ATOM   16   C CZ  . ARG A 1 2   ? -33.797 -18.834 -8.397  1.00 45.55 ? 2   ARG A CZ  1 
ATOM   17   N NH1 . ARG A 1 2   ? -33.521 -20.129 -8.372  1.00 45.70 ? 2   ARG A NH1 1 
ATOM   18   N NH2 . ARG A 1 2   ? -34.929 -18.398 -7.859  1.00 38.56 ? 2   ARG A NH2 1 
ATOM   19   N N   . ASP A 1 3   ? -26.789 -16.230 -12.381 1.00 31.84 ? 3   ASP A N   1 
ATOM   20   C CA  . ASP A 1 3   ? -25.386 -16.577 -12.512 1.00 45.57 ? 3   ASP A CA  1 
ATOM   21   C C   . ASP A 1 3   ? -24.582 -15.363 -12.069 1.00 44.28 ? 3   ASP A C   1 
ATOM   22   O O   . ASP A 1 3   ? -24.487 -14.372 -12.801 1.00 38.67 ? 3   ASP A O   1 
ATOM   23   C CB  . ASP A 1 3   ? -25.069 -16.992 -13.947 1.00 40.97 ? 3   ASP A CB  1 
ATOM   24   C CG  . ASP A 1 3   ? -23.643 -17.475 -14.118 1.00 47.03 ? 3   ASP A CG  1 
ATOM   25   O OD1 . ASP A 1 3   ? -22.879 -17.451 -13.130 1.00 44.34 ? 3   ASP A OD1 1 
ATOM   26   O OD2 . ASP A 1 3   ? -23.283 -17.873 -15.246 1.00 45.30 ? 3   ASP A OD2 1 
ATOM   27   N N   . GLN A 1 4   ? -24.006 -15.437 -10.866 1.00 34.81 ? 4   GLN A N   1 
ATOM   28   C CA  . GLN A 1 4   ? -23.169 -14.357 -10.357 1.00 38.14 ? 4   GLN A CA  1 
ATOM   29   C C   . GLN A 1 4   ? -21.681 -14.682 -10.434 1.00 39.66 ? 4   GLN A C   1 
ATOM   30   O O   . GLN A 1 4   ? -20.869 -14.005 -9.795  1.00 34.54 ? 4   GLN A O   1 
ATOM   31   C CB  . GLN A 1 4   ? -23.594 -14.005 -8.931  1.00 37.75 ? 4   GLN A CB  1 
ATOM   32   C CG  . GLN A 1 4   ? -25.059 -13.626 -8.881  1.00 37.15 ? 4   GLN A CG  1 
ATOM   33   C CD  . GLN A 1 4   ? -25.514 -13.177 -7.518  1.00 37.85 ? 4   GLN A CD  1 
ATOM   34   O OE1 . GLN A 1 4   ? -24.783 -13.290 -6.542  1.00 36.00 ? 4   GLN A OE1 1 
ATOM   35   N NE2 . GLN A 1 4   ? -26.731 -12.663 -7.444  1.00 32.33 ? 4   GLN A NE2 1 
ATOM   36   N N   . ASN A 1 5   ? -21.310 -15.693 -11.227 1.00 37.82 ? 5   ASN A N   1 
ATOM   37   C CA  . ASN A 1 5   ? -19.907 -16.046 -11.425 1.00 37.33 ? 5   ASN A CA  1 
ATOM   38   C C   . ASN A 1 5   ? -19.097 -14.873 -11.943 1.00 37.06 ? 5   ASN A C   1 
ATOM   39   O O   . ASN A 1 5   ? -19.561 -14.100 -12.786 1.00 41.33 ? 5   ASN A O   1 
ATOM   40   C CB  . ASN A 1 5   ? -19.778 -17.185 -12.427 1.00 35.72 ? 5   ASN A CB  1 
ATOM   41   C CG  . ASN A 1 5   ? -19.750 -18.511 -11.766 1.00 37.95 ? 5   ASN A CG  1 
ATOM   42   O OD1 . ASN A 1 5   ? -18.741 -18.896 -11.177 1.00 39.74 ? 5   ASN A OD1 1 
ATOM   43   N ND2 . ASN A 1 5   ? -20.861 -19.242 -11.858 1.00 41.74 ? 5   ASN A ND2 1 
ATOM   44   N N   . GLY A 1 6   ? -17.856 -14.775 -11.475 1.00 34.65 ? 6   GLY A N   1 
ATOM   45   C CA  . GLY A 1 6   ? -16.939 -13.817 -12.059 1.00 35.98 ? 6   GLY A CA  1 
ATOM   46   C C   . GLY A 1 6   ? -16.012 -13.106 -11.094 1.00 37.52 ? 6   GLY A C   1 
ATOM   47   O O   . GLY A 1 6   ? -16.032 -13.347 -9.884  1.00 34.77 ? 6   GLY A O   1 
ATOM   48   N N   . THR A 1 7   ? -15.176 -12.230 -11.640 1.00 35.25 ? 7   THR A N   1 
ATOM   49   C CA  . THR A 1 7   ? -14.351 -11.322 -10.861 1.00 35.33 ? 7   THR A CA  1 
ATOM   50   C C   . THR A 1 7   ? -14.993 -9.949  -10.936 1.00 35.64 ? 7   THR A C   1 
ATOM   51   O O   . THR A 1 7   ? -15.218 -9.428  -12.032 1.00 37.72 ? 7   THR A O   1 
ATOM   52   C CB  . THR A 1 7   ? -12.919 -11.280 -11.392 1.00 42.26 ? 7   THR A CB  1 
ATOM   53   O OG1 . THR A 1 7   ? -12.306 -12.559 -11.192 1.00 33.09 ? 7   THR A OG1 1 
ATOM   54   C CG2 . THR A 1 7   ? -12.105 -10.230 -10.658 1.00 39.16 ? 7   THR A CG2 1 
ATOM   55   N N   . TRP A 1 8   ? -15.322 -9.381  -9.779  1.00 32.08 ? 8   TRP A N   1 
ATOM   56   C CA  . TRP A 1 8   ? -16.072 -8.135  -9.714  1.00 29.58 ? 8   TRP A CA  1 
ATOM   57   C C   . TRP A 1 8   ? -15.254 -7.083  -8.980  1.00 32.82 ? 8   TRP A C   1 
ATOM   58   O O   . TRP A 1 8   ? -14.795 -7.314  -7.854  1.00 31.55 ? 8   TRP A O   1 
ATOM   59   C CB  . TRP A 1 8   ? -17.424 -8.344  -9.023  1.00 31.96 ? 8   TRP A CB  1 
ATOM   60   C CG  . TRP A 1 8   ? -18.283 -9.397  -9.676  1.00 31.41 ? 8   TRP A CG  1 
ATOM   61   C CD1 . TRP A 1 8   ? -18.321 -10.728 -9.378  1.00 35.39 ? 8   TRP A CD1 1 
ATOM   62   C CD2 . TRP A 1 8   ? -19.231 -9.193  -10.734 1.00 33.58 ? 8   TRP A CD2 1 
ATOM   63   N NE1 . TRP A 1 8   ? -19.239 -11.368 -10.181 1.00 34.61 ? 8   TRP A NE1 1 
ATOM   64   C CE2 . TRP A 1 8   ? -19.807 -10.448 -11.026 1.00 37.23 ? 8   TRP A CE2 1 
ATOM   65   C CE3 . TRP A 1 8   ? -19.644 -8.069  -11.468 1.00 33.64 ? 8   TRP A CE3 1 
ATOM   66   C CZ2 . TRP A 1 8   ? -20.780 -10.614 -12.019 1.00 34.67 ? 8   TRP A CZ2 1 
ATOM   67   C CZ3 . TRP A 1 8   ? -20.624 -8.233  -12.448 1.00 35.16 ? 8   TRP A CZ3 1 
ATOM   68   C CH2 . TRP A 1 8   ? -21.175 -9.501  -12.715 1.00 36.46 ? 8   TRP A CH2 1 
ATOM   69   N N   . GLU A 1 9   ? -15.105 -5.926  -9.609  1.00 33.65 ? 9   GLU A N   1 
ATOM   70   C CA  . GLU A 1 9   ? -14.298 -4.831  -9.091  1.00 37.55 ? 9   GLU A CA  1 
ATOM   71   C C   . GLU A 1 9   ? -15.230 -3.710  -8.654  1.00 29.39 ? 9   GLU A C   1 
ATOM   72   O O   . GLU A 1 9   ? -16.056 -3.242  -9.443  1.00 31.00 ? 9   GLU A O   1 
ATOM   73   C CB  . GLU A 1 9   ? -13.308 -4.342  -10.150 1.00 39.50 ? 9   GLU A CB  1 
ATOM   74   C CG  . GLU A 1 9   ? -12.471 -3.134  -9.721  1.00 41.52 ? 9   GLU A CG  1 
ATOM   75   C CD  . GLU A 1 9   ? -11.296 -3.528  -8.850  1.00 60.53 ? 9   GLU A CD  1 
ATOM   76   O OE1 . GLU A 1 9   ? -10.679 -4.583  -9.133  1.00 65.66 ? 9   GLU A OE1 1 
ATOM   77   O OE2 . GLU A 1 9   ? -10.991 -2.783  -7.890  1.00 62.87 ? 9   GLU A OE2 1 
ATOM   78   N N   . MET A 1 10  ? -15.094 -3.288  -7.405  1.00 34.24 ? 10  MET A N   1 
ATOM   79   C CA  . MET A 1 10  ? -15.995 -2.296  -6.837  1.00 31.30 ? 10  MET A CA  1 
ATOM   80   C C   . MET A 1 10  ? -15.886 -0.972  -7.573  1.00 37.88 ? 10  MET A C   1 
ATOM   81   O O   . MET A 1 10  ? -14.800 -0.394  -7.669  1.00 34.63 ? 10  MET A O   1 
ATOM   82   C CB  . MET A 1 10  ? -15.675 -2.102  -5.356  1.00 27.99 ? 10  MET A CB  1 
ATOM   83   C CG  . MET A 1 10  ? -16.178 -0.799  -4.764  1.00 31.76 ? 10  MET A CG  1 
ATOM   84   S SD  . MET A 1 10  ? -15.956 -0.836  -2.970  1.00 38.34 ? 10  MET A SD  1 
ATOM   85   C CE  . MET A 1 10  ? -17.303 -1.920  -2.625  1.00 23.98 ? 10  MET A CE  1 
ATOM   86   N N   . GLU A 1 11  ? -17.022 -0.496  -8.085  1.00 37.62 ? 11  GLU A N   1 
ATOM   87   C CA  . GLU A 1 11  ? -17.145 0.805   -8.731  1.00 37.49 ? 11  GLU A CA  1 
ATOM   88   C C   . GLU A 1 11  ? -17.513 1.892   -7.729  1.00 39.54 ? 11  GLU A C   1 
ATOM   89   O O   . GLU A 1 11  ? -16.899 2.965   -7.721  1.00 37.30 ? 11  GLU A O   1 
ATOM   90   C CB  . GLU A 1 11  ? -18.213 0.753   -9.824  1.00 36.47 ? 11  GLU A CB  1 
ATOM   91   C CG  . GLU A 1 11  ? -17.708 0.908   -11.234 1.00 57.96 ? 11  GLU A CG  1 
ATOM   92   C CD  . GLU A 1 11  ? -18.839 0.886   -12.250 1.00 60.32 ? 11  GLU A CD  1 
ATOM   93   O OE1 . GLU A 1 11  ? -19.930 1.435   -11.969 1.00 55.13 ? 11  GLU A OE1 1 
ATOM   94   O OE2 . GLU A 1 11  ? -18.638 0.308   -13.333 1.00 71.21 ? 11  GLU A OE2 1 
ATOM   95   N N   . SER A 1 12  ? -18.524 1.638   -6.891  1.00 34.15 ? 12  SER A N   1 
ATOM   96   C CA  . SER A 1 12  ? -18.955 2.612   -5.895  1.00 34.06 ? 12  SER A CA  1 
ATOM   97   C C   . SER A 1 12  ? -19.344 1.913   -4.595  1.00 35.20 ? 12  SER A C   1 
ATOM   98   O O   . SER A 1 12  ? -19.598 0.703   -4.556  1.00 32.41 ? 12  SER A O   1 
ATOM   99   C CB  . SER A 1 12  ? -20.116 3.472   -6.413  1.00 33.74 ? 12  SER A CB  1 
ATOM   100  O OG  . SER A 1 12  ? -21.263 2.687   -6.635  1.00 41.92 ? 12  SER A OG  1 
ATOM   101  N N   . ASN A 1 13  ? -19.403 2.721   -3.534  1.00 32.92 ? 13  ASN A N   1 
ATOM   102  C CA  . ASN A 1 13  ? -19.572 2.245   -2.163  1.00 29.21 ? 13  ASN A CA  1 
ATOM   103  C C   . ASN A 1 13  ? -20.175 3.434   -1.408  1.00 30.55 ? 13  ASN A C   1 
ATOM   104  O O   . ASN A 1 13  ? -19.446 4.349   -1.029  1.00 31.11 ? 13  ASN A O   1 
ATOM   105  C CB  . ASN A 1 13  ? -18.230 1.821   -1.574  1.00 31.50 ? 13  ASN A CB  1 
ATOM   106  C CG  . ASN A 1 13  ? -18.340 1.137   -0.214  1.00 32.57 ? 13  ASN A CG  1 
ATOM   107  O OD1 . ASN A 1 13  ? -19.420 0.814   0.266   1.00 29.94 ? 13  ASN A OD1 1 
ATOM   108  N ND2 . ASN A 1 13  ? -17.201 0.884   0.390   1.00 30.15 ? 13  ASN A ND2 1 
ATOM   109  N N   . GLU A 1 14  ? -21.492 3.423   -1.225  1.00 29.70 ? 14  GLU A N   1 
ATOM   110  C CA  . GLU A 1 14  ? -22.197 4.534   -0.594  1.00 33.83 ? 14  GLU A CA  1 
ATOM   111  C C   . GLU A 1 14  ? -22.657 4.173   0.813   1.00 34.46 ? 14  GLU A C   1 
ATOM   112  O O   . GLU A 1 14  ? -23.241 3.104   1.034   1.00 31.09 ? 14  GLU A O   1 
ATOM   113  C CB  . GLU A 1 14  ? -23.413 4.952   -1.424  1.00 28.37 ? 14  GLU A CB  1 
ATOM   114  C CG  . GLU A 1 14  ? -23.109 5.220   -2.886  1.00 37.45 ? 14  GLU A CG  1 
ATOM   115  C CD  . GLU A 1 14  ? -24.367 5.534   -3.683  1.00 44.92 ? 14  GLU A CD  1 
ATOM   116  O OE1 . GLU A 1 14  ? -24.745 6.720   -3.734  1.00 49.80 ? 14  GLU A OE1 1 
ATOM   117  O OE2 . GLU A 1 14  ? -24.979 4.593   -4.249  1.00 48.59 ? 14  GLU A OE2 1 
ATOM   118  N N   . ASN A 1 15  ? -22.433 5.095   1.751   1.00 30.92 ? 15  ASN A N   1 
ATOM   119  C CA  . ASN A 1 15  ? -22.832 4.930   3.149   1.00 34.18 ? 15  ASN A CA  1 
ATOM   120  C C   . ASN A 1 15  ? -22.162 3.715   3.804   1.00 32.74 ? 15  ASN A C   1 
ATOM   121  O O   . ASN A 1 15  ? -22.733 3.097   4.706   1.00 33.16 ? 15  ASN A O   1 
ATOM   122  C CB  . ASN A 1 15  ? -24.358 4.833   3.291   1.00 32.10 ? 15  ASN A CB  1 
ATOM   123  C CG  . ASN A 1 15  ? -24.818 5.017   4.730   1.00 37.37 ? 15  ASN A CG  1 
ATOM   124  O OD1 . ASN A 1 15  ? -24.216 5.773   5.478   1.00 33.37 ? 15  ASN A OD1 1 
ATOM   125  N ND2 . ASN A 1 15  ? -25.856 4.286   5.133   1.00 38.08 ? 15  ASN A ND2 1 
ATOM   126  N N   . PHE A 1 16  ? -20.955 3.344   3.354   1.00 31.10 ? 16  PHE A N   1 
ATOM   127  C CA  . PHE A 1 16  ? -20.174 2.351   4.088   1.00 31.89 ? 16  PHE A CA  1 
ATOM   128  C C   . PHE A 1 16  ? -19.875 2.828   5.505   1.00 29.87 ? 16  PHE A C   1 
ATOM   129  O O   . PHE A 1 16  ? -19.815 2.021   6.433   1.00 30.71 ? 16  PHE A O   1 
ATOM   130  C CB  . PHE A 1 16  ? -18.868 2.053   3.351   1.00 29.42 ? 16  PHE A CB  1 
ATOM   131  C CG  . PHE A 1 16  ? -18.195 0.782   3.783   1.00 33.78 ? 16  PHE A CG  1 
ATOM   132  C CD1 . PHE A 1 16  ? -18.932 -0.358  4.044   1.00 30.22 ? 16  PHE A CD1 1 
ATOM   133  C CD2 . PHE A 1 16  ? -16.814 0.726   3.909   1.00 40.40 ? 16  PHE A CD2 1 
ATOM   134  C CE1 . PHE A 1 16  ? -18.306 -1.538  4.429   1.00 36.09 ? 16  PHE A CE1 1 
ATOM   135  C CE2 . PHE A 1 16  ? -16.183 -0.439  4.300   1.00 42.27 ? 16  PHE A CE2 1 
ATOM   136  C CZ  . PHE A 1 16  ? -16.928 -1.575  4.563   1.00 42.72 ? 16  PHE A CZ  1 
ATOM   137  N N   . GLU A 1 17  ? -19.710 4.137   5.688   1.00 30.27 ? 17  GLU A N   1 
ATOM   138  C CA  . GLU A 1 17  ? -19.457 4.699   7.015   1.00 29.98 ? 17  GLU A CA  1 
ATOM   139  C C   . GLU A 1 17  ? -20.621 4.435   7.974   1.00 37.81 ? 17  GLU A C   1 
ATOM   140  O O   . GLU A 1 17  ? -20.412 4.038   9.131   1.00 36.66 ? 17  GLU A O   1 
ATOM   141  C CB  . GLU A 1 17  ? -19.189 6.201   6.878   1.00 38.52 ? 17  GLU A CB  1 
ATOM   142  C CG  . GLU A 1 17  ? -19.431 7.021   8.135   1.00 38.83 ? 17  GLU A CG  1 
ATOM   143  C CD  . GLU A 1 17  ? -18.337 6.819   9.154   1.00 48.61 ? 17  GLU A CD  1 
ATOM   144  O OE1 . GLU A 1 17  ? -17.287 6.251   8.782   1.00 49.29 ? 17  GLU A OE1 1 
ATOM   145  O OE2 . GLU A 1 17  ? -18.519 7.230   10.319  1.00 54.94 ? 17  GLU A OE2 1 
ATOM   146  N N   . GLY A 1 18  ? -21.860 4.627   7.509   1.00 27.71 ? 18  GLY A N   1 
ATOM   147  C CA  . GLY A 1 18  ? -23.003 4.423   8.388   1.00 31.92 ? 18  GLY A CA  1 
ATOM   148  C C   . GLY A 1 18  ? -23.246 2.956   8.694   1.00 36.72 ? 18  GLY A C   1 
ATOM   149  O O   . GLY A 1 18  ? -23.593 2.588   9.822   1.00 33.81 ? 18  GLY A O   1 
ATOM   150  N N   . TYR A 1 19  ? -23.073 2.098   7.693   1.00 30.91 ? 19  TYR A N   1 
ATOM   151  C CA  . TYR A 1 19  ? -23.169 0.663   7.924   1.00 30.58 ? 19  TYR A CA  1 
ATOM   152  C C   . TYR A 1 19  ? -22.121 0.199   8.939   1.00 31.17 ? 19  TYR A C   1 
ATOM   153  O O   . TYR A 1 19  ? -22.446 -0.508  9.897   1.00 32.87 ? 19  TYR A O   1 
ATOM   154  C CB  . TYR A 1 19  ? -23.036 -0.057  6.578   1.00 29.07 ? 19  TYR A CB  1 
ATOM   155  C CG  . TYR A 1 19  ? -22.960 -1.552  6.654   1.00 28.69 ? 19  TYR A CG  1 
ATOM   156  C CD1 . TYR A 1 19  ? -24.118 -2.320  6.758   1.00 30.98 ? 19  TYR A CD1 1 
ATOM   157  C CD2 . TYR A 1 19  ? -21.737 -2.204  6.592   1.00 31.34 ? 19  TYR A CD2 1 
ATOM   158  C CE1 . TYR A 1 19  ? -24.051 -3.688  6.823   1.00 32.32 ? 19  TYR A CE1 1 
ATOM   159  C CE2 . TYR A 1 19  ? -21.659 -3.577  6.654   1.00 29.36 ? 19  TYR A CE2 1 
ATOM   160  C CZ  . TYR A 1 19  ? -22.816 -4.307  6.770   1.00 28.01 ? 19  TYR A CZ  1 
ATOM   161  O OH  . TYR A 1 19  ? -22.745 -5.660  6.811   1.00 27.40 ? 19  TYR A OH  1 
ATOM   162  N N   . MET A 1 20  ? -20.860 0.618   8.769   1.00 29.79 ? 20  MET A N   1 
ATOM   163  C CA  . MET A 1 20  ? -19.824 0.196   9.713   1.00 33.31 ? 20  MET A CA  1 
ATOM   164  C C   . MET A 1 20  ? -20.075 0.753   11.113  1.00 37.33 ? 20  MET A C   1 
ATOM   165  O O   . MET A 1 20  ? -19.794 0.083   12.116  1.00 35.26 ? 20  MET A O   1 
ATOM   166  C CB  . MET A 1 20  ? -18.448 0.629   9.221   1.00 32.69 ? 20  MET A CB  1 
ATOM   167  C CG  . MET A 1 20  ? -17.833 -0.262  8.147   1.00 40.05 ? 20  MET A CG  1 
ATOM   168  S SD  . MET A 1 20  ? -16.179 0.358   7.798   1.00 39.42 ? 20  MET A SD  1 
ATOM   169  C CE  . MET A 1 20  ? -16.547 2.003   7.172   1.00 35.86 ? 20  MET A CE  1 
ATOM   170  N N   . LYS A 1 21  ? -20.575 1.987   11.204  1.00 32.71 ? 21  LYS A N   1 
ATOM   171  C CA  . LYS A 1 21  ? -20.880 2.557   12.518  1.00 38.01 ? 21  LYS A CA  1 
ATOM   172  C C   . LYS A 1 21  ? -22.003 1.790   13.209  1.00 37.21 ? 21  LYS A C   1 
ATOM   173  O O   . LYS A 1 21  ? -21.939 1.541   14.421  1.00 35.83 ? 21  LYS A O   1 
ATOM   174  C CB  . LYS A 1 21  ? -21.246 4.034   12.387  1.00 35.23 ? 21  LYS A CB  1 
ATOM   175  C CG  . LYS A 1 21  ? -20.837 4.887   13.581  1.00 44.17 ? 21  LYS A CG  1 
ATOM   176  C CD  . LYS A 1 21  ? -21.448 6.287   13.491  1.00 48.66 ? 21  LYS A CD  1 
ATOM   177  C CE  . LYS A 1 21  ? -20.421 7.367   13.788  1.00 49.72 ? 21  LYS A CE  1 
ATOM   178  N NZ  . LYS A 1 21  ? -20.771 8.677   13.141  1.00 53.91 ? 21  LYS A NZ  1 
ATOM   179  N N   . ALA A 1 22  ? -23.041 1.413   12.458  1.00 36.21 ? 22  ALA A N   1 
ATOM   180  C CA  . ALA A 1 22  ? -24.119 0.603   13.019  1.00 37.39 ? 22  ALA A CA  1 
ATOM   181  C C   . ALA A 1 22  ? -23.617 -0.750  13.503  1.00 38.35 ? 22  ALA A C   1 
ATOM   182  O O   . ALA A 1 22  ? -24.278 -1.388  14.332  1.00 41.36 ? 22  ALA A O   1 
ATOM   183  C CB  . ALA A 1 22  ? -25.232 0.414   11.989  1.00 29.76 ? 22  ALA A CB  1 
ATOM   184  N N   . LEU A 1 23  ? -22.466 -1.199  13.005  1.00 37.83 ? 23  LEU A N   1 
ATOM   185  C CA  . LEU A 1 23  ? -21.822 -2.413  13.478  1.00 36.45 ? 23  LEU A CA  1 
ATOM   186  C C   . LEU A 1 23  ? -20.839 -2.142  14.611  1.00 37.26 ? 23  LEU A C   1 
ATOM   187  O O   . LEU A 1 23  ? -20.200 -3.084  15.092  1.00 36.41 ? 23  LEU A O   1 
ATOM   188  C CB  . LEU A 1 23  ? -21.095 -3.114  12.318  1.00 35.77 ? 23  LEU A CB  1 
ATOM   189  C CG  . LEU A 1 23  ? -21.940 -3.796  11.236  1.00 38.30 ? 23  LEU A CG  1 
ATOM   190  C CD1 . LEU A 1 23  ? -21.030 -4.420  10.185  1.00 30.70 ? 23  LEU A CD1 1 
ATOM   191  C CD2 . LEU A 1 23  ? -22.843 -4.861  11.847  1.00 38.98 ? 23  LEU A CD2 1 
ATOM   192  N N   . ASP A 1 24  ? -20.696 -0.873  15.027  1.00 36.50 ? 24  ASP A N   1 
ATOM   193  C CA  . ASP A 1 24  ? -19.806 -0.456  16.111  1.00 42.03 ? 24  ASP A CA  1 
ATOM   194  C C   . ASP A 1 24  ? -18.332 -0.686  15.784  1.00 41.66 ? 24  ASP A C   1 
ATOM   195  O O   . ASP A 1 24  ? -17.516 -0.897  16.686  1.00 43.86 ? 24  ASP A O   1 
ATOM   196  C CB  . ASP A 1 24  ? -20.177 -1.137  17.434  1.00 36.27 ? 24  ASP A CB  1 
ATOM   197  C CG  . ASP A 1 24  ? -21.675 -1.206  17.649  1.00 34.90 ? 24  ASP A CG  1 
ATOM   198  O OD1 . ASP A 1 24  ? -22.316 -0.140  17.731  1.00 46.08 ? 24  ASP A OD1 1 
ATOM   199  O OD2 . ASP A 1 24  ? -22.223 -2.327  17.726  1.00 39.42 ? 24  ASP A OD2 1 
ATOM   200  N N   . ILE A 1 25  ? -17.974 -0.635  14.497  1.00 38.44 ? 25  ILE A N   1 
ATOM   201  C CA  . ILE A 1 25  ? -16.569 -0.610  14.102  1.00 42.79 ? 25  ILE A CA  1 
ATOM   202  C C   . ILE A 1 25  ? -15.940 0.695   14.568  1.00 42.23 ? 25  ILE A C   1 
ATOM   203  O O   . ILE A 1 25  ? -16.534 1.772   14.422  1.00 44.40 ? 25  ILE A O   1 
ATOM   204  C CB  . ILE A 1 25  ? -16.436 -0.764  12.575  1.00 42.34 ? 25  ILE A CB  1 
ATOM   205  C CG1 . ILE A 1 25  ? -17.194 -2.001  12.086  1.00 39.09 ? 25  ILE A CG1 1 
ATOM   206  C CG2 . ILE A 1 25  ? -14.960 -0.803  12.158  1.00 38.75 ? 25  ILE A CG2 1 
ATOM   207  C CD1 . ILE A 1 25  ? -16.499 -3.275  12.392  1.00 40.51 ? 25  ILE A CD1 1 
ATOM   208  N N   . ASP A 1 26  ? -14.722 0.617   15.113  1.00 42.04 ? 26  ASP A N   1 
ATOM   209  C CA  . ASP A 1 26  ? -14.143 1.789   15.764  1.00 39.70 ? 26  ASP A CA  1 
ATOM   210  C C   . ASP A 1 26  ? -13.634 2.801   14.741  1.00 45.05 ? 26  ASP A C   1 
ATOM   211  O O   . ASP A 1 26  ? -13.367 2.479   13.579  1.00 42.76 ? 26  ASP A O   1 
ATOM   212  C CB  . ASP A 1 26  ? -13.016 1.389   16.725  1.00 55.97 ? 26  ASP A CB  1 
ATOM   213  C CG  . ASP A 1 26  ? -11.893 0.615   16.045  1.00 55.63 ? 26  ASP A CG  1 
ATOM   214  O OD1 . ASP A 1 26  ? -11.097 1.228   15.298  1.00 59.43 ? 26  ASP A OD1 1 
ATOM   215  O OD2 . ASP A 1 26  ? -11.787 -0.609  16.284  1.00 72.82 ? 26  ASP A OD2 1 
ATOM   216  N N   . PHE A 1 27  ? -13.499 4.048   15.208  1.00 44.33 ? 27  PHE A N   1 
ATOM   217  C CA  . PHE A 1 27  ? -13.175 5.185   14.351  1.00 46.13 ? 27  PHE A CA  1 
ATOM   218  C C   . PHE A 1 27  ? -11.977 4.893   13.451  1.00 57.70 ? 27  PHE A C   1 
ATOM   219  O O   . PHE A 1 27  ? -12.061 5.016   12.224  1.00 54.48 ? 27  PHE A O   1 
ATOM   220  C CB  . PHE A 1 27  ? -12.916 6.422   15.230  1.00 59.02 ? 27  PHE A CB  1 
ATOM   221  C CG  . PHE A 1 27  ? -12.627 7.709   14.462  1.00 67.44 ? 27  PHE A CG  1 
ATOM   222  C CD1 . PHE A 1 27  ? -12.678 7.770   13.068  1.00 63.89 ? 27  PHE A CD1 1 
ATOM   223  C CD2 . PHE A 1 27  ? -12.279 8.858   15.154  1.00 68.00 ? 27  PHE A CD2 1 
ATOM   224  C CE1 . PHE A 1 27  ? -12.390 8.943   12.391  1.00 67.62 ? 27  PHE A CE1 1 
ATOM   225  C CE2 . PHE A 1 27  ? -11.995 10.037  14.481  1.00 76.64 ? 27  PHE A CE2 1 
ATOM   226  C CZ  . PHE A 1 27  ? -12.050 10.080  13.096  1.00 70.11 ? 27  PHE A CZ  1 
ATOM   227  N N   . ALA A 1 28  ? -10.844 4.526   14.053  1.00 47.71 ? 28  ALA A N   1 
ATOM   228  C CA  . ALA A 1 28  ? -9.617  4.437   13.272  1.00 53.21 ? 28  ALA A CA  1 
ATOM   229  C C   . ALA A 1 28  ? -9.710  3.374   12.187  1.00 53.36 ? 28  ALA A C   1 
ATOM   230  O O   . ALA A 1 28  ? -9.105  3.523   11.117  1.00 49.68 ? 28  ALA A O   1 
ATOM   231  C CB  . ALA A 1 28  ? -8.438  4.166   14.193  1.00 56.11 ? 28  ALA A CB  1 
ATOM   232  N N   . THR A 1 29  ? -10.463 2.303   12.435  1.00 49.77 ? 29  THR A N   1 
ATOM   233  C CA  . THR A 1 29  ? -10.701 1.315   11.390  1.00 45.20 ? 29  THR A CA  1 
ATOM   234  C C   . THR A 1 29  ? -11.601 1.884   10.294  1.00 43.06 ? 29  THR A C   1 
ATOM   235  O O   . THR A 1 29  ? -11.309 1.737   9.100   1.00 40.69 ? 29  THR A O   1 
ATOM   236  C CB  . THR A 1 29  ? -11.307 0.057   12.005  1.00 47.38 ? 29  THR A CB  1 
ATOM   237  O OG1 . THR A 1 29  ? -10.421 -0.435  13.022  1.00 55.99 ? 29  THR A OG1 1 
ATOM   238  C CG2 . THR A 1 29  ? -11.505 -1.012  10.950  1.00 43.26 ? 29  THR A CG2 1 
ATOM   239  N N   . ARG A 1 30  ? -12.700 2.542   10.680  1.00 37.62 ? 30  ARG A N   1 
ATOM   240  C CA  . ARG A 1 30  ? -13.600 3.122   9.689   1.00 38.04 ? 30  ARG A CA  1 
ATOM   241  C C   . ARG A 1 30  ? -12.872 4.134   8.816   1.00 35.56 ? 30  ARG A C   1 
ATOM   242  O O   . ARG A 1 30  ? -13.114 4.205   7.605   1.00 38.42 ? 30  ARG A O   1 
ATOM   243  C CB  . ARG A 1 30  ? -14.789 3.788   10.375  1.00 37.40 ? 30  ARG A CB  1 
ATOM   244  C CG  . ARG A 1 30  ? -15.606 2.875   11.262  1.00 38.05 ? 30  ARG A CG  1 
ATOM   245  C CD  . ARG A 1 30  ? -17.032 3.397   11.405  1.00 40.87 ? 30  ARG A CD  1 
ATOM   246  N NE  . ARG A 1 30  ? -17.079 4.785   11.864  1.00 42.58 ? 30  ARG A NE  1 
ATOM   247  C CZ  . ARG A 1 30  ? -17.098 5.157   13.143  1.00 47.36 ? 30  ARG A CZ  1 
ATOM   248  N NH1 . ARG A 1 30  ? -17.079 4.245   14.116  1.00 39.72 ? 30  ARG A NH1 1 
ATOM   249  N NH2 . ARG A 1 30  ? -17.145 6.445   13.449  1.00 49.67 ? 30  ARG A NH2 1 
ATOM   250  N N   . LYS A 1 31  ? -11.975 4.922   9.426   1.00 41.17 ? 31  LYS A N   1 
ATOM   251  C CA  . LYS A 1 31  ? -11.175 5.910   8.704   1.00 44.50 ? 31  LYS A CA  1 
ATOM   252  C C   . LYS A 1 31  ? -10.390 5.272   7.574   1.00 40.84 ? 31  LYS A C   1 
ATOM   253  O O   . LYS A 1 31  ? -10.237 5.867   6.501   1.00 45.08 ? 31  LYS A O   1 
ATOM   254  C CB  . LYS A 1 31  ? -10.218 6.616   9.673   1.00 48.34 ? 31  LYS A CB  1 
ATOM   255  C CG  . LYS A 1 31  ? -8.919  7.122   9.025   1.00 61.58 ? 31  LYS A CG  1 
ATOM   256  C CD  . LYS A 1 31  ? -7.928  7.687   10.048  1.00 58.71 ? 31  LYS A CD  1 
ATOM   257  C CE  . LYS A 1 31  ? -8.273  9.112   10.464  1.00 64.56 ? 31  LYS A CE  1 
ATOM   258  N NZ  . LYS A 1 31  ? -8.031  9.335   11.919  1.00 69.00 ? 31  LYS A NZ  1 
ATOM   259  N N   . ILE A 1 32  ? -9.872  4.066   7.796   1.00 38.43 ? 32  ILE A N   1 
ATOM   260  C CA  . ILE A 1 32  ? -9.098  3.396   6.757   1.00 39.68 ? 32  ILE A CA  1 
ATOM   261  C C   . ILE A 1 32  ? -10.009 2.635   5.804   1.00 37.24 ? 32  ILE A C   1 
ATOM   262  O O   . ILE A 1 32  ? -9.851  2.718   4.578   1.00 38.18 ? 32  ILE A O   1 
ATOM   263  C CB  . ILE A 1 32  ? -8.044  2.473   7.395   1.00 47.53 ? 32  ILE A CB  1 
ATOM   264  C CG1 . ILE A 1 32  ? -6.925  3.317   8.017   1.00 51.48 ? 32  ILE A CG1 1 
ATOM   265  C CG2 . ILE A 1 32  ? -7.506  1.499   6.354   1.00 35.27 ? 32  ILE A CG2 1 
ATOM   266  C CD1 . ILE A 1 32  ? -6.513  2.878   9.405   1.00 54.04 ? 32  ILE A CD1 1 
ATOM   267  N N   . ALA A 1 33  ? -10.984 1.901   6.347   1.00 41.71 ? 33  ALA A N   1 
ATOM   268  C CA  . ALA A 1 33  ? -11.843 1.070   5.511   1.00 41.43 ? 33  ALA A CA  1 
ATOM   269  C C   . ALA A 1 33  ? -12.564 1.883   4.447   1.00 40.54 ? 33  ALA A C   1 
ATOM   270  O O   . ALA A 1 33  ? -12.737 1.404   3.321   1.00 41.96 ? 33  ALA A O   1 
ATOM   271  C CB  . ALA A 1 33  ? -12.854 0.314   6.377   1.00 36.43 ? 33  ALA A CB  1 
ATOM   272  N N   . VAL A 1 34  ? -12.972 3.118   4.760   1.00 38.26 ? 34  VAL A N   1 
ATOM   273  C CA  . VAL A 1 34  ? -13.711 3.906   3.779   1.00 42.28 ? 34  VAL A CA  1 
ATOM   274  C C   . VAL A 1 34  ? -12.877 4.261   2.561   1.00 42.50 ? 34  VAL A C   1 
ATOM   275  O O   . VAL A 1 34  ? -13.422 4.770   1.575   1.00 44.27 ? 34  VAL A O   1 
ATOM   276  C CB  . VAL A 1 34  ? -14.288 5.213   4.372   1.00 48.41 ? 34  VAL A CB  1 
ATOM   277  C CG1 . VAL A 1 34  ? -15.373 4.913   5.403   1.00 40.89 ? 34  VAL A CG1 1 
ATOM   278  C CG2 . VAL A 1 34  ? -13.179 6.103   4.957   1.00 41.81 ? 34  VAL A CG2 1 
ATOM   279  N N   . ARG A 1 35  ? -11.574 4.002   2.594   1.00 43.51 ? 35  ARG A N   1 
ATOM   280  C CA  . ARG A 1 35  ? -10.690 4.320   1.483   1.00 45.93 ? 35  ARG A CA  1 
ATOM   281  C C   . ARG A 1 35  ? -10.441 3.135   0.566   1.00 47.05 ? 35  ARG A C   1 
ATOM   282  O O   . ARG A 1 35  ? -9.866  3.317   -0.511  1.00 50.98 ? 35  ARG A O   1 
ATOM   283  C CB  . ARG A 1 35  ? -9.344  4.833   2.013   1.00 43.93 ? 35  ARG A CB  1 
ATOM   284  C CG  . ARG A 1 35  ? -9.467  6.142   2.751   1.00 45.55 ? 35  ARG A CG  1 
ATOM   285  C CD  . ARG A 1 35  ? -8.121  6.628   3.234   1.00 60.21 ? 35  ARG A CD  1 
ATOM   286  N NE  . ARG A 1 35  ? -7.564  7.649   2.352   1.00 64.66 ? 35  ARG A NE  1 
ATOM   287  C CZ  . ARG A 1 35  ? -6.497  8.385   2.644   1.00 78.15 ? 35  ARG A CZ  1 
ATOM   288  N NH1 . ARG A 1 35  ? -6.058  9.297   1.783   1.00 78.09 ? 35  ARG A NH1 1 
ATOM   289  N NH2 . ARG A 1 35  ? -5.872  8.215   3.803   1.00 80.33 ? 35  ARG A NH2 1 
ATOM   290  N N   . LEU A 1 36  ? -10.858 1.937   0.958   1.00 47.13 ? 36  LEU A N   1 
ATOM   291  C CA  . LEU A 1 36  ? -10.512 0.743   0.207   1.00 39.32 ? 36  LEU A CA  1 
ATOM   292  C C   . LEU A 1 36  ? -11.441 0.550   -0.983  1.00 45.13 ? 36  LEU A C   1 
ATOM   293  O O   . LEU A 1 36  ? -12.569 1.053   -1.025  1.00 49.20 ? 36  LEU A O   1 
ATOM   294  C CB  . LEU A 1 36  ? -10.582 -0.492  1.095   1.00 38.53 ? 36  LEU A CB  1 
ATOM   295  C CG  . LEU A 1 36  ? -10.117 -0.307  2.528   1.00 40.52 ? 36  LEU A CG  1 
ATOM   296  C CD1 . LEU A 1 36  ? -10.300 -1.621  3.269   1.00 45.86 ? 36  LEU A CD1 1 
ATOM   297  C CD2 . LEU A 1 36  ? -8.668  0.163   2.568   1.00 47.33 ? 36  LEU A CD2 1 
ATOM   298  N N   . THR A 1 37  ? -10.939 -0.181  -1.966  1.00 42.00 ? 37  THR A N   1 
ATOM   299  C CA  . THR A 1 37  ? -11.753 -0.737  -3.029  1.00 40.95 ? 37  THR A CA  1 
ATOM   300  C C   . THR A 1 37  ? -11.724 -2.250  -2.877  1.00 45.19 ? 37  THR A C   1 
ATOM   301  O O   . THR A 1 37  ? -10.796 -2.816  -2.295  1.00 48.62 ? 37  THR A O   1 
ATOM   302  C CB  . THR A 1 37  ? -11.243 -0.306  -4.409  1.00 51.58 ? 37  THR A CB  1 
ATOM   303  O OG1 . THR A 1 37  ? -11.247 1.124   -4.481  1.00 61.37 ? 37  THR A OG1 1 
ATOM   304  C CG2 . THR A 1 37  ? -12.137 -0.851  -5.529  1.00 49.19 ? 37  THR A CG2 1 
ATOM   305  N N   . GLN A 1 38  ? -12.763 -2.901  -3.363  1.00 38.24 ? 38  GLN A N   1 
ATOM   306  C CA  . GLN A 1 38  ? -12.964 -4.310  -3.112  1.00 38.45 ? 38  GLN A CA  1 
ATOM   307  C C   . GLN A 1 38  ? -13.008 -5.039  -4.442  1.00 33.08 ? 38  GLN A C   1 
ATOM   308  O O   . GLN A 1 38  ? -13.569 -4.528  -5.419  1.00 37.96 ? 38  GLN A O   1 
ATOM   309  C CB  . GLN A 1 38  ? -14.251 -4.502  -2.308  1.00 38.20 ? 38  GLN A CB  1 
ATOM   310  C CG  . GLN A 1 38  ? -14.628 -5.929  -1.970  1.00 43.52 ? 38  GLN A CG  1 
ATOM   311  C CD  . GLN A 1 38  ? -16.049 -6.029  -1.416  1.00 53.87 ? 38  GLN A CD  1 
ATOM   312  O OE1 . GLN A 1 38  ? -16.568 -5.079  -0.816  1.00 53.27 ? 38  GLN A OE1 1 
ATOM   313  N NE2 . GLN A 1 38  ? -16.681 -7.182  -1.616  1.00 56.75 ? 38  GLN A NE2 1 
ATOM   314  N N   . THR A 1 39  ? -12.375 -6.209  -4.489  1.00 37.13 ? 39  THR A N   1 
ATOM   315  C CA  . THR A 1 39  ? -12.517 -7.142  -5.600  1.00 37.22 ? 39  THR A CA  1 
ATOM   316  C C   . THR A 1 39  ? -13.139 -8.419  -5.054  1.00 36.15 ? 39  THR A C   1 
ATOM   317  O O   . THR A 1 39  ? -12.671 -8.970  -4.051  1.00 37.81 ? 39  THR A O   1 
ATOM   318  C CB  . THR A 1 39  ? -11.179 -7.450  -6.297  1.00 41.81 ? 39  THR A CB  1 
ATOM   319  O OG1 . THR A 1 39  ? -10.613 -6.251  -6.843  1.00 46.48 ? 39  THR A OG1 1 
ATOM   320  C CG2 . THR A 1 39  ? -11.387 -8.434  -7.441  1.00 43.05 ? 39  THR A CG2 1 
ATOM   321  N N   . LEU A 1 40  ? -14.212 -8.860  -5.693  1.00 38.35 ? 40  LEU A N   1 
ATOM   322  C CA  . LEU A 1 40  ? -14.994 -10.010 -5.267  1.00 34.25 ? 40  LEU A CA  1 
ATOM   323  C C   . LEU A 1 40  ? -14.895 -11.083 -6.344  1.00 28.49 ? 40  LEU A C   1 
ATOM   324  O O   . LEU A 1 40  ? -15.279 -10.847 -7.496  1.00 36.67 ? 40  LEU A O   1 
ATOM   325  C CB  . LEU A 1 40  ? -16.447 -9.577  -5.037  1.00 37.00 ? 40  LEU A CB  1 
ATOM   326  C CG  . LEU A 1 40  ? -17.562 -10.588 -4.775  1.00 40.68 ? 40  LEU A CG  1 
ATOM   327  C CD1 . LEU A 1 40  ? -17.290 -11.405 -3.520  1.00 39.15 ? 40  LEU A CD1 1 
ATOM   328  C CD2 . LEU A 1 40  ? -18.899 -9.848  -4.664  1.00 47.43 ? 40  LEU A CD2 1 
ATOM   329  N N   . VAL A 1 41  ? -14.367 -12.249 -5.990  1.00 31.31 ? 41  VAL A N   1 
ATOM   330  C CA  . VAL A 1 41  ? -14.353 -13.387 -6.900  1.00 34.79 ? 41  VAL A CA  1 
ATOM   331  C C   . VAL A 1 41  ? -15.448 -14.328 -6.439  1.00 33.46 ? 41  VAL A C   1 
ATOM   332  O O   . VAL A 1 41  ? -15.376 -14.876 -5.337  1.00 36.44 ? 41  VAL A O   1 
ATOM   333  C CB  . VAL A 1 41  ? -13.001 -14.106 -6.925  1.00 37.31 ? 41  VAL A CB  1 
ATOM   334  C CG1 . VAL A 1 41  ? -13.099 -15.319 -7.830  1.00 38.59 ? 41  VAL A CG1 1 
ATOM   335  C CG2 . VAL A 1 41  ? -11.926 -13.184 -7.379  1.00 30.31 ? 41  VAL A CG2 1 
ATOM   336  N N   . ILE A 1 42  ? -16.466 -14.516 -7.269  1.00 34.24 ? 42  ILE A N   1 
ATOM   337  C CA  . ILE A 1 42  ? -17.571 -15.406 -6.943  1.00 30.36 ? 42  ILE A CA  1 
ATOM   338  C C   . ILE A 1 42  ? -17.424 -16.657 -7.792  1.00 30.76 ? 42  ILE A C   1 
ATOM   339  O O   . ILE A 1 42  ? -17.363 -16.577 -9.027  1.00 33.10 ? 42  ILE A O   1 
ATOM   340  C CB  . ILE A 1 42  ? -18.934 -14.742 -7.169  1.00 36.06 ? 42  ILE A CB  1 
ATOM   341  C CG1 . ILE A 1 42  ? -19.115 -13.560 -6.216  1.00 34.56 ? 42  ILE A CG1 1 
ATOM   342  C CG2 . ILE A 1 42  ? -20.044 -15.762 -6.912  1.00 30.02 ? 42  ILE A CG2 1 
ATOM   343  C CD1 . ILE A 1 42  ? -20.428 -12.838 -6.397  1.00 29.82 ? 42  ILE A CD1 1 
ATOM   344  N N   . ASP A 1 43  ? -17.345 -17.798 -7.133  1.00 34.87 ? 43  ASP A N   1 
ATOM   345  C CA  . ASP A 1 43  ? -17.325 -19.099 -7.785  1.00 43.12 ? 43  ASP A CA  1 
ATOM   346  C C   . ASP A 1 43  ? -18.637 -19.778 -7.418  1.00 35.87 ? 43  ASP A C   1 
ATOM   347  O O   . ASP A 1 43  ? -18.866 -20.120 -6.253  1.00 34.86 ? 43  ASP A O   1 
ATOM   348  C CB  . ASP A 1 43  ? -16.107 -19.915 -7.352  1.00 45.95 ? 43  ASP A CB  1 
ATOM   349  C CG  . ASP A 1 43  ? -15.876 -21.146 -8.222  1.00 60.35 ? 43  ASP A CG  1 
ATOM   350  O OD1 . ASP A 1 43  ? -14.710 -21.382 -8.614  1.00 73.00 ? 43  ASP A OD1 1 
ATOM   351  O OD2 . ASP A 1 43  ? -16.840 -21.897 -8.490  1.00 62.12 ? 43  ASP A OD2 1 
ATOM   352  N N   . GLN A 1 44  ? -19.503 -19.944 -8.405  1.00 31.62 ? 44  GLN A N   1 
ATOM   353  C CA  . GLN A 1 44  ? -20.848 -20.451 -8.177  1.00 38.39 ? 44  GLN A CA  1 
ATOM   354  C C   . GLN A 1 44  ? -21.083 -21.682 -9.038  1.00 37.93 ? 44  GLN A C   1 
ATOM   355  O O   . GLN A 1 44  ? -20.889 -21.644 -10.261 1.00 42.02 ? 44  GLN A O   1 
ATOM   356  C CB  . GLN A 1 44  ? -21.882 -19.369 -8.487  1.00 36.40 ? 44  GLN A CB  1 
ATOM   357  C CG  . GLN A 1 44  ? -23.339 -19.828 -8.396  1.00 29.70 ? 44  GLN A CG  1 
ATOM   358  C CD  . GLN A 1 44  ? -24.297 -18.763 -8.896  1.00 36.42 ? 44  GLN A CD  1 
ATOM   359  O OE1 . GLN A 1 44  ? -23.885 -17.650 -9.245  1.00 35.10 ? 44  GLN A OE1 1 
ATOM   360  N NE2 . GLN A 1 44  ? -25.578 -19.091 -8.924  1.00 34.64 ? 44  GLN A NE2 1 
ATOM   361  N N   . ASP A 1 45  ? -21.515 -22.762 -8.405  1.00 39.88 ? 45  ASP A N   1 
ATOM   362  C CA  . ASP A 1 45  ? -21.902 -23.979 -9.116  1.00 46.94 ? 45  ASP A CA  1 
ATOM   363  C C   . ASP A 1 45  ? -23.270 -24.383 -8.585  1.00 47.16 ? 45  ASP A C   1 
ATOM   364  O O   . ASP A 1 45  ? -23.369 -24.952 -7.493  1.00 42.93 ? 45  ASP A O   1 
ATOM   365  C CB  . ASP A 1 45  ? -20.885 -25.092 -8.926  1.00 52.26 ? 45  ASP A CB  1 
ATOM   366  C CG  . ASP A 1 45  ? -21.422 -26.437 -9.353  1.00 50.35 ? 45  ASP A CG  1 
ATOM   367  O OD1 . ASP A 1 45  ? -21.651 -26.623 -10.570 1.00 60.48 ? 45  ASP A OD1 1 
ATOM   368  O OD2 . ASP A 1 45  ? -21.620 -27.301 -8.472  1.00 65.95 ? 45  ASP A OD2 1 
ATOM   369  N N   . GLY A 1 46  ? -24.312 -24.079 -9.360  1.00 42.39 ? 46  GLY A N   1 
ATOM   370  C CA  . GLY A 1 46  ? -25.680 -24.264 -8.917  1.00 45.07 ? 46  GLY A CA  1 
ATOM   371  C C   . GLY A 1 46  ? -26.007 -23.361 -7.746  1.00 42.22 ? 46  GLY A C   1 
ATOM   372  O O   . GLY A 1 46  ? -25.979 -22.130 -7.861  1.00 44.95 ? 46  GLY A O   1 
ATOM   373  N N   . ASP A 1 47  ? -26.299 -23.966 -6.601  1.00 36.29 ? 47  ASP A N   1 
ATOM   374  C CA  . ASP A 1 47  ? -26.568 -23.217 -5.384  1.00 42.10 ? 47  ASP A CA  1 
ATOM   375  C C   . ASP A 1 47  ? -25.405 -23.264 -4.398  1.00 39.80 ? 47  ASP A C   1 
ATOM   376  O O   . ASP A 1 47  ? -25.569 -22.862 -3.242  1.00 37.59 ? 47  ASP A O   1 
ATOM   377  C CB  . ASP A 1 47  ? -27.852 -23.735 -4.739  1.00 45.07 ? 47  ASP A CB  1 
ATOM   378  C CG  . ASP A 1 47  ? -29.109 -23.244 -5.461  1.00 46.12 ? 47  ASP A CG  1 
ATOM   379  O OD1 . ASP A 1 47  ? -29.009 -22.318 -6.304  1.00 49.09 ? 47  ASP A OD1 1 
ATOM   380  O OD2 . ASP A 1 47  ? -30.196 -23.786 -5.188  1.00 52.46 ? 47  ASP A OD2 1 
ATOM   381  N N   . ASN A 1 48  ? -24.230 -23.734 -4.829  1.00 38.25 ? 48  ASN A N   1 
ATOM   382  C CA  . ASN A 1 48  ? -23.019 -23.722 -4.014  1.00 39.33 ? 48  ASN A CA  1 
ATOM   383  C C   . ASN A 1 48  ? -22.165 -22.515 -4.371  1.00 32.68 ? 48  ASN A C   1 
ATOM   384  O O   . ASN A 1 48  ? -21.784 -22.341 -5.535  1.00 38.71 ? 48  ASN A O   1 
ATOM   385  C CB  . ASN A 1 48  ? -22.224 -25.008 -4.207  1.00 38.10 ? 48  ASN A CB  1 
ATOM   386  C CG  . ASN A 1 48  ? -23.014 -26.228 -3.785  1.00 47.40 ? 48  ASN A CG  1 
ATOM   387  O OD1 . ASN A 1 48  ? -23.726 -26.190 -2.781  1.00 44.21 ? 48  ASN A OD1 1 
ATOM   388  N ND2 . ASN A 1 48  ? -22.910 -27.306 -4.555  1.00 41.94 ? 48  ASN A ND2 1 
ATOM   389  N N   . PHE A 1 49  ? -21.842 -21.704 -3.367  1.00 32.44 ? 49  PHE A N   1 
ATOM   390  C CA  . PHE A 1 49  ? -21.116 -20.456 -3.566  1.00 36.99 ? 49  PHE A CA  1 
ATOM   391  C C   . PHE A 1 49  ? -19.783 -20.466 -2.823  1.00 32.53 ? 49  PHE A C   1 
ATOM   392  O O   . PHE A 1 49  ? -19.684 -20.970 -1.699  1.00 32.68 ? 49  PHE A O   1 
ATOM   393  C CB  . PHE A 1 49  ? -21.942 -19.265 -3.080  1.00 36.14 ? 49  PHE A CB  1 
ATOM   394  C CG  . PHE A 1 49  ? -22.989 -18.812 -4.045  1.00 37.59 ? 49  PHE A CG  1 
ATOM   395  C CD1 . PHE A 1 49  ? -24.252 -19.393 -4.041  1.00 40.51 ? 49  PHE A CD1 1 
ATOM   396  C CD2 . PHE A 1 49  ? -22.726 -17.787 -4.934  1.00 34.64 ? 49  PHE A CD2 1 
ATOM   397  C CE1 . PHE A 1 49  ? -25.232 -18.970 -4.927  1.00 36.30 ? 49  PHE A CE1 1 
ATOM   398  C CE2 . PHE A 1 49  ? -23.696 -17.360 -5.823  1.00 36.70 ? 49  PHE A CE2 1 
ATOM   399  C CZ  . PHE A 1 49  ? -24.951 -17.951 -5.822  1.00 34.41 ? 49  PHE A CZ  1 
ATOM   400  N N   . LYS A 1 50  ? -18.768 -19.889 -3.460  1.00 40.38 ? 50  LYS A N   1 
ATOM   401  C CA  . LYS A 1 50  ? -17.513 -19.518 -2.816  1.00 46.47 ? 50  LYS A CA  1 
ATOM   402  C C   . LYS A 1 50  ? -17.280 -18.043 -3.108  1.00 37.39 ? 50  LYS A C   1 
ATOM   403  O O   . LYS A 1 50  ? -17.228 -17.650 -4.279  1.00 35.41 ? 50  LYS A O   1 
ATOM   404  C CB  . LYS A 1 50  ? -16.338 -20.366 -3.335  1.00 42.89 ? 50  LYS A CB  1 
ATOM   405  C CG  . LYS A 1 50  ? -16.298 -21.830 -2.837  1.00 54.33 ? 50  LYS A CG  1 
ATOM   406  C CD  . LYS A 1 50  ? -17.325 -22.750 -3.518  1.00 56.06 ? 50  LYS A CD  1 
ATOM   407  C CE  . LYS A 1 50  ? -16.989 -22.991 -4.991  1.00 63.55 ? 50  LYS A CE  1 
ATOM   408  N NZ  . LYS A 1 50  ? -18.207 -23.246 -5.834  1.00 48.01 ? 50  LYS A NZ  1 
ATOM   409  N N   . PHE A 1 51  ? -17.180 -17.225 -2.057  1.00 32.29 ? 51  PHE A N   1 
ATOM   410  C CA  . PHE A 1 51  ? -16.822 -15.811 -2.176  1.00 39.27 ? 51  PHE A CA  1 
ATOM   411  C C   . PHE A 1 51  ? -15.374 -15.630 -1.741  1.00 41.07 ? 51  PHE A C   1 
ATOM   412  O O   . PHE A 1 51  ? -14.997 -16.079 -0.653  1.00 37.24 ? 51  PHE A O   1 
ATOM   413  C CB  . PHE A 1 51  ? -17.694 -14.907 -1.297  1.00 39.95 ? 51  PHE A CB  1 
ATOM   414  C CG  . PHE A 1 51  ? -19.137 -14.807 -1.714  1.00 41.00 ? 51  PHE A CG  1 
ATOM   415  C CD1 . PHE A 1 51  ? -19.547 -15.129 -2.995  1.00 40.75 ? 51  PHE A CD1 1 
ATOM   416  C CD2 . PHE A 1 51  ? -20.087 -14.350 -0.805  1.00 46.90 ? 51  PHE A CD2 1 
ATOM   417  C CE1 . PHE A 1 51  ? -20.893 -15.020 -3.362  1.00 38.50 ? 51  PHE A CE1 1 
ATOM   418  C CE2 . PHE A 1 51  ? -21.420 -14.238 -1.161  1.00 39.68 ? 51  PHE A CE2 1 
ATOM   419  C CZ  . PHE A 1 51  ? -21.823 -14.573 -2.441  1.00 41.65 ? 51  PHE A CZ  1 
ATOM   420  N N   . LYS A 1 52  ? -14.576 -14.956 -2.573  1.00 39.61 ? 52  LYS A N   1 
ATOM   421  C CA  . LYS A 1 52  ? -13.186 -14.619 -2.255  1.00 44.31 ? 52  LYS A CA  1 
ATOM   422  C C   . LYS A 1 52  ? -13.035 -13.110 -2.423  1.00 43.39 ? 52  LYS A C   1 
ATOM   423  O O   . LYS A 1 52  ? -13.191 -12.584 -3.531  1.00 36.08 ? 52  LYS A O   1 
ATOM   424  C CB  . LYS A 1 52  ? -12.201 -15.386 -3.146  1.00 40.63 ? 52  LYS A CB  1 
ATOM   425  C CG  . LYS A 1 52  ? -12.214 -16.902 -2.932  1.00 42.68 ? 52  LYS A CG  1 
ATOM   426  C CD  . LYS A 1 52  ? -11.182 -17.649 -3.801  1.00 56.33 ? 52  LYS A CD  1 
ATOM   427  C CE  . LYS A 1 52  ? -11.475 -17.523 -5.297  1.00 54.75 ? 52  LYS A CE  1 
ATOM   428  N NZ  . LYS A 1 52  ? -10.532 -18.311 -6.155  1.00 65.49 ? 52  LYS A NZ  1 
ATOM   429  N N   . THR A 1 53  ? -12.761 -12.407 -1.329  1.00 38.64 ? 53  THR A N   1 
ATOM   430  C CA  A THR A 1 53  ? -12.713 -10.953 -1.323  0.57 41.41 ? 53  THR A CA  1 
ATOM   431  C CA  B THR A 1 53  ? -12.709 -10.954 -1.332  0.43 41.45 ? 53  THR A CA  1 
ATOM   432  C C   . THR A 1 53  ? -11.309 -10.480 -0.964  1.00 44.49 ? 53  THR A C   1 
ATOM   433  O O   . THR A 1 53  ? -10.731 -10.946 0.023   1.00 39.11 ? 53  THR A O   1 
ATOM   434  C CB  A THR A 1 53  ? -13.731 -10.377 -0.333  0.57 42.08 ? 53  THR A CB  1 
ATOM   435  C CB  B THR A 1 53  ? -13.735 -10.349 -0.364  0.43 42.06 ? 53  THR A CB  1 
ATOM   436  O OG1 A THR A 1 53  ? -15.056 -10.714 -0.760  0.57 43.97 ? 53  THR A OG1 1 
ATOM   437  O OG1 B THR A 1 53  ? -13.543 -10.887 0.947   0.43 41.72 ? 53  THR A OG1 1 
ATOM   438  C CG2 A THR A 1 53  ? -13.603 -8.863  -0.252  0.57 44.16 ? 53  THR A CG2 1 
ATOM   439  C CG2 B THR A 1 53  ? -15.145 -10.656 -0.823  0.43 43.95 ? 53  THR A CG2 1 
ATOM   440  N N   . THR A 1 54  ? -10.774 -9.573  -1.771  1.00 40.47 ? 54  THR A N   1 
ATOM   441  C CA  A THR A 1 54  ? -9.560  -8.843  -1.446  0.35 43.48 ? 54  THR A CA  1 
ATOM   442  C CA  B THR A 1 54  ? -9.558  -8.841  -1.452  0.65 43.49 ? 54  THR A CA  1 
ATOM   443  C C   . THR A 1 54  ? -9.884  -7.357  -1.422  1.00 44.99 ? 54  THR A C   1 
ATOM   444  O O   . THR A 1 54  ? -10.608 -6.853  -2.286  1.00 41.62 ? 54  THR A O   1 
ATOM   445  C CB  A THR A 1 54  ? -8.430  -9.135  -2.449  0.35 43.31 ? 54  THR A CB  1 
ATOM   446  C CB  B THR A 1 54  ? -8.443  -9.110  -2.472  0.65 43.31 ? 54  THR A CB  1 
ATOM   447  O OG1 A THR A 1 54  ? -7.318  -8.271  -2.187  0.35 41.39 ? 54  THR A OG1 1 
ATOM   448  O OG1 B THR A 1 54  ? -8.794  -8.528  -3.733  0.65 49.14 ? 54  THR A OG1 1 
ATOM   449  C CG2 A THR A 1 54  ? -8.899  -8.924  -3.879  0.35 47.24 ? 54  THR A CG2 1 
ATOM   450  C CG2 B THR A 1 54  ? -8.251  -10.596 -2.656  0.65 36.86 ? 54  THR A CG2 1 
ATOM   451  N N   . SER A 1 55  ? -9.374  -6.664  -0.410  1.00 41.64 ? 55  SER A N   1 
ATOM   452  C CA  . SER A 1 55  ? -9.546  -5.225  -0.298  1.00 39.12 ? 55  SER A CA  1 
ATOM   453  C C   . SER A 1 55  ? -8.225  -4.544  -0.625  1.00 40.88 ? 55  SER A C   1 
ATOM   454  O O   . SER A 1 55  ? -7.147  -5.083  -0.356  1.00 42.38 ? 55  SER A O   1 
ATOM   455  C CB  . SER A 1 55  ? -10.029 -4.838  1.099   1.00 44.83 ? 55  SER A CB  1 
ATOM   456  O OG  . SER A 1 55  ? -9.467  -5.691  2.076   1.00 55.48 ? 55  SER A OG  1 
ATOM   457  N N   . THR A 1 56  ? -8.317  -3.362  -1.220  1.00 38.30 ? 56  THR A N   1 
ATOM   458  C CA  . THR A 1 56  ? -7.183  -2.762  -1.899  1.00 33.15 ? 56  THR A CA  1 
ATOM   459  C C   . THR A 1 56  ? -7.182  -1.254  -1.700  1.00 38.63 ? 56  THR A C   1 
ATOM   460  O O   . THR A 1 56  ? -8.239  -0.615  -1.727  1.00 39.81 ? 56  THR A O   1 
ATOM   461  C CB  . THR A 1 56  ? -7.245  -3.128  -3.395  1.00 45.38 ? 56  THR A CB  1 
ATOM   462  O OG1 . THR A 1 56  ? -6.990  -4.535  -3.542  1.00 44.06 ? 56  THR A OG1 1 
ATOM   463  C CG2 . THR A 1 56  ? -6.247  -2.369  -4.199  1.00 33.26 ? 56  THR A CG2 1 
ATOM   464  N N   . PHE A 1 57  ? -5.995  -0.689  -1.485  1.00 42.55 ? 57  PHE A N   1 
ATOM   465  C CA  . PHE A 1 57  ? -5.816  0.757   -1.481  1.00 41.31 ? 57  PHE A CA  1 
ATOM   466  C C   . PHE A 1 57  ? -4.641  1.143   -2.364  1.00 41.65 ? 57  PHE A C   1 
ATOM   467  O O   . PHE A 1 57  ? -3.562  0.550   -2.265  1.00 40.86 ? 57  PHE A O   1 
ATOM   468  C CB  . PHE A 1 57  ? -5.580  1.317   -0.080  1.00 40.99 ? 57  PHE A CB  1 
ATOM   469  C CG  . PHE A 1 57  ? -5.408  2.809   -0.069  1.00 50.20 ? 57  PHE A CG  1 
ATOM   470  C CD1 . PHE A 1 57  ? -6.479  3.643   -0.368  1.00 56.86 ? 57  PHE A CD1 1 
ATOM   471  C CD2 . PHE A 1 57  ? -4.175  3.382   0.211   1.00 54.74 ? 57  PHE A CD2 1 
ATOM   472  C CE1 . PHE A 1 57  ? -6.331  5.025   -0.373  1.00 60.35 ? 57  PHE A CE1 1 
ATOM   473  C CE2 . PHE A 1 57  ? -4.021  4.764   0.210   1.00 59.15 ? 57  PHE A CE2 1 
ATOM   474  C CZ  . PHE A 1 57  ? -5.100  5.586   -0.082  1.00 57.42 ? 57  PHE A CZ  1 
ATOM   475  N N   . ARG A 1 58  ? -4.859  2.153   -3.201  1.00 38.62 ? 58  ARG A N   1 
ATOM   476  C CA  . ARG A 1 58  ? -3.837  2.723   -4.065  1.00 44.79 ? 58  ARG A CA  1 
ATOM   477  C C   . ARG A 1 58  ? -3.166  3.876   -3.332  1.00 53.98 ? 58  ARG A C   1 
ATOM   478  O O   . ARG A 1 58  ? -3.835  4.830   -2.929  1.00 51.35 ? 58  ARG A O   1 
ATOM   479  C CB  . ARG A 1 58  ? -4.459  3.218   -5.368  1.00 48.89 ? 58  ARG A CB  1 
ATOM   480  C CG  . ARG A 1 58  ? -3.593  4.181   -6.156  1.00 50.82 ? 58  ARG A CG  1 
ATOM   481  C CD  . ARG A 1 58  ? -2.411  3.460   -6.773  1.00 55.12 ? 58  ARG A CD  1 
ATOM   482  N NE  . ARG A 1 58  ? -2.864  2.313   -7.553  1.00 57.74 ? 58  ARG A NE  1 
ATOM   483  C CZ  . ARG A 1 58  ? -3.069  2.333   -8.866  1.00 67.98 ? 58  ARG A CZ  1 
ATOM   484  N NH1 . ARG A 1 58  ? -2.843  3.445   -9.559  1.00 65.08 ? 58  ARG A NH1 1 
ATOM   485  N NH2 . ARG A 1 58  ? -3.489  1.239   -9.487  1.00 58.05 ? 58  ARG A NH2 1 
ATOM   486  N N   . ASN A 1 59  ? -1.856  3.789   -3.159  1.00 43.92 ? 59  ASN A N   1 
ATOM   487  C CA  . ASN A 1 59  ? -1.114  4.900   -2.599  1.00 41.49 ? 59  ASN A CA  1 
ATOM   488  C C   . ASN A 1 59  ? -0.743  5.893   -3.695  1.00 37.92 ? 59  ASN A C   1 
ATOM   489  O O   . ASN A 1 59  ? -0.841  5.605   -4.889  1.00 46.32 ? 59  ASN A O   1 
ATOM   490  C CB  . ASN A 1 59  ? 0.120   4.384   -1.875  1.00 41.06 ? 59  ASN A CB  1 
ATOM   491  C CG  . ASN A 1 59  ? -0.237  3.385   -0.811  1.00 51.01 ? 59  ASN A CG  1 
ATOM   492  O OD1 . ASN A 1 59  ? -0.804  3.746   0.219   1.00 64.11 ? 59  ASN A OD1 1 
ATOM   493  N ND2 . ASN A 1 59  ? 0.053   2.113   -1.062  1.00 54.30 ? 59  ASN A ND2 1 
ATOM   494  N N   . ALA A 1 60  ? -0.359  7.091   -3.271  1.00 43.36 ? 60  ALA A N   1 
ATOM   495  C CA  . ALA A 1 60  ? 0.051   8.117   -4.215  1.00 47.33 ? 60  ALA A CA  1 
ATOM   496  C C   . ALA A 1 60  ? 1.334   7.697   -4.911  1.00 42.09 ? 60  ALA A C   1 
ATOM   497  O O   . ALA A 1 60  ? 2.205   7.068   -4.304  1.00 38.88 ? 60  ALA A O   1 
ATOM   498  C CB  . ALA A 1 60  ? 0.261   9.451   -3.502  1.00 54.85 ? 60  ALA A CB  1 
ATOM   499  N N   . ASP A 1 61  ? 1.431   8.025   -6.200  1.00 42.90 ? 61  ASP A N   1 
ATOM   500  C CA  . ASP A 1 61  ? 2.667   7.816   -6.933  1.00 43.46 ? 61  ASP A CA  1 
ATOM   501  C C   . ASP A 1 61  ? 3.793   8.589   -6.264  1.00 48.67 ? 61  ASP A C   1 
ATOM   502  O O   . ASP A 1 61  ? 3.567   9.593   -5.581  1.00 45.12 ? 61  ASP A O   1 
ATOM   503  C CB  . ASP A 1 61  ? 2.527   8.288   -8.380  1.00 46.40 ? 61  ASP A CB  1 
ATOM   504  C CG  . ASP A 1 61  ? 1.564   7.439   -9.192  1.00 59.38 ? 61  ASP A CG  1 
ATOM   505  O OD1 . ASP A 1 61  ? 1.123   6.368   -8.710  1.00 53.70 ? 61  ASP A OD1 1 
ATOM   506  O OD2 . ASP A 1 61  ? 1.241   7.862   -10.323 1.00 54.88 ? 61  ASP A OD2 1 
ATOM   507  N N   . VAL A 1 62  ? 5.022   8.117   -6.450  1.00 46.23 ? 62  VAL A N   1 
ATOM   508  C CA  . VAL A 1 62  ? 6.194   8.933   -6.155  1.00 41.96 ? 62  VAL A CA  1 
ATOM   509  C C   . VAL A 1 62  ? 7.073   8.952   -7.387  1.00 42.41 ? 62  VAL A C   1 
ATOM   510  O O   . VAL A 1 62  ? 7.395   7.896   -7.953  1.00 39.39 ? 62  VAL A O   1 
ATOM   511  C CB  . VAL A 1 62  ? 6.966   8.469   -4.902  1.00 47.69 ? 62  VAL A CB  1 
ATOM   512  C CG1 . VAL A 1 62  ? 7.174   7.004   -4.899  1.00 53.42 ? 62  VAL A CG1 1 
ATOM   513  C CG2 . VAL A 1 62  ? 8.310   9.179   -4.825  1.00 46.97 ? 62  VAL A CG2 1 
ATOM   514  N N   . ASP A 1 63  ? 7.395   10.157  -7.850  1.00 35.15 ? 63  ASP A N   1 
ATOM   515  C CA  . ASP A 1 63  ? 8.234   10.376  -9.011  1.00 39.10 ? 63  ASP A CA  1 
ATOM   516  C C   . ASP A 1 63  ? 9.464   11.147  -8.570  1.00 33.99 ? 63  ASP A C   1 
ATOM   517  O O   . ASP A 1 63  ? 9.361   12.112  -7.808  1.00 38.75 ? 63  ASP A O   1 
ATOM   518  C CB  . ASP A 1 63  ? 7.489   11.151  -10.099 1.00 39.74 ? 63  ASP A CB  1 
ATOM   519  C CG  . ASP A 1 63  ? 6.074   10.674  -10.274 1.00 49.83 ? 63  ASP A CG  1 
ATOM   520  O OD1 . ASP A 1 63  ? 5.192   11.125  -9.514  1.00 55.62 ? 63  ASP A OD1 1 
ATOM   521  O OD2 . ASP A 1 63  ? 5.850   9.827   -11.158 1.00 50.40 ? 63  ASP A OD2 1 
ATOM   522  N N   . PHE A 1 64  ? 10.623  10.724  -9.051  1.00 38.81 ? 64  PHE A N   1 
ATOM   523  C CA  . PHE A 1 64  ? 11.862  11.374  -8.657  1.00 32.79 ? 64  PHE A CA  1 
ATOM   524  C C   . PHE A 1 64  ? 12.914  11.049  -9.697  1.00 29.38 ? 64  PHE A C   1 
ATOM   525  O O   . PHE A 1 64  ? 12.750  10.139  -10.511 1.00 30.59 ? 64  PHE A O   1 
ATOM   526  C CB  . PHE A 1 64  ? 12.327  10.936  -7.258  1.00 30.20 ? 64  PHE A CB  1 
ATOM   527  C CG  . PHE A 1 64  ? 12.697  9.468   -7.160  1.00 34.81 ? 64  PHE A CG  1 
ATOM   528  C CD1 . PHE A 1 64  ? 11.734  8.514   -6.849  1.00 37.10 ? 64  PHE A CD1 1 
ATOM   529  C CD2 . PHE A 1 64  ? 14.011  9.045   -7.384  1.00 35.77 ? 64  PHE A CD2 1 
ATOM   530  C CE1 . PHE A 1 64  ? 12.064  7.154   -6.761  1.00 32.22 ? 64  PHE A CE1 1 
ATOM   531  C CE2 . PHE A 1 64  ? 14.351  7.690   -7.311  1.00 30.13 ? 64  PHE A CE2 1 
ATOM   532  C CZ  . PHE A 1 64  ? 13.382  6.745   -6.992  1.00 32.83 ? 64  PHE A CZ  1 
ATOM   533  N N   . THR A 1 65  ? 13.995  11.819  -9.667  1.00 30.39 ? 65  THR A N   1 
ATOM   534  C CA  . THR A 1 65  ? 15.140  11.558  -10.514 1.00 33.99 ? 65  THR A CA  1 
ATOM   535  C C   . THR A 1 65  ? 16.337  11.368  -9.604  1.00 31.48 ? 65  THR A C   1 
ATOM   536  O O   . THR A 1 65  ? 16.521  12.129  -8.646  1.00 29.98 ? 65  THR A O   1 
ATOM   537  C CB  . THR A 1 65  ? 15.367  12.690  -11.517 1.00 37.07 ? 65  THR A CB  1 
ATOM   538  O OG1 . THR A 1 65  ? 14.254  12.752  -12.410 1.00 38.94 ? 65  THR A OG1 1 
ATOM   539  C CG2 . THR A 1 65  ? 16.635  12.439  -12.329 1.00 36.12 ? 65  THR A CG2 1 
ATOM   540  N N   . VAL A 1 66  ? 17.120  10.326  -9.876  1.00 30.36 ? 66  VAL A N   1 
ATOM   541  C CA  . VAL A 1 66  ? 18.314  10.088  -9.071  1.00 30.71 ? 66  VAL A CA  1 
ATOM   542  C C   . VAL A 1 66  ? 19.188  11.332  -9.078  1.00 38.04 ? 66  VAL A C   1 
ATOM   543  O O   . VAL A 1 66  ? 19.526  11.866  -10.141 1.00 36.57 ? 66  VAL A O   1 
ATOM   544  C CB  . VAL A 1 66  ? 19.070  8.857   -9.600  1.00 35.72 ? 66  VAL A CB  1 
ATOM   545  C CG1 . VAL A 1 66  ? 20.330  8.597   -8.768  1.00 35.37 ? 66  VAL A CG1 1 
ATOM   546  C CG2 . VAL A 1 66  ? 18.155  7.651   -9.560  1.00 31.69 ? 66  VAL A CG2 1 
ATOM   547  N N   . GLY A 1 67  ? 19.542  11.818  -7.885  1.00 35.95 ? 67  GLY A N   1 
ATOM   548  C CA  . GLY A 1 67  ? 20.473  12.917  -7.756  1.00 35.18 ? 67  GLY A CA  1 
ATOM   549  C C   . GLY A 1 67  ? 19.846  14.285  -7.557  1.00 42.13 ? 67  GLY A C   1 
ATOM   550  O O   . GLY A 1 67  ? 20.569  15.231  -7.228  1.00 38.43 ? 67  GLY A O   1 
ATOM   551  N N   . VAL A 1 68  ? 18.538  14.434  -7.738  1.00 34.60 ? 68  VAL A N   1 
ATOM   552  C CA  . VAL A 1 68  ? 17.889  15.724  -7.518  1.00 39.72 ? 68  VAL A CA  1 
ATOM   553  C C   . VAL A 1 68  ? 16.932  15.563  -6.348  1.00 42.98 ? 68  VAL A C   1 
ATOM   554  O O   . VAL A 1 68  ? 16.011  14.734  -6.385  1.00 35.34 ? 68  VAL A O   1 
ATOM   555  C CB  . VAL A 1 68  ? 17.196  16.259  -8.787  1.00 43.40 ? 68  VAL A CB  1 
ATOM   556  C CG1 . VAL A 1 68  ? 16.921  15.147  -9.744  1.00 44.53 ? 68  VAL A CG1 1 
ATOM   557  C CG2 . VAL A 1 68  ? 15.937  17.099  -8.477  1.00 42.44 ? 68  VAL A CG2 1 
ATOM   558  N N   . GLU A 1 69  ? 17.199  16.320  -5.290  1.00 34.64 ? 69  GLU A N   1 
ATOM   559  C CA  . GLU A 1 69  ? 16.391  16.279  -4.088  1.00 33.43 ? 69  GLU A CA  1 
ATOM   560  C C   . GLU A 1 69  ? 14.957  16.708  -4.393  1.00 39.67 ? 69  GLU A C   1 
ATOM   561  O O   . GLU A 1 69  ? 14.704  17.537  -5.268  1.00 37.81 ? 69  GLU A O   1 
ATOM   562  C CB  . GLU A 1 69  ? 17.027  17.183  -3.036  1.00 36.98 ? 69  GLU A CB  1 
ATOM   563  C CG  . GLU A 1 69  ? 16.254  17.339  -1.750  1.00 38.28 ? 69  GLU A CG  1 
ATOM   564  C CD  . GLU A 1 69  ? 17.107  17.965  -0.676  1.00 54.31 ? 69  GLU A CD  1 
ATOM   565  O OE1 . GLU A 1 69  ? 18.121  17.337  -0.296  1.00 49.48 ? 69  GLU A OE1 1 
ATOM   566  O OE2 . GLU A 1 69  ? 16.781  19.091  -0.234  1.00 52.79 ? 69  GLU A OE2 1 
ATOM   567  N N   . PHE A 1 70  ? 14.003  16.107  -3.692  1.00 38.21 ? 70  PHE A N   1 
ATOM   568  C CA  . PHE A 1 70  ? 12.604  16.449  -3.893  1.00 33.29 ? 70  PHE A CA  1 
ATOM   569  C C   . PHE A 1 70  ? 11.892  16.420  -2.556  1.00 31.46 ? 70  PHE A C   1 
ATOM   570  O O   . PHE A 1 70  ? 12.319  15.752  -1.610  1.00 36.10 ? 70  PHE A O   1 
ATOM   571  C CB  . PHE A 1 70  ? 11.915  15.513  -4.903  1.00 37.85 ? 70  PHE A CB  1 
ATOM   572  C CG  . PHE A 1 70  ? 11.909  14.057  -4.501  1.00 38.46 ? 70  PHE A CG  1 
ATOM   573  C CD1 . PHE A 1 70  ? 13.070  13.303  -4.553  1.00 36.24 ? 70  PHE A CD1 1 
ATOM   574  C CD2 . PHE A 1 70  ? 10.731  13.438  -4.112  1.00 37.72 ? 70  PHE A CD2 1 
ATOM   575  C CE1 . PHE A 1 70  ? 13.066  11.966  -4.188  1.00 39.37 ? 70  PHE A CE1 1 
ATOM   576  C CE2 . PHE A 1 70  ? 10.718  12.089  -3.759  1.00 37.04 ? 70  PHE A CE2 1 
ATOM   577  C CZ  . PHE A 1 70  ? 11.887  11.360  -3.791  1.00 36.31 ? 70  PHE A CZ  1 
ATOM   578  N N   . ASP A 1 71  ? 10.796  17.165  -2.484  1.00 30.31 ? 71  ASP A N   1 
ATOM   579  C CA  . ASP A 1 71  ? 9.973   17.190  -1.288  1.00 34.10 ? 71  ASP A CA  1 
ATOM   580  C C   . ASP A 1 71  ? 8.980   16.043  -1.311  1.00 32.51 ? 71  ASP A C   1 
ATOM   581  O O   . ASP A 1 71  ? 8.392   15.737  -2.349  1.00 36.04 ? 71  ASP A O   1 
ATOM   582  C CB  . ASP A 1 71  ? 9.221   18.514  -1.188  1.00 37.02 ? 71  ASP A CB  1 
ATOM   583  C CG  . ASP A 1 71  ? 10.146  19.674  -0.946  1.00 42.17 ? 71  ASP A CG  1 
ATOM   584  O OD1 . ASP A 1 71  ? 10.563  19.851  0.222   1.00 40.18 ? 71  ASP A OD1 1 
ATOM   585  O OD2 . ASP A 1 71  ? 10.469  20.388  -1.927  1.00 37.44 ? 71  ASP A OD2 1 
ATOM   586  N N   . GLU A 1 72  ? 8.779   15.431  -0.152  1.00 35.14 ? 72  GLU A N   1 
ATOM   587  C CA  . GLU A 1 72  ? 7.803   14.371  0.022   1.00 43.01 ? 72  GLU A CA  1 
ATOM   588  C C   . GLU A 1 72  ? 6.979   14.654  1.260   1.00 47.64 ? 72  GLU A C   1 
ATOM   589  O O   . GLU A 1 72  ? 7.512   15.103  2.279   1.00 46.19 ? 72  GLU A O   1 
ATOM   590  C CB  . GLU A 1 72  ? 8.462   13.005  0.181   1.00 40.54 ? 72  GLU A CB  1 
ATOM   591  C CG  . GLU A 1 72  ? 8.677   12.293  -1.107  1.00 47.32 ? 72  GLU A CG  1 
ATOM   592  C CD  . GLU A 1 72  ? 9.197   10.890  -0.902  1.00 64.51 ? 72  GLU A CD  1 
ATOM   593  O OE1 . GLU A 1 72  ? 9.051   10.071  -1.838  1.00 70.26 ? 72  GLU A OE1 1 
ATOM   594  O OE2 . GLU A 1 72  ? 9.748   10.602  0.189   1.00 59.30 ? 72  GLU A OE2 1 
ATOM   595  N N   . TYR A 1 73  ? 5.679   14.400  1.149   1.00 42.06 ? 73  TYR A N   1 
ATOM   596  C CA  . TYR A 1 73  ? 4.782   14.282  2.289   1.00 41.63 ? 73  TYR A CA  1 
ATOM   597  C C   . TYR A 1 73  ? 4.362   12.823  2.342   1.00 50.14 ? 73  TYR A C   1 
ATOM   598  O O   . TYR A 1 73  ? 3.892   12.274  1.338   1.00 46.53 ? 73  TYR A O   1 
ATOM   599  C CB  . TYR A 1 73  ? 3.580   15.219  2.155   1.00 45.76 ? 73  TYR A CB  1 
ATOM   600  C CG  . TYR A 1 73  ? 3.983   16.682  2.149   1.00 42.46 ? 73  TYR A CG  1 
ATOM   601  C CD1 . TYR A 1 73  ? 4.523   17.276  1.002   1.00 42.42 ? 73  TYR A CD1 1 
ATOM   602  C CD2 . TYR A 1 73  ? 3.853   17.463  3.293   1.00 34.95 ? 73  TYR A CD2 1 
ATOM   603  C CE1 . TYR A 1 73  ? 4.910   18.610  0.995   1.00 33.94 ? 73  TYR A CE1 1 
ATOM   604  C CE2 . TYR A 1 73  ? 4.237   18.798  3.297   1.00 38.55 ? 73  TYR A CE2 1 
ATOM   605  C CZ  . TYR A 1 73  ? 4.763   19.364  2.143   1.00 38.42 ? 73  TYR A CZ  1 
ATOM   606  O OH  . TYR A 1 73  ? 5.152   20.680  2.149   1.00 38.88 ? 73  TYR A OH  1 
ATOM   607  N N   . THR A 1 74  ? 4.586   12.187  3.487   1.00 43.14 ? 74  THR A N   1 
ATOM   608  C CA  . THR A 1 74  ? 4.413   10.743  3.624   1.00 44.55 ? 74  THR A CA  1 
ATOM   609  C C   . THR A 1 74  ? 2.971   10.413  4.024   1.00 46.83 ? 74  THR A C   1 
ATOM   610  O O   . THR A 1 74  ? 2.714   9.734   5.015   1.00 44.59 ? 74  THR A O   1 
ATOM   611  C CB  . THR A 1 74  ? 5.415   10.197  4.638   1.00 42.84 ? 74  THR A CB  1 
ATOM   612  O OG1 . THR A 1 74  ? 5.379   11.003  5.821   1.00 39.61 ? 74  THR A OG1 1 
ATOM   613  C CG2 . THR A 1 74  ? 6.824   10.241  4.080   1.00 43.91 ? 74  THR A CG2 1 
ATOM   614  N N   . LYS A 1 75  ? 2.031   10.933  3.218   1.00 54.93 ? 75  LYS A N   1 
ATOM   615  C CA  . LYS A 1 75  ? 0.601   10.684  3.422   1.00 53.79 ? 75  LYS A CA  1 
ATOM   616  C C   . LYS A 1 75  ? 0.319   9.206   3.636   1.00 48.05 ? 75  LYS A C   1 
ATOM   617  O O   . LYS A 1 75  ? -0.571  8.845   4.415   1.00 50.87 ? 75  LYS A O   1 
ATOM   618  C CB  . LYS A 1 75  ? -0.203  11.172  2.216   1.00 49.05 ? 75  LYS A CB  1 
ATOM   619  C CG  . LYS A 1 75  ? 0.231   12.500  1.676   1.00 44.36 ? 75  LYS A CG  1 
ATOM   620  C CD  . LYS A 1 75  ? 0.428   12.414  0.162   1.00 53.33 ? 75  LYS A CD  1 
ATOM   621  C CE  . LYS A 1 75  ? -0.888  12.288  -0.596  1.00 60.87 ? 75  LYS A CE  1 
ATOM   622  N NZ  . LYS A 1 75  ? -0.788  12.824  -1.993  1.00 66.66 ? 75  LYS A NZ  1 
ATOM   623  N N   . SER A 1 76  ? 1.050   8.338   2.924   1.00 49.57 ? 76  SER A N   1 
ATOM   624  C CA  . SER A 1 76  ? 0.958   6.894   3.106   1.00 54.14 ? 76  SER A CA  1 
ATOM   625  C C   . SER A 1 76  ? 1.180   6.476   4.553   1.00 51.92 ? 76  SER A C   1 
ATOM   626  O O   . SER A 1 76  ? 0.638   5.449   4.983   1.00 46.21 ? 76  SER A O   1 
ATOM   627  C CB  . SER A 1 76  ? 1.986   6.185   2.198   1.00 60.87 ? 76  SER A CB  1 
ATOM   628  O OG  . SER A 1 76  ? 3.204   6.932   2.098   1.00 62.16 ? 76  SER A OG  1 
ATOM   629  N N   . LEU A 1 77  ? 1.983   7.229   5.302   1.00 45.86 ? 77  LEU A N   1 
ATOM   630  C CA  . LEU A 1 77  ? 2.402   6.778   6.622   1.00 46.09 ? 77  LEU A CA  1 
ATOM   631  C C   . LEU A 1 77  ? 2.124   7.832   7.686   1.00 39.45 ? 77  LEU A C   1 
ATOM   632  O O   . LEU A 1 77  ? 0.978   8.023   8.097   1.00 45.41 ? 77  LEU A O   1 
ATOM   633  C CB  . LEU A 1 77  ? 3.890   6.416   6.602   1.00 38.00 ? 77  LEU A CB  1 
ATOM   634  C CG  . LEU A 1 77  ? 4.223   5.125   5.856   1.00 44.43 ? 77  LEU A CG  1 
ATOM   635  C CD1 . LEU A 1 77  ? 5.672   5.180   5.396   1.00 40.74 ? 77  LEU A CD1 1 
ATOM   636  C CD2 . LEU A 1 77  ? 3.989   3.881   6.722   1.00 38.27 ? 77  LEU A CD2 1 
ATOM   637  N N   . ASP A 1 78  ? 3.168   8.538   8.121   1.00 43.48 ? 78  ASP A N   1 
ATOM   638  C CA  . ASP A 1 78  ? 3.085   9.515   9.203   1.00 42.23 ? 78  ASP A CA  1 
ATOM   639  C C   . ASP A 1 78  ? 2.729   10.919  8.724   1.00 40.84 ? 78  ASP A C   1 
ATOM   640  O O   . ASP A 1 78  ? 2.620   11.825  9.553   1.00 43.54 ? 78  ASP A O   1 
ATOM   641  C CB  . ASP A 1 78  ? 4.411   9.561   9.987   1.00 39.01 ? 78  ASP A CB  1 
ATOM   642  C CG  . ASP A 1 78  ? 5.626   9.808   9.088   1.00 40.14 ? 78  ASP A CG  1 
ATOM   643  O OD1 . ASP A 1 78  ? 5.634   9.321   7.932   1.00 35.39 ? 78  ASP A OD1 1 
ATOM   644  O OD2 . ASP A 1 78  ? 6.584   10.476  9.545   1.00 38.89 ? 78  ASP A OD2 1 
ATOM   645  N N   . ASN A 1 79  ? 2.566   11.120  7.417   1.00 42.32 ? 79  ASN A N   1 
ATOM   646  C CA  . ASN A 1 79  ? 2.154   12.408  6.859   1.00 46.72 ? 79  ASN A CA  1 
ATOM   647  C C   . ASN A 1 79  ? 3.087   13.537  7.301   1.00 43.07 ? 79  ASN A C   1 
ATOM   648  O O   . ASN A 1 79  ? 2.648   14.571  7.801   1.00 46.95 ? 79  ASN A O   1 
ATOM   649  C CB  . ASN A 1 79  ? 0.704   12.722  7.234   1.00 44.38 ? 79  ASN A CB  1 
ATOM   650  C CG  . ASN A 1 79  ? 0.135   13.880  6.447   1.00 56.37 ? 79  ASN A CG  1 
ATOM   651  O OD1 . ASN A 1 79  ? 0.330   13.981  5.230   1.00 61.79 ? 79  ASN A OD1 1 
ATOM   652  N ND2 . ASN A 1 79  ? -0.556  14.780  7.143   1.00 55.73 ? 79  ASN A ND2 1 
ATOM   653  N N   . ARG A 1 80  ? 4.388   13.333  7.113   1.00 39.72 ? 80  ARG A N   1 
ATOM   654  C CA  . ARG A 1 80  ? 5.391   14.343  7.423   1.00 38.29 ? 80  ARG A CA  1 
ATOM   655  C C   . ARG A 1 80  ? 6.074   14.826  6.148   1.00 42.45 ? 80  ARG A C   1 
ATOM   656  O O   . ARG A 1 80  ? 6.132   14.122  5.133   1.00 39.91 ? 80  ARG A O   1 
ATOM   657  C CB  . ARG A 1 80  ? 6.451   13.791  8.389   1.00 41.82 ? 80  ARG A CB  1 
ATOM   658  C CG  . ARG A 1 80  ? 6.021   13.684  9.865   1.00 39.40 ? 80  ARG A CG  1 
ATOM   659  C CD  . ARG A 1 80  ? 7.257   13.433  10.716  1.00 39.93 ? 80  ARG A CD  1 
ATOM   660  N NE  . ARG A 1 80  ? 7.021   13.449  12.157  1.00 41.19 ? 80  ARG A NE  1 
ATOM   661  C CZ  . ARG A 1 80  ? 6.726   12.368  12.869  1.00 49.81 ? 80  ARG A CZ  1 
ATOM   662  N NH1 . ARG A 1 80  ? 6.593   11.187  12.264  1.00 34.99 ? 80  ARG A NH1 1 
ATOM   663  N NH2 . ARG A 1 80  ? 6.554   12.469  14.182  1.00 46.42 ? 80  ARG A NH2 1 
ATOM   664  N N   . HIS A 1 81  ? 6.625   16.033  6.216   1.00 37.86 ? 81  HIS A N   1 
ATOM   665  C CA  . HIS A 1 81  ? 7.395   16.583  5.113   1.00 39.39 ? 81  HIS A CA  1 
ATOM   666  C C   . HIS A 1 81  ? 8.851   16.156  5.289   1.00 43.31 ? 81  HIS A C   1 
ATOM   667  O O   . HIS A 1 81  ? 9.458   16.402  6.339   1.00 33.13 ? 81  HIS A O   1 
ATOM   668  C CB  . HIS A 1 81  ? 7.259   18.108  5.063   1.00 39.21 ? 81  HIS A CB  1 
ATOM   669  C CG  . HIS A 1 81  ? 8.218   18.776  4.124   1.00 34.72 ? 81  HIS A CG  1 
ATOM   670  N ND1 . HIS A 1 81  ? 9.096   19.761  4.528   1.00 42.85 ? 81  HIS A ND1 1 
ATOM   671  C CD2 . HIS A 1 81  ? 8.449   18.586  2.801   1.00 38.83 ? 81  HIS A CD2 1 
ATOM   672  C CE1 . HIS A 1 81  ? 9.819   20.156  3.493   1.00 41.36 ? 81  HIS A CE1 1 
ATOM   673  N NE2 . HIS A 1 81  ? 9.450   19.457  2.434   1.00 41.58 ? 81  HIS A NE2 1 
ATOM   674  N N   . VAL A 1 82  ? 9.402   15.493  4.275   1.00 34.15 ? 82  VAL A N   1 
ATOM   675  C CA  . VAL A 1 82  ? 10.821  15.187  4.252   1.00 31.04 ? 82  VAL A CA  1 
ATOM   676  C C   . VAL A 1 82  ? 11.387  15.710  2.945   1.00 35.17 ? 82  VAL A C   1 
ATOM   677  O O   . VAL A 1 82  ? 10.671  15.908  1.961   1.00 34.65 ? 82  VAL A O   1 
ATOM   678  C CB  . VAL A 1 82  ? 11.114  13.681  4.403   1.00 33.07 ? 82  VAL A CB  1 
ATOM   679  C CG1 . VAL A 1 82  ? 10.547  13.152  5.733   1.00 30.17 ? 82  VAL A CG1 1 
ATOM   680  C CG2 . VAL A 1 82  ? 10.553  12.902  3.196   1.00 37.31 ? 82  VAL A CG2 1 
ATOM   681  N N   . LYS A 1 83  ? 12.692  15.944  2.951   1.00 26.47 ? 83  LYS A N   1 
ATOM   682  C CA  . LYS A 1 83  ? 13.437  16.258  1.745   1.00 35.97 ? 83  LYS A CA  1 
ATOM   683  C C   . LYS A 1 83  ? 14.225  15.009  1.358   1.00 40.89 ? 83  LYS A C   1 
ATOM   684  O O   . LYS A 1 83  ? 15.184  14.628  2.039   1.00 35.95 ? 83  LYS A O   1 
ATOM   685  C CB  . LYS A 1 83  ? 14.337  17.472  1.976   1.00 39.39 ? 83  LYS A CB  1 
ATOM   686  C CG  . LYS A 1 83  ? 13.673  18.764  1.475   1.00 39.08 ? 83  LYS A CG  1 
ATOM   687  C CD  . LYS A 1 83  ? 13.924  19.953  2.394   1.00 43.34 ? 83  LYS A CD  1 
ATOM   688  C CE  . LYS A 1 83  ? 13.856  21.277  1.627   1.00 36.53 ? 83  LYS A CE  1 
ATOM   689  N NZ  . LYS A 1 83  ? 12.717  21.341  0.658   1.00 31.88 ? 83  LYS A NZ  1 
ATOM   690  N N   . ALA A 1 84  ? 13.798  14.355  0.285   1.00 36.00 ? 84  ALA A N   1 
ATOM   691  C CA  . ALA A 1 84  ? 14.329  13.051  -0.080  1.00 38.93 ? 84  ALA A CA  1 
ATOM   692  C C   . ALA A 1 84  ? 15.382  13.190  -1.170  1.00 40.68 ? 84  ALA A C   1 
ATOM   693  O O   . ALA A 1 84  ? 15.192  13.922  -2.146  1.00 37.18 ? 84  ALA A O   1 
ATOM   694  C CB  . ALA A 1 84  ? 13.205  12.119  -0.543  1.00 37.94 ? 84  ALA A CB  1 
ATOM   695  N N   . LEU A 1 85  ? 16.499  12.483  -0.997  1.00 31.56 ? 85  LEU A N   1 
ATOM   696  C CA  . LEU A 1 85  ? 17.568  12.463  -1.990  1.00 31.03 ? 85  LEU A CA  1 
ATOM   697  C C   . LEU A 1 85  ? 17.942  11.018  -2.279  1.00 37.94 ? 85  LEU A C   1 
ATOM   698  O O   . LEU A 1 85  ? 18.322  10.277  -1.362  1.00 31.92 ? 85  LEU A O   1 
ATOM   699  C CB  . LEU A 1 85  ? 18.789  13.254  -1.507  1.00 35.52 ? 85  LEU A CB  1 
ATOM   700  C CG  . LEU A 1 85  ? 19.983  13.195  -2.456  1.00 40.59 ? 85  LEU A CG  1 
ATOM   701  C CD1 . LEU A 1 85  ? 19.650  13.832  -3.801  1.00 27.44 ? 85  LEU A CD1 1 
ATOM   702  C CD2 . LEU A 1 85  ? 21.191  13.866  -1.828  1.00 39.31 ? 85  LEU A CD2 1 
ATOM   703  N N   . VAL A 1 86  ? 17.825  10.622  -3.544  1.00 32.24 ? 86  VAL A N   1 
ATOM   704  C CA  . VAL A 1 86  ? 18.061  9.250   -3.979  1.00 33.76 ? 86  VAL A CA  1 
ATOM   705  C C   . VAL A 1 86  ? 19.334  9.231   -4.808  1.00 36.24 ? 86  VAL A C   1 
ATOM   706  O O   . VAL A 1 86  ? 19.495  10.045  -5.724  1.00 34.80 ? 86  VAL A O   1 
ATOM   707  C CB  . VAL A 1 86  ? 16.867  8.699   -4.778  1.00 33.93 ? 86  VAL A CB  1 
ATOM   708  C CG1 . VAL A 1 86  ? 17.154  7.269   -5.257  1.00 35.32 ? 86  VAL A CG1 1 
ATOM   709  C CG2 . VAL A 1 86  ? 15.606  8.730   -3.925  1.00 27.45 ? 86  VAL A CG2 1 
ATOM   710  N N   . THR A 1 87  ? 20.246  8.320   -4.467  1.00 32.46 ? 87  THR A N   1 
ATOM   711  C CA  . THR A 1 87  ? 21.514  8.161   -5.176  1.00 32.97 ? 87  THR A CA  1 
ATOM   712  C C   . THR A 1 87  ? 21.828  6.678   -5.330  1.00 35.44 ? 87  THR A C   1 
ATOM   713  O O   . THR A 1 87  ? 21.308  5.834   -4.596  1.00 31.69 ? 87  THR A O   1 
ATOM   714  C CB  . THR A 1 87  ? 22.676  8.829   -4.429  1.00 36.33 ? 87  THR A CB  1 
ATOM   715  O OG1 . THR A 1 87  ? 22.710  8.332   -3.082  1.00 36.15 ? 87  THR A OG1 1 
ATOM   716  C CG2 . THR A 1 87  ? 22.518  10.331  -4.400  1.00 37.04 ? 87  THR A CG2 1 
ATOM   717  N N   . TRP A 1 88  ? 22.707  6.368   -6.280  1.00 28.71 ? 88  TRP A N   1 
ATOM   718  C CA  . TRP A 1 88  ? 23.201  5.011   -6.440  1.00 31.29 ? 88  TRP A CA  1 
ATOM   719  C C   . TRP A 1 88  ? 24.454  4.791   -5.595  1.00 34.10 ? 88  TRP A C   1 
ATOM   720  O O   . TRP A 1 88  ? 25.373  5.616   -5.600  1.00 34.19 ? 88  TRP A O   1 
ATOM   721  C CB  . TRP A 1 88  ? 23.541  4.722   -7.901  1.00 29.83 ? 88  TRP A CB  1 
ATOM   722  C CG  . TRP A 1 88  ? 22.408  4.657   -8.858  1.00 31.31 ? 88  TRP A CG  1 
ATOM   723  C CD1 . TRP A 1 88  ? 22.114  5.571   -9.837  1.00 32.70 ? 88  TRP A CD1 1 
ATOM   724  C CD2 . TRP A 1 88  ? 21.461  3.595   -9.001  1.00 30.51 ? 88  TRP A CD2 1 
ATOM   725  N NE1 . TRP A 1 88  ? 21.028  5.151   -10.559 1.00 39.17 ? 88  TRP A NE1 1 
ATOM   726  C CE2 . TRP A 1 88  ? 20.603  3.944   -10.066 1.00 33.22 ? 88  TRP A CE2 1 
ATOM   727  C CE3 . TRP A 1 88  ? 21.237  2.396   -8.314  1.00 30.54 ? 88  TRP A CE3 1 
ATOM   728  C CZ2 . TRP A 1 88  ? 19.542  3.138   -10.462 1.00 31.35 ? 88  TRP A CZ2 1 
ATOM   729  C CZ3 . TRP A 1 88  ? 20.180  1.604   -8.703  1.00 36.03 ? 88  TRP A CZ3 1 
ATOM   730  C CH2 . TRP A 1 88  ? 19.339  1.980   -9.770  1.00 32.05 ? 88  TRP A CH2 1 
ATOM   731  N N   . GLU A 1 89  ? 24.495  3.656   -4.891  1.00 31.12 ? 89  GLU A N   1 
ATOM   732  C CA  . GLU A 1 89  ? 25.719  3.113   -4.303  1.00 33.04 ? 89  GLU A CA  1 
ATOM   733  C C   . GLU A 1 89  ? 25.936  1.761   -4.972  1.00 34.05 ? 89  GLU A C   1 
ATOM   734  O O   . GLU A 1 89  ? 25.418  0.734   -4.514  1.00 27.23 ? 89  GLU A O   1 
ATOM   735  C CB  . GLU A 1 89  ? 25.618  2.979   -2.780  1.00 33.90 ? 89  GLU A CB  1 
ATOM   736  C CG  . GLU A 1 89  ? 25.421  4.314   -2.091  1.00 44.64 ? 89  GLU A CG  1 
ATOM   737  C CD  . GLU A 1 89  ? 25.915  4.333   -0.664  1.00 44.18 ? 89  GLU A CD  1 
ATOM   738  O OE1 . GLU A 1 89  ? 25.942  3.258   -0.019  1.00 38.83 ? 89  GLU A OE1 1 
ATOM   739  O OE2 . GLU A 1 89  ? 26.278  5.432   -0.189  1.00 60.59 ? 89  GLU A OE2 1 
ATOM   740  N N   . GLY A 1 90  ? 26.699  1.761   -6.055  1.00 32.10 ? 90  GLY A N   1 
ATOM   741  C CA  . GLY A 1 90  ? 26.771  0.566   -6.875  1.00 33.97 ? 90  GLY A CA  1 
ATOM   742  C C   . GLY A 1 90  ? 25.430  0.349   -7.554  1.00 34.31 ? 90  GLY A C   1 
ATOM   743  O O   . GLY A 1 90  ? 24.893  1.256   -8.198  1.00 34.80 ? 90  GLY A O   1 
ATOM   744  N N   . ASP A 1 91  ? 24.875  -0.856  -7.404  1.00 26.34 ? 91  ASP A N   1 
ATOM   745  C CA  . ASP A 1 91  ? 23.537  -1.186  -7.886  1.00 36.23 ? 91  ASP A CA  1 
ATOM   746  C C   . ASP A 1 91  ? 22.470  -1.048  -6.796  1.00 27.87 ? 91  ASP A C   1 
ATOM   747  O O   . ASP A 1 91  ? 21.323  -1.436  -7.018  1.00 34.37 ? 91  ASP A O   1 
ATOM   748  C CB  . ASP A 1 91  ? 23.519  -2.604  -8.490  1.00 33.81 ? 91  ASP A CB  1 
ATOM   749  C CG  . ASP A 1 91  ? 23.396  -3.720  -7.440  1.00 45.20 ? 91  ASP A CG  1 
ATOM   750  O OD1 . ASP A 1 91  ? 24.152  -3.711  -6.448  1.00 43.47 ? 91  ASP A OD1 1 
ATOM   751  O OD2 . ASP A 1 91  ? 22.550  -4.636  -7.620  1.00 60.56 ? 91  ASP A OD2 1 
ATOM   752  N N   . VAL A 1 92  ? 22.825  -0.495  -5.636  1.00 26.66 ? 92  VAL A N   1 
ATOM   753  C CA  . VAL A 1 92  ? 21.902  -0.291  -4.523  1.00 27.15 ? 92  VAL A CA  1 
ATOM   754  C C   . VAL A 1 92  ? 21.380  1.134   -4.609  1.00 32.83 ? 92  VAL A C   1 
ATOM   755  O O   . VAL A 1 92  ? 22.163  2.087   -4.597  1.00 27.46 ? 92  VAL A O   1 
ATOM   756  C CB  . VAL A 1 92  ? 22.584  -0.547  -3.168  1.00 24.93 ? 92  VAL A CB  1 
ATOM   757  C CG1 . VAL A 1 92  ? 21.654  -0.176  -1.991  1.00 21.54 ? 92  VAL A CG1 1 
ATOM   758  C CG2 . VAL A 1 92  ? 22.997  -2.011  -3.071  1.00 27.42 ? 92  VAL A CG2 1 
ATOM   759  N N   . LEU A 1 93  ? 20.056  1.269   -4.710  1.00 22.95 ? 93  LEU A N   1 
ATOM   760  C CA  . LEU A 1 93  ? 19.392  2.558   -4.772  1.00 25.42 ? 93  LEU A CA  1 
ATOM   761  C C   . LEU A 1 93  ? 19.176  3.037   -3.341  1.00 25.04 ? 93  LEU A C   1 
ATOM   762  O O   . LEU A 1 93  ? 18.537  2.349   -2.538  1.00 26.87 ? 93  LEU A O   1 
ATOM   763  C CB  . LEU A 1 93  ? 18.072  2.417   -5.537  1.00 25.76 ? 93  LEU A CB  1 
ATOM   764  C CG  . LEU A 1 93  ? 17.406  3.716   -5.972  1.00 33.42 ? 93  LEU A CG  1 
ATOM   765  C CD1 . LEU A 1 93  ? 18.221  4.389   -7.061  1.00 27.07 ? 93  LEU A CD1 1 
ATOM   766  C CD2 . LEU A 1 93  ? 15.964  3.456   -6.427  1.00 28.98 ? 93  LEU A CD2 1 
ATOM   767  N N   . VAL A 1 94  ? 19.743  4.186   -3.004  1.00 24.48 ? 94  VAL A N   1 
ATOM   768  C CA  . VAL A 1 94  ? 19.832  4.637   -1.624  1.00 25.91 ? 94  VAL A CA  1 
ATOM   769  C C   . VAL A 1 94  ? 19.100  5.963   -1.486  1.00 32.68 ? 94  VAL A C   1 
ATOM   770  O O   . VAL A 1 94  ? 19.362  6.907   -2.242  1.00 28.09 ? 94  VAL A O   1 
ATOM   771  C CB  . VAL A 1 94  ? 21.297  4.780   -1.180  1.00 27.99 ? 94  VAL A CB  1 
ATOM   772  C CG1 . VAL A 1 94  ? 21.358  5.436   0.184   1.00 26.80 ? 94  VAL A CG1 1 
ATOM   773  C CG2 . VAL A 1 94  ? 21.973  3.402   -1.179  1.00 29.90 ? 94  VAL A CG2 1 
ATOM   774  N N   . CYS A 1 95  ? 18.186  6.039   -0.528  1.00 28.34 ? 95  CYS A N   1 
ATOM   775  C CA  . CYS A 1 95  ? 17.418  7.251   -0.295  1.00 30.99 ? 95  CYS A CA  1 
ATOM   776  C C   . CYS A 1 95  ? 17.611  7.703   1.140   1.00 33.23 ? 95  CYS A C   1 
ATOM   777  O O   . CYS A 1 95  ? 17.472  6.904   2.070   1.00 32.77 ? 95  CYS A O   1 
ATOM   778  C CB  . CYS A 1 95  ? 15.933  7.036   -0.578  1.00 29.84 ? 95  CYS A CB  1 
ATOM   779  S SG  . CYS A 1 95  ? 14.886  8.484   -0.160  1.00 34.70 ? 95  CYS A SG  1 
ATOM   780  N N   . VAL A 1 96  ? 17.953  8.975   1.304   1.00 28.21 ? 96  VAL A N   1 
ATOM   781  C CA  . VAL A 1 96  ? 17.981  9.648   2.597   1.00 27.45 ? 96  VAL A CA  1 
ATOM   782  C C   . VAL A 1 96  ? 16.804  10.614  2.633   1.00 34.39 ? 96  VAL A C   1 
ATOM   783  O O   . VAL A 1 96  ? 16.671  11.457  1.737   1.00 25.59 ? 96  VAL A O   1 
ATOM   784  C CB  . VAL A 1 96  ? 19.312  10.395  2.799   1.00 30.28 ? 96  VAL A CB  1 
ATOM   785  C CG1 . VAL A 1 96  ? 19.219  11.354  3.977   1.00 31.32 ? 96  VAL A CG1 1 
ATOM   786  C CG2 . VAL A 1 96  ? 20.462  9.393   2.993   1.00 38.50 ? 96  VAL A CG2 1 
ATOM   787  N N   . GLN A 1 97  ? 15.951  10.495  3.660   1.00 28.62 ? 97  GLN A N   1 
ATOM   788  C CA  . GLN A 1 97  ? 14.753  11.337  3.816   1.00 33.75 ? 97  GLN A CA  1 
ATOM   789  C C   . GLN A 1 97  ? 15.008  12.342  4.940   1.00 31.81 ? 97  GLN A C   1 
ATOM   790  O O   . GLN A 1 97  ? 14.716  12.084  6.112   1.00 35.21 ? 97  GLN A O   1 
ATOM   791  C CB  . GLN A 1 97  ? 13.498  10.495  4.107   1.00 27.67 ? 97  GLN A CB  1 
ATOM   792  C CG  . GLN A 1 97  ? 12.995  9.659   2.930   1.00 31.66 ? 97  GLN A CG  1 
ATOM   793  C CD  . GLN A 1 97  ? 11.959  8.649   3.367   1.00 30.69 ? 97  GLN A CD  1 
ATOM   794  O OE1 . GLN A 1 97  ? 12.109  8.015   4.404   1.00 33.27 ? 97  GLN A OE1 1 
ATOM   795  N NE2 . GLN A 1 97  ? 10.898  8.505   2.586   1.00 30.62 ? 97  GLN A NE2 1 
ATOM   796  N N   . LYS A 1 98  ? 15.526  13.504  4.563   1.00 31.83 ? 98  LYS A N   1 
ATOM   797  C CA  . LYS A 1 98  ? 15.916  14.534  5.520   1.00 31.89 ? 98  LYS A CA  1 
ATOM   798  C C   . LYS A 1 98  ? 14.682  15.192  6.139   1.00 33.70 ? 98  LYS A C   1 
ATOM   799  O O   . LYS A 1 98  ? 13.793  15.670  5.425   1.00 33.29 ? 98  LYS A O   1 
ATOM   800  C CB  . LYS A 1 98  ? 16.785  15.572  4.802   1.00 38.11 ? 98  LYS A CB  1 
ATOM   801  C CG  . LYS A 1 98  ? 17.374  16.678  5.671   1.00 46.74 ? 98  LYS A CG  1 
ATOM   802  C CD  . LYS A 1 98  ? 18.347  17.543  4.850   1.00 46.46 ? 98  LYS A CD  1 
ATOM   803  C CE  . LYS A 1 98  ? 17.619  18.356  3.771   1.00 45.22 ? 98  LYS A CE  1 
ATOM   804  N NZ  . LYS A 1 98  ? 18.512  19.334  3.064   1.00 55.38 ? 98  LYS A NZ  1 
ATOM   805  N N   . GLY A 1 99  ? 14.633  15.219  7.464   1.00 33.38 ? 99  GLY A N   1 
ATOM   806  C CA  . GLY A 1 99  ? 13.449  15.697  8.155   1.00 34.10 ? 99  GLY A CA  1 
ATOM   807  C C   . GLY A 1 99  ? 13.603  15.588  9.657   1.00 30.41 ? 99  GLY A C   1 
ATOM   808  O O   . GLY A 1 99  ? 14.719  15.533  10.174  1.00 37.19 ? 99  GLY A O   1 
ATOM   809  N N   . GLU A 1 100 ? 12.464  15.561  10.355  1.00 36.52 ? 100 GLU A N   1 
ATOM   810  C CA  . GLU A 1 100 ? 12.482  15.501  11.817  1.00 37.85 ? 100 GLU A CA  1 
ATOM   811  C C   . GLU A 1 100 ? 13.111  14.205  12.323  1.00 40.95 ? 100 GLU A C   1 
ATOM   812  O O   . GLU A 1 100 ? 13.870  14.219  13.299  1.00 41.75 ? 100 GLU A O   1 
ATOM   813  C CB  . GLU A 1 100 ? 11.059  15.655  12.371  1.00 35.72 ? 100 GLU A CB  1 
ATOM   814  C CG  . GLU A 1 100 ? 10.789  14.964  13.752  1.00 43.92 ? 100 GLU A CG  1 
ATOM   815  C CD  . GLU A 1 100 ? 11.612  15.525  14.932  1.00 51.77 ? 100 GLU A CD  1 
ATOM   816  O OE1 . GLU A 1 100 ? 11.964  16.732  14.945  1.00 57.78 ? 100 GLU A OE1 1 
ATOM   817  O OE2 . GLU A 1 100 ? 11.897  14.752  15.872  1.00 50.73 ? 100 GLU A OE2 1 
ATOM   818  N N   . LYS A 1 101 ? 12.808  13.076  11.681  1.00 40.98 ? 101 LYS A N   1 
ATOM   819  C CA  . LYS A 1 101 ? 13.269  11.779  12.172  1.00 38.44 ? 101 LYS A CA  1 
ATOM   820  C C   . LYS A 1 101 ? 14.720  11.543  11.773  1.00 40.67 ? 101 LYS A C   1 
ATOM   821  O O   . LYS A 1 101 ? 15.108  11.795  10.627  1.00 35.39 ? 101 LYS A O   1 
ATOM   822  C CB  . LYS A 1 101 ? 12.375  10.666  11.630  1.00 41.02 ? 101 LYS A CB  1 
ATOM   823  C CG  . LYS A 1 101 ? 10.941  10.767  12.130  1.00 33.26 ? 101 LYS A CG  1 
ATOM   824  C CD  . LYS A 1 101 ? 10.865  10.336  13.599  1.00 43.15 ? 101 LYS A CD  1 
ATOM   825  C CE  . LYS A 1 101 ? 9.459   10.479  14.149  1.00 41.71 ? 101 LYS A CE  1 
ATOM   826  N NZ  . LYS A 1 101 ? 9.389   10.008  15.556  1.00 46.80 ? 101 LYS A NZ  1 
ATOM   827  N N   . GLU A 1 102 ? 15.522  11.080  12.730  1.00 36.04 ? 102 GLU A N   1 
ATOM   828  C CA  . GLU A 1 102 ? 16.917  10.748  12.490  1.00 42.26 ? 102 GLU A CA  1 
ATOM   829  C C   . GLU A 1 102 ? 17.039  9.434   11.719  1.00 41.66 ? 102 GLU A C   1 
ATOM   830  O O   . GLU A 1 102 ? 16.225  8.521   11.876  1.00 38.34 ? 102 GLU A O   1 
ATOM   831  C CB  . GLU A 1 102 ? 17.661  10.636  13.823  1.00 40.70 ? 102 GLU A CB  1 
ATOM   832  C CG  . GLU A 1 102 ? 19.018  11.302  13.863  1.00 59.02 ? 102 GLU A CG  1 
ATOM   833  C CD  . GLU A 1 102 ? 19.815  10.879  15.090  1.00 74.86 ? 102 GLU A CD  1 
ATOM   834  O OE1 . GLU A 1 102 ? 19.553  11.430  16.182  1.00 73.52 ? 102 GLU A OE1 1 
ATOM   835  O OE2 . GLU A 1 102 ? 20.688  9.990   14.968  1.00 64.48 ? 102 GLU A OE2 1 
ATOM   836  N N   . ASN A 1 103 ? 18.055  9.361   10.857  1.00 40.54 ? 103 ASN A N   1 
ATOM   837  C CA  . ASN A 1 103 ? 18.383  8.131   10.138  1.00 39.52 ? 103 ASN A CA  1 
ATOM   838  C C   . ASN A 1 103 ? 17.158  7.556   9.414   1.00 41.57 ? 103 ASN A C   1 
ATOM   839  O O   . ASN A 1 103 ? 16.886  6.354   9.455   1.00 41.14 ? 103 ASN A O   1 
ATOM   840  C CB  . ASN A 1 103 ? 19.003  7.113   11.103  1.00 40.22 ? 103 ASN A CB  1 
ATOM   841  C CG  . ASN A 1 103 ? 19.554  5.889   10.400  1.00 54.70 ? 103 ASN A CG  1 
ATOM   842  O OD1 . ASN A 1 103 ? 20.005  5.956   9.251   1.00 58.67 ? 103 ASN A OD1 1 
ATOM   843  N ND2 . ASN A 1 103 ? 19.515  4.751   11.090  1.00 57.49 ? 103 ASN A ND2 1 
ATOM   844  N N   . ARG A 1 104 ? 16.406  8.422   8.733   1.00 32.32 ? 104 ARG A N   1 
ATOM   845  C CA  . ARG A 1 104 ? 15.214  8.002   8.001   1.00 31.87 ? 104 ARG A CA  1 
ATOM   846  C C   . ARG A 1 104 ? 15.564  7.848   6.527   1.00 37.30 ? 104 ARG A C   1 
ATOM   847  O O   . ARG A 1 104 ? 16.088  8.779   5.901   1.00 30.81 ? 104 ARG A O   1 
ATOM   848  C CB  . ARG A 1 104 ? 14.064  8.995   8.170   1.00 35.20 ? 104 ARG A CB  1 
ATOM   849  C CG  . ARG A 1 104 ? 12.805  8.592   7.391   1.00 32.58 ? 104 ARG A CG  1 
ATOM   850  C CD  . ARG A 1 104 ? 11.697  9.652   7.407   1.00 29.60 ? 104 ARG A CD  1 
ATOM   851  N NE  . ARG A 1 104 ? 10.408  9.083   6.995   1.00 30.40 ? 104 ARG A NE  1 
ATOM   852  C CZ  . ARG A 1 104 ? 9.221   9.477   7.452   1.00 32.69 ? 104 ARG A CZ  1 
ATOM   853  N NH1 . ARG A 1 104 ? 9.131   10.444  8.356   1.00 28.83 ? 104 ARG A NH1 1 
ATOM   854  N NH2 . ARG A 1 104 ? 8.115   8.889   7.019   1.00 32.92 ? 104 ARG A NH2 1 
ATOM   855  N N   . GLY A 1 105 ? 15.293  6.670   5.978   1.00 27.18 ? 105 GLY A N   1 
ATOM   856  C CA  . GLY A 1 105 ? 15.559  6.462   4.574   1.00 24.98 ? 105 GLY A CA  1 
ATOM   857  C C   . GLY A 1 105 ? 15.270  5.042   4.161   1.00 30.51 ? 105 GLY A C   1 
ATOM   858  O O   . GLY A 1 105 ? 14.518  4.327   4.828   1.00 32.60 ? 105 GLY A O   1 
ATOM   859  N N   . TRP A 1 106 ? 15.862  4.650   3.033   1.00 27.33 ? 106 TRP A N   1 
ATOM   860  C CA  . TRP A 1 106 ? 15.714  3.287   2.554   1.00 29.33 ? 106 TRP A CA  1 
ATOM   861  C C   . TRP A 1 106 ? 16.790  2.984   1.529   1.00 29.55 ? 106 TRP A C   1 
ATOM   862  O O   . TRP A 1 106 ? 17.462  3.884   1.010   1.00 26.00 ? 106 TRP A O   1 
ATOM   863  C CB  . TRP A 1 106 ? 14.313  3.032   1.969   1.00 28.91 ? 106 TRP A CB  1 
ATOM   864  C CG  . TRP A 1 106 ? 13.815  4.036   0.930   1.00 32.90 ? 106 TRP A CG  1 
ATOM   865  C CD1 . TRP A 1 106 ? 12.897  5.051   1.132   1.00 33.84 ? 106 TRP A CD1 1 
ATOM   866  C CD2 . TRP A 1 106 ? 14.154  4.079   -0.468  1.00 31.19 ? 106 TRP A CD2 1 
ATOM   867  N NE1 . TRP A 1 106 ? 12.677  5.732   -0.051  1.00 29.61 ? 106 TRP A NE1 1 
ATOM   868  C CE2 . TRP A 1 106 ? 13.418  5.144   -1.046  1.00 35.90 ? 106 TRP A CE2 1 
ATOM   869  C CE3 . TRP A 1 106 ? 15.018  3.331   -1.283  1.00 26.16 ? 106 TRP A CE3 1 
ATOM   870  C CZ2 . TRP A 1 106 ? 13.531  5.479   -2.396  1.00 31.08 ? 106 TRP A CZ2 1 
ATOM   871  C CZ3 . TRP A 1 106 ? 15.126  3.666   -2.620  1.00 23.07 ? 106 TRP A CZ3 1 
ATOM   872  C CH2 . TRP A 1 106 ? 14.390  4.733   -3.162  1.00 27.36 ? 106 TRP A CH2 1 
ATOM   873  N N   . LYS A 1 107 ? 16.956  1.684   1.275   1.00 24.54 ? 107 LYS A N   1 
ATOM   874  C CA  . LYS A 1 107 ? 17.871  1.119   0.293   1.00 30.86 ? 107 LYS A CA  1 
ATOM   875  C C   . LYS A 1 107 ? 17.139  0.020   -0.464  1.00 26.88 ? 107 LYS A C   1 
ATOM   876  O O   . LYS A 1 107 ? 16.424  -0.779  0.141   1.00 29.20 ? 107 LYS A O   1 
ATOM   877  C CB  . LYS A 1 107 ? 19.118  0.496   0.946   1.00 31.26 ? 107 LYS A CB  1 
ATOM   878  C CG  . LYS A 1 107 ? 19.933  1.410   1.819   1.00 37.64 ? 107 LYS A CG  1 
ATOM   879  C CD  . LYS A 1 107 ? 20.842  0.578   2.723   1.00 45.08 ? 107 LYS A CD  1 
ATOM   880  C CE  . LYS A 1 107 ? 21.251  1.349   3.978   1.00 54.96 ? 107 LYS A CE  1 
ATOM   881  N NZ  . LYS A 1 107 ? 22.172  2.480   3.654   1.00 59.86 ? 107 LYS A NZ  1 
ATOM   882  N N   . LYS A 1 108 ? 17.378  -0.062  -1.768  1.00 28.15 ? 108 LYS A N   1 
ATOM   883  C CA  . LYS A 1 108 ? 16.642  -0.959  -2.648  1.00 31.87 ? 108 LYS A CA  1 
ATOM   884  C C   . LYS A 1 108 ? 17.622  -1.593  -3.618  1.00 28.95 ? 108 LYS A C   1 
ATOM   885  O O   . LYS A 1 108 ? 18.436  -0.884  -4.213  1.00 31.96 ? 108 LYS A O   1 
ATOM   886  C CB  . LYS A 1 108 ? 15.564  -0.168  -3.411  1.00 31.70 ? 108 LYS A CB  1 
ATOM   887  C CG  . LYS A 1 108 ? 14.325  -0.898  -3.825  1.00 41.27 ? 108 LYS A CG  1 
ATOM   888  C CD  . LYS A 1 108 ? 13.391  0.089   -4.570  1.00 38.57 ? 108 LYS A CD  1 
ATOM   889  C CE  . LYS A 1 108 ? 12.983  1.272   -3.678  1.00 45.12 ? 108 LYS A CE  1 
ATOM   890  N NZ  . LYS A 1 108 ? 11.577  1.167   -3.187  1.00 52.73 ? 108 LYS A NZ  1 
ATOM   891  N N   . TRP A 1 109 ? 17.548  -2.916  -3.789  1.00 29.56 ? 109 TRP A N   1 
ATOM   892  C CA  . TRP A 1 109 ? 18.438  -3.568  -4.742  1.00 31.72 ? 109 TRP A CA  1 
ATOM   893  C C   . TRP A 1 109 ? 17.828  -4.874  -5.232  1.00 37.91 ? 109 TRP A C   1 
ATOM   894  O O   . TRP A 1 109 ? 17.013  -5.495  -4.542  1.00 33.30 ? 109 TRP A O   1 
ATOM   895  C CB  . TRP A 1 109 ? 19.831  -3.825  -4.143  1.00 31.93 ? 109 TRP A CB  1 
ATOM   896  C CG  . TRP A 1 109 ? 19.947  -4.904  -3.063  1.00 29.80 ? 109 TRP A CG  1 
ATOM   897  C CD1 . TRP A 1 109 ? 20.314  -6.225  -3.232  1.00 36.82 ? 109 TRP A CD1 1 
ATOM   898  C CD2 . TRP A 1 109 ? 19.751  -4.725  -1.661  1.00 30.51 ? 109 TRP A CD2 1 
ATOM   899  N NE1 . TRP A 1 109 ? 20.333  -6.874  -2.007  1.00 30.59 ? 109 TRP A NE1 1 
ATOM   900  C CE2 . TRP A 1 109 ? 20.000  -5.968  -1.034  1.00 29.30 ? 109 TRP A CE2 1 
ATOM   901  C CE3 . TRP A 1 109 ? 19.378  -3.632  -0.870  1.00 35.16 ? 109 TRP A CE3 1 
ATOM   902  C CZ2 . TRP A 1 109 ? 19.890  -6.138  0.336   1.00 33.31 ? 109 TRP A CZ2 1 
ATOM   903  C CZ3 . TRP A 1 109 ? 19.273  -3.807  0.487   1.00 35.40 ? 109 TRP A CZ3 1 
ATOM   904  C CH2 . TRP A 1 109 ? 19.530  -5.049  1.079   1.00 36.57 ? 109 TRP A CH2 1 
ATOM   905  N N   . ILE A 1 110 ? 18.216  -5.261  -6.459  1.00 37.44 ? 110 ILE A N   1 
ATOM   906  C CA  . ILE A 1 110 ? 17.794  -6.513  -7.080  1.00 38.17 ? 110 ILE A CA  1 
ATOM   907  C C   . ILE A 1 110 ? 18.857  -7.566  -6.823  1.00 49.06 ? 110 ILE A C   1 
ATOM   908  O O   . ILE A 1 110 ? 20.062  -7.302  -6.953  1.00 38.25 ? 110 ILE A O   1 
ATOM   909  C CB  . ILE A 1 110 ? 17.575  -6.349  -8.600  1.00 47.61 ? 110 ILE A CB  1 
ATOM   910  C CG1 . ILE A 1 110 ? 16.788  -5.082  -8.934  1.00 40.25 ? 110 ILE A CG1 1 
ATOM   911  C CG2 . ILE A 1 110 ? 16.884  -7.591  -9.181  1.00 46.35 ? 110 ILE A CG2 1 
ATOM   912  C CD1 . ILE A 1 110 ? 15.309  -5.208  -8.676  1.00 43.22 ? 110 ILE A CD1 1 
ATOM   913  N N   . GLU A 1 111 ? 18.420  -8.766  -6.464  1.00 40.23 ? 111 GLU A N   1 
ATOM   914  C CA  . GLU A 1 111 ? 19.304  -9.927  -6.467  1.00 48.81 ? 111 GLU A CA  1 
ATOM   915  C C   . GLU A 1 111 ? 18.509  -11.092 -7.032  1.00 51.22 ? 111 GLU A C   1 
ATOM   916  O O   . GLU A 1 111 ? 17.608  -11.607 -6.363  1.00 54.91 ? 111 GLU A O   1 
ATOM   917  C CB  . GLU A 1 111 ? 19.830  -10.245 -5.074  1.00 46.43 ? 111 GLU A CB  1 
ATOM   918  C CG  . GLU A 1 111 ? 20.719  -11.472 -5.038  1.00 49.66 ? 111 GLU A CG  1 
ATOM   919  C CD  . GLU A 1 111 ? 20.862  -12.020 -3.640  1.00 65.30 ? 111 GLU A CD  1 
ATOM   920  O OE1 . GLU A 1 111 ? 20.050  -12.896 -3.264  1.00 69.75 ? 111 GLU A OE1 1 
ATOM   921  O OE2 . GLU A 1 111 ? 21.778  -11.561 -2.915  1.00 71.80 ? 111 GLU A OE2 1 
ATOM   922  N N   . GLY A 1 112 ? 18.817  -11.473 -8.269  1.00 52.25 ? 112 GLY A N   1 
ATOM   923  C CA  . GLY A 1 112 ? 18.051  -12.519 -8.931  1.00 46.01 ? 112 GLY A CA  1 
ATOM   924  C C   . GLY A 1 112 ? 16.700  -12.006 -9.367  1.00 52.67 ? 112 GLY A C   1 
ATOM   925  O O   . GLY A 1 112 ? 16.595  -10.965 -10.019 1.00 58.27 ? 112 GLY A O   1 
ATOM   926  N N   . ASP A 1 113 ? 15.651  -12.748 -9.012  1.00 52.67 ? 113 ASP A N   1 
ATOM   927  C CA  . ASP A 1 113 ? 14.272  -12.346 -9.254  1.00 50.78 ? 113 ASP A CA  1 
ATOM   928  C C   . ASP A 1 113 ? 13.647  -11.676 -8.037  1.00 45.30 ? 113 ASP A C   1 
ATOM   929  O O   . ASP A 1 113 ? 12.424  -11.494 -7.998  1.00 48.04 ? 113 ASP A O   1 
ATOM   930  C CB  . ASP A 1 113 ? 13.427  -13.559 -9.670  1.00 55.42 ? 113 ASP A CB  1 
ATOM   931  C CG  . ASP A 1 113 ? 13.308  -14.610 -8.562  1.00 57.03 ? 113 ASP A CG  1 
ATOM   932  O OD1 . ASP A 1 113 ? 14.338  -14.955 -7.934  1.00 64.14 ? 113 ASP A OD1 1 
ATOM   933  O OD2 . ASP A 1 113 ? 12.182  -15.095 -8.314  1.00 69.70 ? 113 ASP A OD2 1 
ATOM   934  N N   . LYS A 1 114 ? 14.451  -11.340 -7.033  1.00 43.29 ? 114 LYS A N   1 
ATOM   935  C CA  . LYS A 1 114 ? 13.957  -10.747 -5.801  1.00 37.33 ? 114 LYS A CA  1 
ATOM   936  C C   . LYS A 1 114 ? 14.400  -9.294  -5.708  1.00 40.50 ? 114 LYS A C   1 
ATOM   937  O O   . LYS A 1 114 ? 15.538  -8.950  -6.047  1.00 37.40 ? 114 LYS A O   1 
ATOM   938  C CB  . LYS A 1 114 ? 14.448  -11.516 -4.575  1.00 34.48 ? 114 LYS A CB  1 
ATOM   939  C CG  . LYS A 1 114 ? 14.093  -12.999 -4.562  1.00 47.32 ? 114 LYS A CG  1 
ATOM   940  C CD  . LYS A 1 114 ? 12.592  -13.228 -4.641  1.00 49.60 ? 114 LYS A CD  1 
ATOM   941  C CE  . LYS A 1 114 ? 12.258  -14.713 -4.752  1.00 57.95 ? 114 LYS A CE  1 
ATOM   942  N NZ  . LYS A 1 114 ? 12.461  -15.425 -3.470  1.00 52.81 ? 114 LYS A NZ  1 
ATOM   943  N N   . LEU A 1 115 ? 13.487  -8.446  -5.262  1.00 32.20 ? 115 LEU A N   1 
ATOM   944  C CA  . LEU A 1 115 ? 13.797  -7.060  -4.947  1.00 35.11 ? 115 LEU A CA  1 
ATOM   945  C C   . LEU A 1 115 ? 13.837  -6.930  -3.433  1.00 29.64 ? 115 LEU A C   1 
ATOM   946  O O   . LEU A 1 115 ? 12.892  -7.332  -2.750  1.00 30.05 ? 115 LEU A O   1 
ATOM   947  C CB  . LEU A 1 115 ? 12.762  -6.104  -5.547  1.00 31.58 ? 115 LEU A CB  1 
ATOM   948  C CG  . LEU A 1 115 ? 12.915  -4.591  -5.322  1.00 35.72 ? 115 LEU A CG  1 
ATOM   949  C CD1 . LEU A 1 115 ? 12.304  -3.823  -6.487  1.00 35.15 ? 115 LEU A CD1 1 
ATOM   950  C CD2 . LEU A 1 115 ? 12.258  -4.148  -4.033  1.00 40.94 ? 115 LEU A CD2 1 
ATOM   951  N N   . TYR A 1 116 ? 14.938  -6.402  -2.919  1.00 28.93 ? 116 TYR A N   1 
ATOM   952  C CA  . TYR A 1 116 ? 15.156  -6.242  -1.488  1.00 30.69 ? 116 TYR A CA  1 
ATOM   953  C C   . TYR A 1 116 ? 14.976  -4.774  -1.140  1.00 30.09 ? 116 TYR A C   1 
ATOM   954  O O   . TYR A 1 116 ? 15.460  -3.898  -1.865  1.00 30.12 ? 116 TYR A O   1 
ATOM   955  C CB  . TYR A 1 116 ? 16.549  -6.739  -1.089  1.00 31.66 ? 116 TYR A CB  1 
ATOM   956  C CG  . TYR A 1 116 ? 16.672  -8.223  -1.311  1.00 27.96 ? 116 TYR A CG  1 
ATOM   957  C CD1 . TYR A 1 116 ? 17.005  -8.727  -2.560  1.00 34.79 ? 116 TYR A CD1 1 
ATOM   958  C CD2 . TYR A 1 116 ? 16.401  -9.116  -0.288  1.00 31.80 ? 116 TYR A CD2 1 
ATOM   959  C CE1 . TYR A 1 116 ? 17.079  -10.088 -2.780  1.00 38.57 ? 116 TYR A CE1 1 
ATOM   960  C CE2 . TYR A 1 116 ? 16.472  -10.479 -0.496  1.00 41.62 ? 116 TYR A CE2 1 
ATOM   961  C CZ  . TYR A 1 116 ? 16.812  -10.959 -1.744  1.00 41.87 ? 116 TYR A CZ  1 
ATOM   962  O OH  . TYR A 1 116 ? 16.892  -12.320 -1.956  1.00 50.54 ? 116 TYR A OH  1 
ATOM   963  N N   . LEU A 1 117 ? 14.246  -4.513  -0.059  1.00 26.49 ? 117 LEU A N   1 
ATOM   964  C CA  . LEU A 1 117 ? 13.959  -3.161  0.388   1.00 27.10 ? 117 LEU A CA  1 
ATOM   965  C C   . LEU A 1 117 ? 14.176  -3.102  1.889   1.00 31.02 ? 117 LEU A C   1 
ATOM   966  O O   . LEU A 1 117 ? 13.611  -3.900  2.647   1.00 31.62 ? 117 LEU A O   1 
ATOM   967  C CB  . LEU A 1 117 ? 12.530  -2.732  0.024   1.00 23.62 ? 117 LEU A CB  1 
ATOM   968  C CG  . LEU A 1 117 ? 12.060  -1.414  0.654   1.00 33.19 ? 117 LEU A CG  1 
ATOM   969  C CD1 . LEU A 1 117 ? 12.966  -0.242  0.203   1.00 29.12 ? 117 LEU A CD1 1 
ATOM   970  C CD2 . LEU A 1 117 ? 10.622  -1.153  0.260   1.00 25.89 ? 117 LEU A CD2 1 
ATOM   971  N N   . GLU A 1 118 ? 15.008  -2.166  2.315   1.00 27.28 ? 118 GLU A N   1 
ATOM   972  C CA  . GLU A 1 118 ? 15.335  -1.987  3.717   1.00 33.36 ? 118 GLU A CA  1 
ATOM   973  C C   . GLU A 1 118 ? 14.903  -0.583  4.111   1.00 30.11 ? 118 GLU A C   1 
ATOM   974  O O   . GLU A 1 118 ? 15.492  0.396   3.646   1.00 30.30 ? 118 GLU A O   1 
ATOM   975  C CB  . GLU A 1 118 ? 16.832  -2.198  3.928   1.00 34.93 ? 118 GLU A CB  1 
ATOM   976  C CG  . GLU A 1 118 ? 17.257  -2.360  5.354   1.00 49.66 ? 118 GLU A CG  1 
ATOM   977  C CD  . GLU A 1 118 ? 18.710  -2.785  5.468   1.00 56.31 ? 118 GLU A CD  1 
ATOM   978  O OE1 . GLU A 1 118 ? 19.563  -1.905  5.743   1.00 61.15 ? 118 GLU A OE1 1 
ATOM   979  O OE2 . GLU A 1 118 ? 18.989  -3.991  5.260   1.00 49.97 ? 118 GLU A OE2 1 
ATOM   980  N N   . LEU A 1 119 ? 13.878  -0.478  4.954   1.00 28.85 ? 119 LEU A N   1 
ATOM   981  C CA  . LEU A 1 119 ? 13.427  0.809   5.466   1.00 29.03 ? 119 LEU A CA  1 
ATOM   982  C C   . LEU A 1 119 ? 14.041  1.043   6.836   1.00 34.50 ? 119 LEU A C   1 
ATOM   983  O O   . LEU A 1 119 ? 14.169  0.108   7.634   1.00 33.09 ? 119 LEU A O   1 
ATOM   984  C CB  . LEU A 1 119 ? 11.903  0.867   5.564   1.00 31.25 ? 119 LEU A CB  1 
ATOM   985  C CG  . LEU A 1 119 ? 11.120  0.515   4.294   1.00 32.48 ? 119 LEU A CG  1 
ATOM   986  C CD1 . LEU A 1 119 ? 9.798   -0.146  4.654   1.00 33.64 ? 119 LEU A CD1 1 
ATOM   987  C CD2 . LEU A 1 119 ? 10.874  1.769   3.489   1.00 32.29 ? 119 LEU A CD2 1 
ATOM   988  N N   . THR A 1 120 ? 14.444  2.290   7.102   1.00 28.32 ? 120 THR A N   1 
ATOM   989  C CA  . THR A 1 120 ? 15.079  2.628   8.374   1.00 27.76 ? 120 THR A CA  1 
ATOM   990  C C   . THR A 1 120 ? 14.445  3.874   8.964   1.00 30.65 ? 120 THR A C   1 
ATOM   991  O O   . THR A 1 120 ? 14.098  4.815   8.239   1.00 30.57 ? 120 THR A O   1 
ATOM   992  C CB  . THR A 1 120 ? 16.605  2.862   8.220   1.00 35.19 ? 120 THR A CB  1 
ATOM   993  O OG1 . THR A 1 120 ? 16.826  4.039   7.437   1.00 37.10 ? 120 THR A OG1 1 
ATOM   994  C CG2 . THR A 1 120 ? 17.286  1.667   7.550   1.00 28.88 ? 120 THR A CG2 1 
ATOM   995  N N   . CYS A 1 121 ? 14.283  3.868   10.282  1.00 30.24 ? 121 CYS A N   1 
ATOM   996  C CA  . CYS A 1 121 ? 13.920  5.075   11.017  1.00 35.34 ? 121 CYS A CA  1 
ATOM   997  C C   . CYS A 1 121 ? 14.459  4.931   12.429  1.00 36.37 ? 121 CYS A C   1 
ATOM   998  O O   . CYS A 1 121 ? 14.159  3.940   13.103  1.00 31.81 ? 121 CYS A O   1 
ATOM   999  C CB  . CYS A 1 121 ? 12.410  5.301   11.039  1.00 32.73 ? 121 CYS A CB  1 
ATOM   1000 S SG  . CYS A 1 121 ? 11.954  6.868   11.851  1.00 37.76 ? 121 CYS A SG  1 
ATOM   1001 N N   . GLY A 1 122 ? 15.258  5.900   12.866  1.00 42.34 ? 122 GLY A N   1 
ATOM   1002 C CA  . GLY A 1 122 ? 15.894  5.769   14.171  1.00 42.86 ? 122 GLY A CA  1 
ATOM   1003 C C   . GLY A 1 122 ? 16.789  4.543   14.204  1.00 32.72 ? 122 GLY A C   1 
ATOM   1004 O O   . GLY A 1 122 ? 17.664  4.356   13.346  1.00 39.92 ? 122 GLY A O   1 
ATOM   1005 N N   . ASP A 1 123 ? 16.568  3.677   15.197  1.00 37.17 ? 123 ASP A N   1 
ATOM   1006 C CA  . ASP A 1 123 ? 17.301  2.420   15.297  1.00 39.36 ? 123 ASP A CA  1 
ATOM   1007 C C   . ASP A 1 123 ? 16.525  1.232   14.725  1.00 43.55 ? 123 ASP A C   1 
ATOM   1008 O O   . ASP A 1 123 ? 17.004  0.094   14.793  1.00 41.70 ? 123 ASP A O   1 
ATOM   1009 C CB  . ASP A 1 123 ? 17.702  2.159   16.762  1.00 51.41 ? 123 ASP A CB  1 
ATOM   1010 C CG  . ASP A 1 123 ? 16.505  1.904   17.685  1.00 56.27 ? 123 ASP A CG  1 
ATOM   1011 O OD1 . ASP A 1 123 ? 15.331  1.963   17.239  1.00 49.23 ? 123 ASP A OD1 1 
ATOM   1012 O OD2 . ASP A 1 123 ? 16.751  1.646   18.886  1.00 60.04 ? 123 ASP A OD2 1 
ATOM   1013 N N   . GLN A 1 124 ? 15.355  1.472   14.143  1.00 43.24 ? 124 GLN A N   1 
ATOM   1014 C CA  . GLN A 1 124 ? 14.510  0.407   13.625  1.00 35.61 ? 124 GLN A CA  1 
ATOM   1015 C C   . GLN A 1 124 ? 14.784  0.170   12.149  1.00 36.58 ? 124 GLN A C   1 
ATOM   1016 O O   . GLN A 1 124 ? 14.924  1.117   11.368  1.00 34.17 ? 124 GLN A O   1 
ATOM   1017 C CB  . GLN A 1 124 ? 13.041  0.763   13.819  1.00 35.92 ? 124 GLN A CB  1 
ATOM   1018 C CG  . GLN A 1 124 ? 12.623  0.775   15.270  1.00 35.06 ? 124 GLN A CG  1 
ATOM   1019 C CD  . GLN A 1 124 ? 12.834  -0.572  15.926  1.00 39.40 ? 124 GLN A CD  1 
ATOM   1020 O OE1 . GLN A 1 124 ? 12.304  -1.585  15.467  1.00 36.73 ? 124 GLN A OE1 1 
ATOM   1021 N NE2 . GLN A 1 124 ? 13.605  -0.594  17.005  1.00 44.20 ? 124 GLN A NE2 1 
ATOM   1022 N N   . VAL A 1 125 ? 14.839  -1.103  11.766  1.00 30.80 ? 125 VAL A N   1 
ATOM   1023 C CA  . VAL A 1 125 ? 15.043  -1.497  10.381  1.00 26.10 ? 125 VAL A CA  1 
ATOM   1024 C C   . VAL A 1 125 ? 13.950  -2.479  9.993   1.00 38.94 ? 125 VAL A C   1 
ATOM   1025 O O   . VAL A 1 125 ? 13.708  -3.461  10.707  1.00 37.37 ? 125 VAL A O   1 
ATOM   1026 C CB  . VAL A 1 125 ? 16.429  -2.122  10.154  1.00 37.63 ? 125 VAL A CB  1 
ATOM   1027 C CG1 . VAL A 1 125 ? 16.623  -2.406  8.681   1.00 39.42 ? 125 VAL A CG1 1 
ATOM   1028 C CG2 . VAL A 1 125 ? 17.513  -1.200  10.663  1.00 38.68 ? 125 VAL A CG2 1 
ATOM   1029 N N   . CYS A 1 126 ? 13.288  -2.215  8.870   1.00 30.78 ? 126 CYS A N   1 
ATOM   1030 C CA  . CYS A 1 126 ? 12.263  -3.100  8.340   1.00 31.98 ? 126 CYS A CA  1 
ATOM   1031 C C   . CYS A 1 126 ? 12.744  -3.633  7.000   1.00 33.74 ? 126 CYS A C   1 
ATOM   1032 O O   . CYS A 1 126 ? 13.164  -2.855  6.136   1.00 31.25 ? 126 CYS A O   1 
ATOM   1033 C CB  . CYS A 1 126 ? 10.929  -2.365  8.208   1.00 33.75 ? 126 CYS A CB  1 
ATOM   1034 S SG  . CYS A 1 126 ? 9.713   -3.145  7.103   1.00 31.01 ? 126 CYS A SG  1 
ATOM   1035 N N   . ARG A 1 127 ? 12.731  -4.958  6.845   1.00 31.07 ? 127 ARG A N   1 
ATOM   1036 C CA  . ARG A 1 127 ? 13.274  -5.635  5.668   1.00 28.21 ? 127 ARG A CA  1 
ATOM   1037 C C   . ARG A 1 127 ? 12.125  -6.260  4.894   1.00 30.31 ? 127 ARG A C   1 
ATOM   1038 O O   . ARG A 1 127 ? 11.381  -7.085  5.439   1.00 29.83 ? 127 ARG A O   1 
ATOM   1039 C CB  . ARG A 1 127 ? 14.291  -6.717  6.053   1.00 35.55 ? 127 ARG A CB  1 
ATOM   1040 C CG  . ARG A 1 127 ? 15.520  -6.201  6.788   1.00 43.25 ? 127 ARG A CG  1 
ATOM   1041 C CD  . ARG A 1 127 ? 16.066  -7.222  7.790   1.00 55.70 ? 127 ARG A CD  1 
ATOM   1042 N NE  . ARG A 1 127 ? 16.415  -6.606  9.073   1.00 61.05 ? 127 ARG A NE  1 
ATOM   1043 C CZ  . ARG A 1 127 ? 15.548  -6.369  10.060  1.00 61.21 ? 127 ARG A CZ  1 
ATOM   1044 N NH1 . ARG A 1 127 ? 14.262  -6.695  9.931   1.00 46.16 ? 127 ARG A NH1 1 
ATOM   1045 N NH2 . ARG A 1 127 ? 15.968  -5.804  11.187  1.00 60.96 ? 127 ARG A NH2 1 
ATOM   1046 N N   . GLN A 1 128 ? 11.971  -5.864  3.633   1.00 27.96 ? 128 GLN A N   1 
ATOM   1047 C CA  . GLN A 1 128 ? 10.924  -6.412  2.782   1.00 32.54 ? 128 GLN A CA  1 
ATOM   1048 C C   . GLN A 1 128 ? 11.565  -7.062  1.562   1.00 30.72 ? 128 GLN A C   1 
ATOM   1049 O O   . GLN A 1 128 ? 12.589  -6.588  1.052   1.00 27.68 ? 128 GLN A O   1 
ATOM   1050 C CB  . GLN A 1 128 ? 9.907   -5.326  2.386   1.00 28.24 ? 128 GLN A CB  1 
ATOM   1051 C CG  . GLN A 1 128 ? 9.344   -4.561  3.585   1.00 27.88 ? 128 GLN A CG  1 
ATOM   1052 C CD  . GLN A 1 128 ? 8.377   -3.448  3.196   1.00 34.97 ? 128 GLN A CD  1 
ATOM   1053 O OE1 . GLN A 1 128 ? 8.342   -3.013  2.042   1.00 30.94 ? 128 GLN A OE1 1 
ATOM   1054 N NE2 . GLN A 1 128 ? 7.585   -2.976  4.169   1.00 28.55 ? 128 GLN A NE2 1 
ATOM   1055 N N   . VAL A 1 129 ? 10.998  -8.188  1.138   1.00 36.50 ? 129 VAL A N   1 
ATOM   1056 C CA  . VAL A 1 129 ? 11.440  -8.893  -0.059  1.00 31.71 ? 129 VAL A CA  1 
ATOM   1057 C C   . VAL A 1 129 ? 10.252  -8.999  -1.002  1.00 35.02 ? 129 VAL A C   1 
ATOM   1058 O O   . VAL A 1 129 ? 9.146   -9.374  -0.581  1.00 30.58 ? 129 VAL A O   1 
ATOM   1059 C CB  . VAL A 1 129 ? 12.018  -10.280 0.278   1.00 31.83 ? 129 VAL A CB  1 
ATOM   1060 C CG1 . VAL A 1 129 ? 12.633  -10.934 -0.959  1.00 34.41 ? 129 VAL A CG1 1 
ATOM   1061 C CG2 . VAL A 1 129 ? 13.060  -10.169 1.378   1.00 28.74 ? 129 VAL A CG2 1 
ATOM   1062 N N   . PHE A 1 130 ? 10.473  -8.634  -2.267  1.00 26.33 ? 130 PHE A N   1 
ATOM   1063 C CA  . PHE A 1 130 ? 9.475   -8.743  -3.317  1.00 26.98 ? 130 PHE A CA  1 
ATOM   1064 C C   . PHE A 1 130 ? 9.926   -9.747  -4.368  1.00 37.03 ? 130 PHE A C   1 
ATOM   1065 O O   . PHE A 1 130 ? 11.128  -9.920  -4.629  1.00 32.12 ? 130 PHE A O   1 
ATOM   1066 C CB  . PHE A 1 130 ? 9.213   -7.400  -4.013  1.00 26.23 ? 130 PHE A CB  1 
ATOM   1067 C CG  . PHE A 1 130 ? 8.752   -6.308  -3.085  1.00 30.85 ? 130 PHE A CG  1 
ATOM   1068 C CD1 . PHE A 1 130 ? 9.624   -5.752  -2.153  1.00 26.73 ? 130 PHE A CD1 1 
ATOM   1069 C CD2 . PHE A 1 130 ? 7.456   -5.818  -3.159  1.00 31.70 ? 130 PHE A CD2 1 
ATOM   1070 C CE1 . PHE A 1 130 ? 9.203   -4.743  -1.305  1.00 26.75 ? 130 PHE A CE1 1 
ATOM   1071 C CE2 . PHE A 1 130 ? 7.037   -4.802  -2.312  1.00 32.81 ? 130 PHE A CE2 1 
ATOM   1072 C CZ  . PHE A 1 130 ? 7.908   -4.277  -1.385  1.00 30.62 ? 130 PHE A CZ  1 
ATOM   1073 N N   . LYS A 1 131 ? 8.942   -10.400 -4.967  1.00 33.41 ? 131 LYS A N   1 
ATOM   1074 C CA  . LYS A 1 131 ? 9.140   -11.323 -6.071  1.00 36.60 ? 131 LYS A CA  1 
ATOM   1075 C C   . LYS A 1 131 ? 8.657   -10.657 -7.348  1.00 33.66 ? 131 LYS A C   1 
ATOM   1076 O O   . LYS A 1 131 ? 7.575   -10.059 -7.377  1.00 32.18 ? 131 LYS A O   1 
ATOM   1077 C CB  . LYS A 1 131 ? 8.380   -12.632 -5.848  1.00 40.60 ? 131 LYS A CB  1 
ATOM   1078 C CG  . LYS A 1 131 ? 8.690   -13.692 -6.896  1.00 52.54 ? 131 LYS A CG  1 
ATOM   1079 C CD  . LYS A 1 131 ? 9.017   -15.041 -6.256  1.00 57.25 ? 131 LYS A CD  1 
ATOM   1080 C CE  . LYS A 1 131 ? 9.425   -16.098 -7.277  1.00 66.27 ? 131 LYS A CE  1 
ATOM   1081 N NZ  . LYS A 1 131 ? 8.358   -17.108 -7.503  1.00 64.26 ? 131 LYS A NZ  1 
ATOM   1082 N N   . LYS A 1 132 ? 9.456   -10.764 -8.397  1.00 34.67 ? 132 LYS A N   1 
ATOM   1083 C CA  . LYS A 1 132 ? 9.030   -10.284 -9.696  1.00 40.02 ? 132 LYS A CA  1 
ATOM   1084 C C   . LYS A 1 132 ? 7.860   -11.119 -10.184 1.00 41.94 ? 132 LYS A C   1 
ATOM   1085 O O   . LYS A 1 132 ? 7.934   -12.351 -10.209 1.00 45.87 ? 132 LYS A O   1 
ATOM   1086 C CB  . LYS A 1 132 ? 10.184  -10.355 -10.689 1.00 44.12 ? 132 LYS A CB  1 
ATOM   1087 C CG  . LYS A 1 132 ? 10.025  -9.390  -11.838 1.00 45.34 ? 132 LYS A CG  1 
ATOM   1088 C CD  . LYS A 1 132 ? 11.243  -9.426  -12.731 1.00 40.42 ? 132 LYS A CD  1 
ATOM   1089 C CE  . LYS A 1 132 ? 11.429  -8.103  -13.422 1.00 41.26 ? 132 LYS A CE  1 
ATOM   1090 N NZ  . LYS A 1 132 ? 12.522  -8.204  -14.415 1.00 49.74 ? 132 LYS A NZ  1 
ATOM   1091 N N   . LYS A 1 133 ? 6.779   -10.450 -10.563 1.00 43.42 ? 133 LYS A N   1 
ATOM   1092 C CA  . LYS A 1 133 ? 5.604   -11.144 -11.048 1.00 51.79 ? 133 LYS A CA  1 
ATOM   1093 C C   . LYS A 1 133 ? 5.551   -11.099 -12.579 1.00 61.64 ? 133 LYS A C   1 
ATOM   1094 O O   . LYS A 1 133 ? 4.910   -11.938 -13.218 1.00 53.99 ? 133 LYS A O   1 
ATOM   1095 C CB  . LYS A 1 133 ? 4.337   -10.539 -10.437 1.00 49.08 ? 133 LYS A CB  1 
ATOM   1096 C CG  . LYS A 1 133 ? 3.077   -11.324 -10.786 1.00 72.11 ? 133 LYS A CG  1 
ATOM   1097 C CD  . LYS A 1 133 ? 2.132   -11.459 -9.593  1.00 71.11 ? 133 LYS A CD  1 
ATOM   1098 C CE  . LYS A 1 133 ? 0.694   -11.124 -9.972  1.00 76.10 ? 133 LYS A CE  1 
ATOM   1099 N NZ  . LYS A 1 133 ? -0.292  -11.648 -8.978  1.00 66.71 ? 133 LYS A NZ  1 
HETATM 1100 C C   . ACT B 2 .   ? 5.724   16.428  14.095  1.00 64.74 ? 201 ACT A C   1 
HETATM 1101 O O   . ACT B 2 .   ? 5.288   17.548  13.739  1.00 70.20 ? 201 ACT A O   1 
HETATM 1102 O OXT . ACT B 2 .   ? 6.904   16.157  13.764  1.00 64.19 ? 201 ACT A OXT 1 
HETATM 1103 C CH3 . ACT B 2 .   ? 4.872   15.471  14.874  1.00 48.91 ? 201 ACT A CH3 1 
HETATM 1104 C C12 . RET C 3 .   ? 7.755   2.224   -0.605  1.00 49.89 ? 202 RET A C12 1 
HETATM 1105 C C13 . RET C 3 .   ? 9.149   2.514   -0.896  1.00 51.36 ? 202 RET A C13 1 
HETATM 1106 C C14 . RET C 3 .   ? 9.731   1.933   -1.977  1.00 52.41 ? 202 RET A C14 1 
HETATM 1107 C C15 . RET C 3 .   ? 11.090  2.060   -2.439  1.00 44.46 ? 202 RET A C15 1 
HETATM 1108 C C20 . RET C 3 .   ? 9.875   3.455   0.022   1.00 46.79 ? 202 RET A C20 1 
HETATM 1109 O O   . HOH D 4 .   ? -0.818  4.669   -9.438  1.00 54.59 ? 301 HOH A O   1 
HETATM 1110 O O   . HOH D 4 .   ? -12.426 2.224   -6.281  1.00 58.70 ? 302 HOH A O   1 
HETATM 1111 O O   . HOH D 4 .   ? 26.157  3.899   2.337   1.00 54.36 ? 303 HOH A O   1 
HETATM 1112 O O   . HOH D 4 .   ? 0.631   4.682   -6.642  1.00 39.53 ? 304 HOH A O   1 
HETATM 1113 O O   . HOH D 4 .   ? 11.786  -9.501  4.901   1.00 31.24 ? 305 HOH A O   1 
HETATM 1114 O O   . HOH D 4 .   ? -24.753 -7.130  6.486   1.00 33.18 ? 306 HOH A O   1 
HETATM 1115 O O   . HOH D 4 .   ? -30.589 -17.497 -13.892 1.00 50.80 ? 307 HOH A O   1 
HETATM 1116 O O   . HOH D 4 .   ? 13.898  -8.370  11.789  1.00 56.84 ? 308 HOH A O   1 
HETATM 1117 O O   . HOH D 4 .   ? 22.279  -9.130  -2.326  1.00 45.56 ? 309 HOH A O   1 
HETATM 1118 O O   . HOH D 4 .   ? 19.389  -2.737  -8.070  1.00 36.48 ? 310 HOH A O   1 
HETATM 1119 O O   . HOH D 4 .   ? 3.770   5.055   -4.788  1.00 43.61 ? 311 HOH A O   1 
HETATM 1120 O O   . HOH D 4 .   ? -22.248 -13.645 -13.976 1.00 48.91 ? 312 HOH A O   1 
HETATM 1121 O O   . HOH D 4 .   ? -18.949 4.965   1.493   1.00 40.95 ? 313 HOH A O   1 
HETATM 1122 O O   . HOH D 4 .   ? -19.227 6.997   -1.077  1.00 34.51 ? 314 HOH A O   1 
HETATM 1123 O O   . HOH D 4 .   ? 20.791  9.275   -1.142  1.00 36.08 ? 315 HOH A O   1 
HETATM 1124 O O   . HOH D 4 .   ? 13.523  12.578  8.466   1.00 31.85 ? 316 HOH A O   1 
HETATM 1125 O O   . HOH D 4 .   ? 9.773   15.433  8.837   1.00 33.74 ? 317 HOH A O   1 
HETATM 1126 O O   . HOH D 4 .   ? 13.902  14.164  -7.992  1.00 35.17 ? 318 HOH A O   1 
HETATM 1127 O O   . HOH D 4 .   ? 10.717  8.139   -0.872  1.00 48.32 ? 319 HOH A O   1 
HETATM 1128 O O   . HOH D 4 .   ? -21.694 -7.920  7.939   1.00 38.11 ? 320 HOH A O   1 
HETATM 1129 O O   . HOH D 4 .   ? 16.582  12.092  -5.895  1.00 26.71 ? 321 HOH A O   1 
HETATM 1130 O O   . HOH D 4 .   ? 12.492  18.487  -6.604  1.00 44.59 ? 322 HOH A O   1 
HETATM 1131 O O   . HOH D 4 .   ? 23.663  8.404   -7.888  1.00 33.64 ? 323 HOH A O   1 
HETATM 1132 O O   . HOH D 4 .   ? -26.632 3.931   -6.385  1.00 41.74 ? 324 HOH A O   1 
HETATM 1133 O O   . HOH D 4 .   ? -13.442 -2.389  14.859  1.00 44.39 ? 325 HOH A O   1 
HETATM 1134 O O   . HOH D 4 .   ? -10.657 8.418   5.373   1.00 52.71 ? 326 HOH A O   1 
HETATM 1135 O O   . HOH D 4 .   ? -19.459 6.147   3.695   1.00 32.42 ? 327 HOH A O   1 
HETATM 1136 O O   . HOH D 4 .   ? 19.402  5.593   3.695   1.00 36.87 ? 328 HOH A O   1 
HETATM 1137 O O   . HOH D 4 .   ? 10.934  18.813  6.723   1.00 51.00 ? 329 HOH A O   1 
HETATM 1138 O O   . HOH D 4 .   ? 17.937  14.924  1.217   1.00 43.83 ? 330 HOH A O   1 
HETATM 1139 O O   . HOH D 4 .   ? 18.601  3.664   5.206   1.00 37.83 ? 331 HOH A O   1 
HETATM 1140 O O   . HOH D 4 .   ? 12.556  24.237  0.293   1.00 40.14 ? 332 HOH A O   1 
HETATM 1141 O O   . HOH D 4 .   ? -10.632 -11.524 -4.472  1.00 48.23 ? 333 HOH A O   1 
HETATM 1142 O O   . HOH D 4 .   ? -28.800 4.420   4.998   1.00 38.38 ? 334 HOH A O   1 
HETATM 1143 O O   . HOH D 4 .   ? 10.925  12.651  9.323   1.00 26.65 ? 335 HOH A O   1 
HETATM 1144 O O   . HOH D 4 .   ? 16.890  13.369  8.765   1.00 36.35 ? 336 HOH A O   1 
HETATM 1145 O O   . HOH D 4 .   ? 17.189  11.144  7.627   1.00 34.53 ? 337 HOH A O   1 
HETATM 1146 O O   . HOH D 4 .   ? 8.376   6.346   2.530   1.00 45.32 ? 338 HOH A O   1 
HETATM 1147 O O   . HOH D 4 .   ? 20.583  4.002   15.244  1.00 46.97 ? 339 HOH A O   1 
HETATM 1148 O O   . HOH D 4 .   ? 15.340  15.692  17.050  1.00 52.12 ? 340 HOH A O   1 
HETATM 1149 O O   . HOH D 4 .   ? 18.345  -7.652  4.405   1.00 54.25 ? 341 HOH A O   1 
HETATM 1150 O O   . HOH D 4 .   ? 8.284   16.880  10.278  1.00 42.94 ? 342 HOH A O   1 
HETATM 1151 O O   . HOH D 4 .   ? 19.994  -10.635 0.791   1.00 57.55 ? 343 HOH A O   1 
HETATM 1152 O O   . HOH D 4 .   ? 12.223  16.809  -8.633  1.00 58.85 ? 344 HOH A O   1 
# 
